data_2HH2
#
_entry.id   2HH2
#
_entity_poly.entity_id   1
_entity_poly.type   'polypeptide(L)'
_entity_poly.pdbx_seq_one_letter_code
;GAMAPGGEMTFSIPTHKCGLVIGRGGENVKAINQQTGAFVEISRQLPPNGDPNFKLFIIRGSPQQIDHAKQLIEEKIEGP
LCPVGPGPGGPGPAGPMGPFNPGPFNQ
;
_entity_poly.pdbx_strand_id   A
#
# COMPACT_ATOMS: atom_id res chain seq x y z
N GLY A 7 15.17 -1.66 -0.32
CA GLY A 7 14.27 -2.71 0.11
C GLY A 7 12.82 -2.29 0.06
N GLU A 8 12.01 -3.07 -0.63
CA GLU A 8 10.58 -2.80 -0.75
C GLU A 8 9.87 -3.02 0.58
N MET A 9 8.98 -2.12 0.92
CA MET A 9 8.31 -2.16 2.22
C MET A 9 6.86 -2.59 2.08
N THR A 10 6.38 -3.33 3.07
CA THR A 10 5.02 -3.82 3.07
C THR A 10 4.17 -3.05 4.09
N PHE A 11 2.94 -2.74 3.72
CA PHE A 11 2.03 -2.03 4.62
C PHE A 11 0.68 -2.75 4.67
N SER A 12 -0.01 -2.63 5.80
CA SER A 12 -1.27 -3.32 6.01
C SER A 12 -2.44 -2.54 5.42
N ILE A 13 -3.00 -3.05 4.33
CA ILE A 13 -4.16 -2.43 3.70
C ILE A 13 -5.42 -3.27 3.91
N PRO A 14 -6.36 -2.76 4.70
CA PRO A 14 -7.66 -3.40 4.92
C PRO A 14 -8.37 -3.77 3.63
N THR A 15 -8.88 -4.99 3.59
CA THR A 15 -9.60 -5.51 2.43
C THR A 15 -10.81 -4.65 2.07
N HIS A 16 -11.44 -4.05 3.08
CA HIS A 16 -12.61 -3.21 2.82
C HIS A 16 -12.20 -1.86 2.24
N LYS A 17 -10.93 -1.47 2.40
CA LYS A 17 -10.48 -0.19 1.87
C LYS A 17 -9.85 -0.35 0.49
N CYS A 18 -9.96 -1.55 -0.08
CA CYS A 18 -9.41 -1.83 -1.38
C CYS A 18 -10.26 -1.20 -2.49
N GLY A 19 -11.16 -0.32 -2.12
CA GLY A 19 -11.97 0.35 -3.11
C GLY A 19 -11.75 1.85 -3.14
N LEU A 20 -11.19 2.40 -2.06
CA LEU A 20 -10.84 3.82 -2.07
C LEU A 20 -9.42 4.02 -2.56
N VAL A 21 -8.49 3.24 -2.02
CA VAL A 21 -7.09 3.40 -2.39
C VAL A 21 -6.75 2.49 -3.54
N ILE A 22 -7.47 1.39 -3.64
CA ILE A 22 -7.19 0.39 -4.64
C ILE A 22 -8.17 0.51 -5.80
N GLY A 23 -9.29 1.16 -5.54
CA GLY A 23 -10.28 1.37 -6.57
C GLY A 23 -10.97 0.07 -6.97
N ARG A 24 -10.93 -0.24 -8.25
CA ARG A 24 -11.50 -1.49 -8.74
C ARG A 24 -10.43 -2.57 -8.79
N GLY A 25 -9.43 -2.37 -9.65
CA GLY A 25 -8.37 -3.35 -9.78
C GLY A 25 -7.01 -2.72 -9.63
N GLY A 26 -6.83 -1.96 -8.56
CA GLY A 26 -5.56 -1.30 -8.31
C GLY A 26 -5.38 -0.08 -9.19
N GLU A 27 -6.36 0.80 -9.17
CA GLU A 27 -6.35 1.98 -10.02
C GLU A 27 -5.58 3.12 -9.37
N ASN A 28 -6.01 3.50 -8.17
CA ASN A 28 -5.46 4.66 -7.50
C ASN A 28 -4.00 4.42 -7.08
N VAL A 29 -3.68 3.17 -6.76
CA VAL A 29 -2.35 2.83 -6.29
C VAL A 29 -1.27 3.07 -7.35
N LYS A 30 -1.62 2.94 -8.63
CA LYS A 30 -0.64 3.13 -9.68
C LYS A 30 -0.49 4.62 -10.00
N ALA A 31 -1.48 5.42 -9.60
CA ALA A 31 -1.38 6.86 -9.70
C ALA A 31 -0.39 7.36 -8.65
N ILE A 32 -0.43 6.73 -7.47
CA ILE A 32 0.54 6.99 -6.42
C ILE A 32 1.95 6.79 -6.95
N ASN A 33 2.13 5.67 -7.66
CA ASN A 33 3.40 5.36 -8.32
C ASN A 33 3.87 6.51 -9.20
N GLN A 34 2.96 7.03 -10.01
CA GLN A 34 3.29 8.14 -10.92
C GLN A 34 3.68 9.38 -10.13
N GLN A 35 3.03 9.57 -8.99
CA GLN A 35 3.30 10.71 -8.13
C GLN A 35 4.64 10.55 -7.41
N THR A 36 5.12 9.32 -7.32
CA THR A 36 6.29 9.03 -6.50
C THR A 36 7.42 8.38 -7.31
N GLY A 37 7.29 7.09 -7.55
CA GLY A 37 8.31 6.35 -8.25
C GLY A 37 8.29 4.89 -7.90
N ALA A 38 7.81 4.58 -6.71
CA ALA A 38 7.74 3.20 -6.25
C ALA A 38 6.44 2.56 -6.69
N PHE A 39 6.51 1.28 -6.96
CA PHE A 39 5.37 0.54 -7.45
C PHE A 39 4.54 0.02 -6.28
N VAL A 40 3.38 0.62 -6.07
CA VAL A 40 2.47 0.18 -5.03
C VAL A 40 1.60 -0.97 -5.54
N GLU A 41 2.02 -2.20 -5.27
CA GLU A 41 1.36 -3.38 -5.81
C GLU A 41 0.72 -4.22 -4.71
N ILE A 42 -0.38 -4.91 -5.06
CA ILE A 42 -1.11 -5.73 -4.11
C ILE A 42 -0.36 -7.02 -3.86
N SER A 43 -0.13 -7.33 -2.59
CA SER A 43 0.70 -8.47 -2.23
C SER A 43 -0.12 -9.74 -2.05
N ARG A 44 0.58 -10.85 -1.84
CA ARG A 44 -0.05 -12.13 -1.60
C ARG A 44 0.44 -12.68 -0.27
N GLN A 45 1.11 -11.81 0.48
CA GLN A 45 1.68 -12.19 1.76
C GLN A 45 0.61 -12.20 2.86
N LEU A 46 0.73 -13.12 3.79
CA LEU A 46 -0.10 -13.13 4.97
C LEU A 46 0.42 -12.13 5.99
N PRO A 47 -0.47 -11.28 6.52
CA PRO A 47 -0.12 -10.33 7.57
C PRO A 47 0.24 -11.05 8.86
N PRO A 48 0.88 -10.37 9.82
CA PRO A 48 1.26 -10.99 11.10
C PRO A 48 0.10 -11.70 11.78
N ASN A 49 -1.10 -11.18 11.58
CA ASN A 49 -2.29 -11.72 12.21
C ASN A 49 -2.84 -12.92 11.43
N GLY A 50 -2.36 -13.06 10.19
CA GLY A 50 -2.82 -14.13 9.31
C GLY A 50 -4.30 -14.03 8.99
N ASP A 51 -4.83 -12.81 9.06
CA ASP A 51 -6.25 -12.59 8.85
C ASP A 51 -6.50 -12.01 7.45
N PRO A 52 -7.48 -12.57 6.72
CA PRO A 52 -7.75 -12.21 5.32
C PRO A 52 -8.39 -10.83 5.14
N ASN A 53 -8.61 -10.10 6.23
CA ASN A 53 -9.19 -8.77 6.15
C ASN A 53 -8.10 -7.71 6.07
N PHE A 54 -6.85 -8.16 6.09
CA PHE A 54 -5.71 -7.27 5.97
C PHE A 54 -4.82 -7.71 4.82
N LYS A 55 -5.01 -7.10 3.67
CA LYS A 55 -4.19 -7.36 2.51
C LYS A 55 -2.88 -6.59 2.62
N LEU A 56 -1.77 -7.29 2.57
CA LEU A 56 -0.48 -6.63 2.60
C LEU A 56 -0.25 -5.94 1.26
N PHE A 57 0.29 -4.74 1.32
CA PHE A 57 0.56 -3.97 0.12
C PHE A 57 2.05 -3.72 -0.04
N ILE A 58 2.54 -3.90 -1.26
CA ILE A 58 3.96 -3.75 -1.55
C ILE A 58 4.26 -2.39 -2.13
N ILE A 59 4.97 -1.57 -1.42
CA ILE A 59 5.47 -0.35 -2.03
C ILE A 59 6.92 -0.61 -2.40
N ARG A 60 7.11 -1.10 -3.61
CA ARG A 60 8.43 -1.55 -4.02
C ARG A 60 9.16 -0.50 -4.83
N GLY A 61 10.29 -0.07 -4.29
CA GLY A 61 11.12 0.93 -4.92
C GLY A 61 12.24 1.35 -4.02
N SER A 62 12.72 2.56 -4.17
CA SER A 62 13.73 3.08 -3.28
C SER A 62 13.07 3.75 -2.07
N PRO A 63 13.70 3.72 -0.89
CA PRO A 63 13.12 4.28 0.35
C PRO A 63 12.43 5.63 0.14
N GLN A 64 13.12 6.55 -0.54
CA GLN A 64 12.59 7.89 -0.82
C GLN A 64 11.23 7.81 -1.54
N GLN A 65 11.13 6.86 -2.46
CA GLN A 65 9.91 6.70 -3.25
C GLN A 65 8.85 5.99 -2.43
N ILE A 66 9.27 4.95 -1.70
CA ILE A 66 8.38 4.17 -0.86
C ILE A 66 7.71 5.03 0.20
N ASP A 67 8.53 5.74 0.96
CA ASP A 67 8.06 6.55 2.07
C ASP A 67 7.13 7.66 1.58
N HIS A 68 7.44 8.22 0.41
CA HIS A 68 6.62 9.26 -0.17
C HIS A 68 5.29 8.70 -0.63
N ALA A 69 5.31 7.50 -1.21
CA ALA A 69 4.08 6.83 -1.63
C ALA A 69 3.24 6.49 -0.40
N LYS A 70 3.91 6.04 0.64
CA LYS A 70 3.30 5.78 1.94
C LYS A 70 2.47 6.98 2.39
N GLN A 71 3.07 8.15 2.30
CA GLN A 71 2.41 9.40 2.68
C GLN A 71 1.17 9.63 1.84
N LEU A 72 1.25 9.31 0.56
CA LEU A 72 0.14 9.53 -0.35
C LEU A 72 -1.00 8.58 -0.05
N ILE A 73 -0.69 7.38 0.40
CA ILE A 73 -1.70 6.40 0.76
C ILE A 73 -2.33 6.77 2.10
N GLU A 74 -1.50 7.24 3.02
CA GLU A 74 -1.98 7.72 4.31
C GLU A 74 -2.80 8.99 4.13
N GLU A 75 -2.64 9.61 2.97
CA GLU A 75 -3.47 10.74 2.59
C GLU A 75 -4.80 10.23 2.02
N LYS A 76 -4.75 9.08 1.36
CA LYS A 76 -5.93 8.46 0.78
C LYS A 76 -6.85 7.96 1.88
N ILE A 77 -6.27 7.22 2.82
CA ILE A 77 -7.02 6.66 3.92
C ILE A 77 -7.11 7.64 5.08
N GLU A 78 -6.26 8.66 5.02
CA GLU A 78 -6.17 9.70 6.03
C GLU A 78 -5.90 9.10 7.41
N GLY A 79 -5.07 8.07 7.41
CA GLY A 79 -4.75 7.35 8.62
C GLY A 79 -3.36 6.77 8.58
N PRO A 80 -2.80 6.39 9.74
CA PRO A 80 -1.46 5.83 9.82
C PRO A 80 -1.37 4.39 9.31
N LEU A 81 -0.38 4.13 8.47
CA LEU A 81 -0.11 2.78 8.02
C LEU A 81 1.06 2.18 8.76
N CYS A 82 0.94 0.91 9.11
CA CYS A 82 1.98 0.23 9.87
C CYS A 82 2.89 -0.56 8.92
N PRO A 83 4.21 -0.32 9.01
CA PRO A 83 5.20 -1.06 8.24
C PRO A 83 5.28 -2.52 8.68
N VAL A 84 4.87 -3.42 7.82
CA VAL A 84 4.88 -4.83 8.12
C VAL A 84 5.83 -5.58 7.21
N GLY A 85 6.11 -6.82 7.56
CA GLY A 85 6.97 -7.66 6.76
C GLY A 85 7.19 -9.00 7.43
N GLY A 7 14.31 -3.87 0.90
CA GLY A 7 14.10 -2.63 0.19
C GLY A 7 12.63 -2.33 0.03
N GLU A 8 11.94 -3.19 -0.70
CA GLU A 8 10.49 -3.09 -0.88
C GLU A 8 9.77 -3.27 0.45
N MET A 9 8.85 -2.37 0.74
CA MET A 9 8.13 -2.39 2.01
C MET A 9 6.67 -2.75 1.77
N THR A 10 6.09 -3.48 2.70
CA THR A 10 4.72 -3.91 2.60
C THR A 10 3.85 -3.21 3.65
N PHE A 11 2.60 -2.90 3.31
CA PHE A 11 1.71 -2.25 4.25
C PHE A 11 0.35 -2.95 4.25
N SER A 12 -0.35 -2.90 5.37
CA SER A 12 -1.62 -3.59 5.53
C SER A 12 -2.77 -2.76 4.94
N ILE A 13 -3.33 -3.24 3.83
CA ILE A 13 -4.46 -2.55 3.20
C ILE A 13 -5.76 -3.33 3.40
N PRO A 14 -6.61 -2.83 4.30
CA PRO A 14 -7.94 -3.40 4.61
C PRO A 14 -8.80 -3.74 3.38
N THR A 15 -9.51 -4.86 3.49
CA THR A 15 -10.43 -5.31 2.44
C THR A 15 -11.73 -4.51 2.49
N HIS A 16 -11.61 -3.24 2.11
CA HIS A 16 -12.75 -2.33 1.98
C HIS A 16 -12.22 -0.97 1.56
N LYS A 17 -10.98 -0.69 1.96
CA LYS A 17 -10.30 0.51 1.50
C LYS A 17 -9.58 0.20 0.20
N CYS A 18 -9.72 -1.04 -0.27
CA CYS A 18 -9.12 -1.47 -1.51
C CYS A 18 -9.91 -0.95 -2.71
N GLY A 19 -10.68 0.09 -2.47
CA GLY A 19 -11.37 0.78 -3.54
C GLY A 19 -11.08 2.27 -3.54
N LEU A 20 -10.69 2.82 -2.39
CA LEU A 20 -10.38 4.24 -2.30
C LEU A 20 -8.92 4.51 -2.62
N VAL A 21 -8.01 3.70 -2.09
CA VAL A 21 -6.59 3.83 -2.41
C VAL A 21 -6.26 3.02 -3.64
N ILE A 22 -6.97 1.92 -3.76
CA ILE A 22 -6.67 0.93 -4.77
C ILE A 22 -7.50 1.19 -6.02
N GLY A 23 -8.72 1.65 -5.84
CA GLY A 23 -9.58 1.98 -6.96
C GLY A 23 -10.35 0.77 -7.45
N ARG A 24 -10.89 0.88 -8.66
CA ARG A 24 -11.60 -0.23 -9.29
C ARG A 24 -10.61 -1.31 -9.70
N GLY A 25 -10.52 -2.36 -8.91
CA GLY A 25 -9.58 -3.43 -9.18
C GLY A 25 -8.17 -3.07 -8.73
N GLY A 26 -7.61 -2.04 -9.35
CA GLY A 26 -6.29 -1.56 -9.02
C GLY A 26 -5.92 -0.36 -9.85
N GLU A 27 -6.76 0.66 -9.78
CA GLU A 27 -6.62 1.86 -10.60
C GLU A 27 -5.75 2.91 -9.89
N ASN A 28 -6.18 3.32 -8.70
CA ASN A 28 -5.60 4.48 -8.02
C ASN A 28 -4.17 4.21 -7.55
N VAL A 29 -3.80 2.94 -7.46
CA VAL A 29 -2.46 2.58 -6.99
C VAL A 29 -1.38 3.00 -7.99
N LYS A 30 -1.76 3.09 -9.27
CA LYS A 30 -0.80 3.49 -10.29
C LYS A 30 -0.61 5.01 -10.25
N ALA A 31 -1.64 5.71 -9.78
CA ALA A 31 -1.54 7.15 -9.62
C ALA A 31 -0.58 7.48 -8.50
N ILE A 32 -0.65 6.68 -7.43
CA ILE A 32 0.31 6.79 -6.34
C ILE A 32 1.72 6.68 -6.89
N ASN A 33 1.91 5.70 -7.77
CA ASN A 33 3.18 5.48 -8.44
C ASN A 33 3.63 6.72 -9.20
N GLN A 34 2.75 7.29 -10.00
CA GLN A 34 3.08 8.47 -10.81
C GLN A 34 3.44 9.64 -9.92
N GLN A 35 2.79 9.71 -8.77
CA GLN A 35 3.04 10.79 -7.81
C GLN A 35 4.35 10.55 -7.06
N THR A 36 4.81 9.31 -7.03
CA THR A 36 5.95 8.95 -6.20
C THR A 36 7.13 8.43 -7.02
N GLY A 37 7.02 7.20 -7.49
CA GLY A 37 8.11 6.55 -8.18
C GLY A 37 8.17 5.08 -7.84
N ALA A 38 7.58 4.71 -6.71
CA ALA A 38 7.56 3.33 -6.25
C ALA A 38 6.34 2.61 -6.78
N PHE A 39 6.47 1.31 -6.98
CA PHE A 39 5.40 0.49 -7.53
C PHE A 39 4.53 -0.06 -6.41
N VAL A 40 3.25 0.30 -6.43
CA VAL A 40 2.31 -0.14 -5.40
C VAL A 40 1.50 -1.32 -5.93
N GLU A 41 1.97 -2.52 -5.65
CA GLU A 41 1.30 -3.74 -6.07
C GLU A 41 0.73 -4.47 -4.86
N ILE A 42 0.03 -5.57 -5.08
CA ILE A 42 -0.63 -6.27 -4.00
C ILE A 42 0.22 -7.47 -3.55
N SER A 43 0.36 -7.61 -2.24
CA SER A 43 1.26 -8.60 -1.67
C SER A 43 0.56 -9.93 -1.44
N ARG A 44 1.35 -10.95 -1.13
CA ARG A 44 0.83 -12.27 -0.82
C ARG A 44 1.44 -12.76 0.49
N GLN A 45 1.84 -11.81 1.33
CA GLN A 45 2.34 -12.12 2.66
C GLN A 45 1.18 -12.14 3.65
N LEU A 46 1.47 -12.46 4.90
CA LEU A 46 0.47 -12.43 5.94
C LEU A 46 0.91 -11.54 7.08
N PRO A 47 0.03 -10.63 7.53
CA PRO A 47 0.30 -9.71 8.64
C PRO A 47 0.51 -10.46 9.95
N PRO A 48 0.97 -9.75 11.02
CA PRO A 48 1.22 -10.37 12.34
C PRO A 48 -0.03 -11.01 12.97
N ASN A 49 -1.16 -10.93 12.28
CA ASN A 49 -2.39 -11.58 12.74
C ASN A 49 -2.71 -12.79 11.87
N GLY A 50 -2.04 -12.89 10.72
CA GLY A 50 -2.39 -13.87 9.71
C GLY A 50 -3.79 -13.63 9.20
N ASP A 51 -4.20 -12.38 9.22
CA ASP A 51 -5.57 -11.98 8.94
C ASP A 51 -5.75 -11.69 7.45
N PRO A 52 -6.72 -12.37 6.80
CA PRO A 52 -6.97 -12.22 5.37
C PRO A 52 -7.76 -10.96 5.01
N ASN A 53 -8.23 -10.24 6.03
CA ASN A 53 -8.99 -9.01 5.80
C ASN A 53 -8.04 -7.85 5.56
N PHE A 54 -6.79 -8.04 5.94
CA PHE A 54 -5.77 -7.05 5.69
C PHE A 54 -4.90 -7.48 4.53
N LYS A 55 -5.29 -7.06 3.34
CA LYS A 55 -4.57 -7.42 2.15
C LYS A 55 -3.34 -6.54 2.01
N LEU A 56 -2.18 -7.15 2.22
CA LEU A 56 -0.95 -6.41 2.25
C LEU A 56 -0.60 -5.90 0.85
N PHE A 57 -0.02 -4.71 0.80
CA PHE A 57 0.38 -4.10 -0.45
C PHE A 57 1.89 -3.91 -0.49
N ILE A 58 2.51 -4.28 -1.59
CA ILE A 58 3.94 -4.13 -1.78
C ILE A 58 4.22 -2.79 -2.45
N ILE A 59 4.89 -1.91 -1.75
CA ILE A 59 5.37 -0.70 -2.37
C ILE A 59 6.84 -0.86 -2.63
N ARG A 60 7.18 -1.29 -3.84
CA ARG A 60 8.55 -1.62 -4.15
C ARG A 60 9.26 -0.45 -4.85
N GLY A 61 10.40 -0.10 -4.30
CA GLY A 61 11.18 1.00 -4.81
C GLY A 61 12.27 1.38 -3.82
N SER A 62 12.72 2.62 -3.86
CA SER A 62 13.70 3.08 -2.89
C SER A 62 12.97 3.57 -1.64
N PRO A 63 13.65 3.60 -0.48
CA PRO A 63 13.04 4.08 0.76
C PRO A 63 12.31 5.42 0.58
N GLN A 64 12.93 6.31 -0.18
CA GLN A 64 12.39 7.64 -0.41
C GLN A 64 11.13 7.59 -1.28
N GLN A 65 11.06 6.61 -2.17
CA GLN A 65 9.89 6.44 -3.03
C GLN A 65 8.76 5.77 -2.27
N ILE A 66 9.11 4.76 -1.50
CA ILE A 66 8.14 3.97 -0.74
C ILE A 66 7.46 4.81 0.33
N ASP A 67 8.27 5.45 1.16
CA ASP A 67 7.75 6.28 2.24
C ASP A 67 6.91 7.43 1.67
N HIS A 68 7.34 7.93 0.52
CA HIS A 68 6.58 8.94 -0.20
C HIS A 68 5.19 8.42 -0.54
N ALA A 69 5.14 7.25 -1.16
CA ALA A 69 3.88 6.61 -1.54
C ALA A 69 3.03 6.35 -0.30
N LYS A 70 3.67 5.86 0.74
CA LYS A 70 3.05 5.61 2.04
C LYS A 70 2.27 6.83 2.50
N GLN A 71 2.86 8.00 2.35
CA GLN A 71 2.24 9.25 2.77
C GLN A 71 0.93 9.50 2.02
N LEU A 72 0.99 9.48 0.68
CA LEU A 72 -0.21 9.67 -0.13
C LEU A 72 -1.30 8.69 0.26
N ILE A 73 -0.92 7.45 0.55
CA ILE A 73 -1.87 6.42 0.95
C ILE A 73 -2.46 6.72 2.31
N GLU A 74 -1.61 7.15 3.23
CA GLU A 74 -2.05 7.50 4.58
C GLU A 74 -2.95 8.73 4.54
N GLU A 75 -2.86 9.49 3.47
CA GLU A 75 -3.76 10.60 3.23
C GLU A 75 -5.05 10.10 2.58
N LYS A 76 -4.93 9.08 1.74
CA LYS A 76 -6.08 8.48 1.07
C LYS A 76 -6.99 7.80 2.09
N ILE A 77 -6.39 7.17 3.08
CA ILE A 77 -7.15 6.48 4.11
C ILE A 77 -7.26 7.31 5.38
N GLU A 78 -6.43 8.36 5.42
CA GLU A 78 -6.32 9.25 6.57
C GLU A 78 -5.98 8.47 7.85
N GLY A 79 -4.99 7.60 7.74
CA GLY A 79 -4.60 6.77 8.86
C GLY A 79 -3.19 6.25 8.71
N PRO A 80 -2.52 5.91 9.82
CA PRO A 80 -1.15 5.41 9.80
C PRO A 80 -1.07 3.95 9.39
N LEU A 81 -0.09 3.62 8.56
CA LEU A 81 0.12 2.25 8.12
C LEU A 81 1.36 1.66 8.76
N CYS A 82 1.25 0.40 9.17
CA CYS A 82 2.36 -0.32 9.81
C CYS A 82 3.20 -1.02 8.74
N PRO A 83 4.54 -0.87 8.83
CA PRO A 83 5.47 -1.50 7.89
C PRO A 83 5.55 -3.01 8.08
N VAL A 84 4.92 -3.73 7.17
CA VAL A 84 4.94 -5.19 7.20
C VAL A 84 6.19 -5.70 6.49
N GLY A 85 6.86 -6.66 7.12
CA GLY A 85 8.09 -7.20 6.57
C GLY A 85 9.05 -7.60 7.67
N GLY A 7 14.49 -4.27 -0.82
CA GLY A 7 14.27 -3.08 -0.02
C GLY A 7 12.83 -2.64 -0.02
N GLU A 8 11.94 -3.57 -0.33
CA GLU A 8 10.51 -3.30 -0.43
C GLU A 8 9.92 -3.10 0.97
N MET A 9 9.01 -2.16 1.09
CA MET A 9 8.31 -1.94 2.35
C MET A 9 6.83 -2.27 2.19
N THR A 10 6.36 -3.21 2.98
CA THR A 10 4.98 -3.66 2.90
C THR A 10 4.14 -3.01 3.99
N PHE A 11 2.92 -2.62 3.65
CA PHE A 11 2.03 -1.99 4.60
C PHE A 11 0.68 -2.69 4.61
N SER A 12 -0.01 -2.63 5.74
CA SER A 12 -1.27 -3.33 5.90
C SER A 12 -2.43 -2.55 5.28
N ILE A 13 -3.03 -3.11 4.23
CA ILE A 13 -4.17 -2.49 3.58
C ILE A 13 -5.43 -3.35 3.75
N PRO A 14 -6.37 -2.87 4.56
CA PRO A 14 -7.67 -3.51 4.74
C PRO A 14 -8.38 -3.79 3.43
N THR A 15 -8.86 -5.01 3.29
CA THR A 15 -9.50 -5.48 2.08
C THR A 15 -10.74 -4.64 1.73
N HIS A 16 -11.39 -4.09 2.74
CA HIS A 16 -12.59 -3.28 2.52
C HIS A 16 -12.21 -1.88 1.99
N LYS A 17 -10.98 -1.46 2.20
CA LYS A 17 -10.50 -0.17 1.72
C LYS A 17 -9.83 -0.28 0.36
N CYS A 18 -9.99 -1.43 -0.28
CA CYS A 18 -9.36 -1.68 -1.57
C CYS A 18 -10.05 -0.94 -2.71
N GLY A 19 -10.71 0.15 -2.38
CA GLY A 19 -11.31 0.99 -3.38
C GLY A 19 -10.85 2.43 -3.27
N LEU A 20 -10.73 2.92 -2.04
CA LEU A 20 -10.28 4.29 -1.80
C LEU A 20 -8.78 4.42 -2.06
N VAL A 21 -8.01 3.37 -1.78
CA VAL A 21 -6.58 3.38 -2.06
C VAL A 21 -6.24 2.51 -3.25
N ILE A 22 -7.00 1.45 -3.44
CA ILE A 22 -6.70 0.50 -4.50
C ILE A 22 -7.52 0.80 -5.74
N GLY A 23 -8.83 0.66 -5.64
CA GLY A 23 -9.69 1.02 -6.75
C GLY A 23 -10.03 -0.18 -7.62
N ARG A 24 -10.49 0.08 -8.83
CA ARG A 24 -10.86 -0.98 -9.77
C ARG A 24 -9.62 -1.65 -10.35
N GLY A 25 -9.25 -2.79 -9.80
CA GLY A 25 -8.09 -3.52 -10.28
C GLY A 25 -6.80 -2.75 -10.05
N GLY A 26 -6.69 -2.12 -8.89
CA GLY A 26 -5.55 -1.27 -8.60
C GLY A 26 -5.52 -0.06 -9.49
N GLU A 27 -6.61 0.71 -9.44
CA GLU A 27 -6.78 1.87 -10.30
C GLU A 27 -6.13 3.11 -9.70
N ASN A 28 -6.16 3.20 -8.36
CA ASN A 28 -5.62 4.37 -7.69
C ASN A 28 -4.12 4.21 -7.45
N VAL A 29 -3.71 2.98 -7.16
CA VAL A 29 -2.30 2.70 -6.83
C VAL A 29 -1.36 3.02 -7.98
N LYS A 30 -1.86 2.94 -9.21
CA LYS A 30 -1.05 3.22 -10.38
C LYS A 30 -0.86 4.73 -10.55
N ALA A 31 -1.78 5.51 -9.96
CA ALA A 31 -1.65 6.96 -9.98
C ALA A 31 -0.77 7.41 -8.84
N ILE A 32 -0.74 6.63 -7.77
CA ILE A 32 0.21 6.86 -6.70
C ILE A 32 1.61 6.72 -7.28
N ASN A 33 1.78 5.67 -8.07
CA ASN A 33 3.05 5.37 -8.74
C ASN A 33 3.52 6.55 -9.59
N GLN A 34 2.64 7.04 -10.46
CA GLN A 34 3.00 8.12 -11.38
C GLN A 34 3.40 9.38 -10.63
N GLN A 35 2.79 9.59 -9.47
CA GLN A 35 3.09 10.76 -8.65
C GLN A 35 4.39 10.59 -7.88
N THR A 36 4.74 9.35 -7.59
CA THR A 36 5.83 9.07 -6.68
C THR A 36 7.08 8.51 -7.37
N GLY A 37 6.91 7.39 -8.05
CA GLY A 37 8.03 6.67 -8.60
C GLY A 37 8.10 5.27 -8.04
N ALA A 38 7.40 5.05 -6.93
CA ALA A 38 7.44 3.76 -6.25
C ALA A 38 6.34 2.84 -6.76
N PHE A 39 6.57 1.56 -6.63
CA PHE A 39 5.63 0.56 -7.11
C PHE A 39 4.70 0.10 -5.98
N VAL A 40 3.43 0.47 -6.07
CA VAL A 40 2.45 0.06 -5.08
C VAL A 40 1.73 -1.20 -5.55
N GLU A 41 2.22 -2.35 -5.10
CA GLU A 41 1.79 -3.65 -5.59
C GLU A 41 0.78 -4.30 -4.66
N ILE A 42 0.00 -5.22 -5.20
CA ILE A 42 -1.01 -5.94 -4.44
C ILE A 42 -0.42 -7.28 -4.05
N SER A 43 -0.10 -7.45 -2.80
CA SER A 43 0.73 -8.55 -2.37
C SER A 43 -0.08 -9.79 -2.01
N ARG A 44 0.63 -10.84 -1.62
CA ARG A 44 0.03 -12.12 -1.32
C ARG A 44 0.52 -12.63 0.02
N GLN A 45 1.14 -11.75 0.78
CA GLN A 45 1.65 -12.08 2.10
C GLN A 45 0.57 -11.92 3.14
N LEU A 46 0.41 -12.91 3.98
CA LEU A 46 -0.56 -12.85 5.07
C LEU A 46 0.07 -12.17 6.27
N PRO A 47 -0.67 -11.28 6.94
CA PRO A 47 -0.19 -10.60 8.13
C PRO A 47 0.02 -11.60 9.26
N PRO A 48 0.97 -11.31 10.17
CA PRO A 48 1.36 -12.22 11.26
C PRO A 48 0.19 -12.62 12.16
N ASN A 49 -0.91 -11.89 12.04
CA ASN A 49 -2.11 -12.17 12.82
C ASN A 49 -3.02 -13.16 12.09
N GLY A 50 -2.72 -13.38 10.81
CA GLY A 50 -3.52 -14.29 9.99
C GLY A 50 -4.89 -13.71 9.68
N ASP A 51 -4.94 -12.44 9.30
CA ASP A 51 -6.19 -11.75 9.05
C ASP A 51 -6.39 -11.50 7.56
N PRO A 52 -7.42 -12.11 6.96
CA PRO A 52 -7.71 -11.98 5.53
C PRO A 52 -8.37 -10.64 5.15
N ASN A 53 -8.70 -9.82 6.14
CA ASN A 53 -9.28 -8.50 5.87
C ASN A 53 -8.17 -7.45 5.83
N PHE A 54 -6.94 -7.90 5.98
CA PHE A 54 -5.79 -7.03 5.89
C PHE A 54 -4.83 -7.54 4.83
N LYS A 55 -5.07 -7.14 3.59
CA LYS A 55 -4.22 -7.53 2.49
C LYS A 55 -2.98 -6.66 2.48
N LEU A 56 -1.83 -7.29 2.51
CA LEU A 56 -0.57 -6.57 2.53
C LEU A 56 -0.34 -5.89 1.19
N PHE A 57 0.19 -4.69 1.24
CA PHE A 57 0.48 -3.92 0.05
C PHE A 57 1.94 -3.54 0.01
N ILE A 58 2.65 -4.01 -1.01
CA ILE A 58 4.09 -3.78 -1.14
C ILE A 58 4.35 -2.46 -1.84
N ILE A 59 5.25 -1.67 -1.29
CA ILE A 59 5.74 -0.52 -2.00
C ILE A 59 7.22 -0.71 -2.25
N ARG A 60 7.56 -1.11 -3.46
CA ARG A 60 8.94 -1.39 -3.81
C ARG A 60 9.56 -0.20 -4.54
N GLY A 61 10.87 -0.04 -4.38
CA GLY A 61 11.56 1.10 -4.94
C GLY A 61 12.54 1.68 -3.95
N SER A 62 12.94 2.92 -4.19
CA SER A 62 13.80 3.61 -3.25
C SER A 62 12.99 4.08 -2.05
N PRO A 63 13.56 3.92 -0.84
CA PRO A 63 12.86 4.18 0.44
C PRO A 63 12.22 5.57 0.53
N GLN A 64 12.80 6.54 -0.17
CA GLN A 64 12.27 7.90 -0.16
C GLN A 64 11.03 7.99 -1.04
N GLN A 65 11.00 7.18 -2.08
CA GLN A 65 9.83 7.09 -2.95
C GLN A 65 8.76 6.25 -2.28
N ILE A 66 9.18 5.14 -1.68
CA ILE A 66 8.29 4.27 -0.92
C ILE A 66 7.49 5.05 0.11
N ASP A 67 8.18 5.73 1.01
CA ASP A 67 7.51 6.48 2.08
C ASP A 67 6.64 7.57 1.51
N HIS A 68 7.08 8.20 0.43
CA HIS A 68 6.32 9.27 -0.19
C HIS A 68 5.00 8.71 -0.72
N ALA A 69 5.06 7.57 -1.40
CA ALA A 69 3.86 6.90 -1.90
C ALA A 69 2.97 6.51 -0.74
N LYS A 70 3.60 6.00 0.31
CA LYS A 70 2.92 5.68 1.55
C LYS A 70 2.14 6.89 2.09
N GLN A 71 2.72 8.08 1.94
CA GLN A 71 2.06 9.31 2.39
C GLN A 71 0.74 9.55 1.68
N LEU A 72 0.76 9.48 0.35
CA LEU A 72 -0.46 9.61 -0.45
C LEU A 72 -1.52 8.63 0.01
N ILE A 73 -1.09 7.44 0.43
CA ILE A 73 -2.00 6.41 0.93
C ILE A 73 -2.50 6.77 2.32
N GLU A 74 -1.60 7.26 3.16
CA GLU A 74 -1.93 7.66 4.52
C GLU A 74 -2.92 8.82 4.52
N GLU A 75 -2.95 9.58 3.43
CA GLU A 75 -3.93 10.66 3.30
C GLU A 75 -5.25 10.11 2.77
N LYS A 76 -5.18 9.06 1.95
CA LYS A 76 -6.39 8.40 1.47
C LYS A 76 -7.17 7.82 2.63
N ILE A 77 -6.47 7.14 3.51
CA ILE A 77 -7.07 6.47 4.64
C ILE A 77 -7.10 7.37 5.87
N GLU A 78 -6.37 8.48 5.76
CA GLU A 78 -6.20 9.46 6.83
C GLU A 78 -5.66 8.80 8.10
N GLY A 79 -4.54 8.10 7.96
CA GLY A 79 -3.96 7.39 9.07
C GLY A 79 -2.57 6.87 8.76
N PRO A 80 -1.66 6.88 9.74
CA PRO A 80 -0.30 6.36 9.58
C PRO A 80 -0.29 4.84 9.41
N LEU A 81 0.48 4.36 8.45
CA LEU A 81 0.56 2.94 8.19
C LEU A 81 1.77 2.31 8.84
N CYS A 82 1.61 1.06 9.25
CA CYS A 82 2.67 0.31 9.89
C CYS A 82 3.37 -0.60 8.89
N PRO A 83 4.71 -0.55 8.85
CA PRO A 83 5.51 -1.45 8.00
C PRO A 83 5.43 -2.90 8.48
N VAL A 84 4.86 -3.75 7.65
CA VAL A 84 4.64 -5.14 8.01
C VAL A 84 5.59 -6.05 7.23
N GLY A 85 6.06 -7.09 7.89
CA GLY A 85 6.91 -8.06 7.24
C GLY A 85 6.76 -9.44 7.85
N GLY A 7 14.89 -2.58 -0.18
CA GLY A 7 14.10 -2.41 1.03
C GLY A 7 12.64 -2.20 0.73
N GLU A 8 11.98 -3.24 0.24
CA GLU A 8 10.57 -3.16 -0.08
C GLU A 8 9.74 -3.01 1.19
N MET A 9 8.92 -1.97 1.22
CA MET A 9 8.18 -1.64 2.41
C MET A 9 6.75 -2.14 2.29
N THR A 10 6.46 -3.23 2.98
CA THR A 10 5.14 -3.83 2.91
C THR A 10 4.28 -3.37 4.09
N PHE A 11 3.13 -2.78 3.78
CA PHE A 11 2.22 -2.26 4.78
C PHE A 11 0.96 -3.10 4.84
N SER A 12 0.08 -2.77 5.78
CA SER A 12 -1.18 -3.48 5.93
C SER A 12 -2.34 -2.67 5.35
N ILE A 13 -2.97 -3.18 4.31
CA ILE A 13 -4.10 -2.51 3.70
C ILE A 13 -5.38 -3.31 3.89
N PRO A 14 -6.33 -2.76 4.66
CA PRO A 14 -7.67 -3.32 4.84
C PRO A 14 -8.38 -3.56 3.51
N THR A 15 -8.98 -4.75 3.39
CA THR A 15 -9.68 -5.13 2.17
C THR A 15 -10.94 -4.28 1.96
N HIS A 16 -11.41 -3.62 3.02
CA HIS A 16 -12.55 -2.73 2.89
C HIS A 16 -12.11 -1.36 2.39
N LYS A 17 -10.81 -1.07 2.49
CA LYS A 17 -10.26 0.18 1.97
C LYS A 17 -9.59 -0.04 0.61
N CYS A 18 -9.76 -1.24 0.05
CA CYS A 18 -9.10 -1.58 -1.21
C CYS A 18 -9.73 -0.86 -2.41
N GLY A 19 -10.64 0.05 -2.15
CA GLY A 19 -11.23 0.83 -3.21
C GLY A 19 -10.83 2.28 -3.16
N LEU A 20 -10.79 2.85 -1.96
CA LEU A 20 -10.45 4.26 -1.80
C LEU A 20 -8.96 4.50 -2.05
N VAL A 21 -8.10 3.56 -1.69
CA VAL A 21 -6.66 3.71 -1.94
C VAL A 21 -6.22 2.88 -3.14
N ILE A 22 -6.95 1.82 -3.41
CA ILE A 22 -6.55 0.89 -4.44
C ILE A 22 -7.43 1.07 -5.68
N GLY A 23 -8.71 0.81 -5.53
CA GLY A 23 -9.64 1.04 -6.62
C GLY A 23 -10.54 -0.14 -6.85
N ARG A 24 -10.77 -0.48 -8.10
CA ARG A 24 -11.55 -1.65 -8.44
C ARG A 24 -10.66 -2.69 -9.11
N GLY A 25 -9.60 -2.20 -9.74
CA GLY A 25 -8.58 -3.08 -10.29
C GLY A 25 -7.20 -2.60 -9.93
N GLY A 26 -7.14 -1.49 -9.21
CA GLY A 26 -5.87 -0.91 -8.83
C GLY A 26 -5.60 0.37 -9.61
N GLU A 27 -6.61 1.22 -9.71
CA GLU A 27 -6.53 2.45 -10.48
C GLU A 27 -5.77 3.52 -9.70
N ASN A 28 -6.04 3.60 -8.41
CA ASN A 28 -5.44 4.63 -7.57
C ASN A 28 -3.96 4.32 -7.36
N VAL A 29 -3.66 3.07 -7.00
CA VAL A 29 -2.30 2.66 -6.67
C VAL A 29 -1.35 2.79 -7.86
N LYS A 30 -1.86 2.69 -9.07
CA LYS A 30 -1.01 2.82 -10.23
C LYS A 30 -0.68 4.29 -10.48
N ALA A 31 -1.62 5.16 -10.10
CA ALA A 31 -1.41 6.59 -10.22
C ALA A 31 -0.43 7.05 -9.16
N ILE A 32 -0.54 6.48 -7.97
CA ILE A 32 0.42 6.73 -6.89
C ILE A 32 1.83 6.50 -7.41
N ASN A 33 2.01 5.36 -8.06
CA ASN A 33 3.29 4.98 -8.65
C ASN A 33 3.81 6.07 -9.57
N GLN A 34 2.96 6.53 -10.48
CA GLN A 34 3.35 7.55 -11.45
C GLN A 34 3.70 8.86 -10.76
N GLN A 35 3.05 9.11 -9.63
CA GLN A 35 3.29 10.32 -8.86
C GLN A 35 4.55 10.20 -8.00
N THR A 36 5.00 8.98 -7.76
CA THR A 36 6.04 8.76 -6.77
C THR A 36 7.30 8.11 -7.36
N GLY A 37 7.14 6.97 -8.01
CA GLY A 37 8.27 6.22 -8.51
C GLY A 37 8.27 4.80 -7.98
N ALA A 38 7.63 4.61 -6.84
CA ALA A 38 7.60 3.31 -6.20
C ALA A 38 6.40 2.50 -6.66
N PHE A 39 6.59 1.19 -6.76
CA PHE A 39 5.51 0.29 -7.16
C PHE A 39 4.63 -0.01 -5.96
N VAL A 40 3.38 0.42 -6.02
CA VAL A 40 2.43 0.14 -4.95
C VAL A 40 1.58 -1.07 -5.32
N GLU A 41 2.08 -2.26 -4.95
CA GLU A 41 1.47 -3.51 -5.38
C GLU A 41 0.67 -4.15 -4.26
N ILE A 42 -0.27 -5.01 -4.66
CA ILE A 42 -1.01 -5.82 -3.70
C ILE A 42 -0.23 -7.10 -3.46
N SER A 43 0.23 -7.29 -2.24
CA SER A 43 1.15 -8.36 -1.94
C SER A 43 0.45 -9.71 -1.94
N ARG A 44 1.25 -10.76 -2.00
CA ARG A 44 0.73 -12.11 -2.03
C ARG A 44 0.93 -12.76 -0.66
N GLN A 45 1.45 -11.97 0.28
CA GLN A 45 1.65 -12.42 1.65
C GLN A 45 0.45 -12.08 2.53
N LEU A 46 0.09 -12.99 3.41
CA LEU A 46 -0.88 -12.71 4.45
C LEU A 46 -0.16 -12.21 5.69
N PRO A 47 -0.86 -11.44 6.56
CA PRO A 47 -0.27 -10.93 7.79
C PRO A 47 0.12 -12.05 8.73
N PRO A 48 1.04 -11.78 9.69
CA PRO A 48 1.47 -12.76 10.69
C PRO A 48 0.29 -13.23 11.56
N ASN A 49 -0.80 -12.49 11.48
CA ASN A 49 -2.03 -12.83 12.20
C ASN A 49 -2.93 -13.70 11.35
N GLY A 50 -2.65 -13.72 10.05
CA GLY A 50 -3.47 -14.47 9.11
C GLY A 50 -4.87 -13.89 8.97
N ASP A 51 -5.01 -12.61 9.29
CA ASP A 51 -6.30 -11.94 9.21
C ASP A 51 -6.71 -11.74 7.75
N PRO A 52 -7.85 -12.33 7.35
CA PRO A 52 -8.29 -12.33 5.95
C PRO A 52 -8.62 -10.94 5.42
N ASN A 53 -8.94 -10.00 6.29
CA ASN A 53 -9.37 -8.68 5.83
C ASN A 53 -8.18 -7.74 5.66
N PHE A 54 -7.03 -8.15 6.15
CA PHE A 54 -5.83 -7.35 6.01
C PHE A 54 -4.95 -7.88 4.90
N LYS A 55 -4.89 -7.11 3.81
CA LYS A 55 -4.07 -7.49 2.68
C LYS A 55 -2.75 -6.73 2.74
N LEU A 56 -1.65 -7.45 2.61
CA LEU A 56 -0.35 -6.83 2.60
C LEU A 56 -0.17 -6.03 1.31
N PHE A 57 0.42 -4.86 1.42
CA PHE A 57 0.63 -3.99 0.27
C PHE A 57 2.09 -3.63 0.16
N ILE A 58 2.71 -3.99 -0.96
CA ILE A 58 4.13 -3.75 -1.16
C ILE A 58 4.35 -2.40 -1.80
N ILE A 59 5.01 -1.51 -1.11
CA ILE A 59 5.48 -0.30 -1.76
C ILE A 59 6.96 -0.51 -2.04
N ARG A 60 7.23 -1.04 -3.21
CA ARG A 60 8.58 -1.48 -3.53
C ARG A 60 9.28 -0.48 -4.43
N GLY A 61 10.43 -0.02 -3.95
CA GLY A 61 11.20 0.98 -4.67
C GLY A 61 12.37 1.46 -3.85
N SER A 62 12.36 2.73 -3.49
CA SER A 62 13.39 3.31 -2.65
C SER A 62 12.73 4.04 -1.51
N PRO A 63 13.37 4.11 -0.33
CA PRO A 63 12.77 4.76 0.87
C PRO A 63 12.08 6.09 0.55
N GLN A 64 12.73 6.90 -0.26
CA GLN A 64 12.23 8.23 -0.61
C GLN A 64 10.95 8.15 -1.45
N GLN A 65 10.92 7.20 -2.39
CA GLN A 65 9.74 7.02 -3.23
C GLN A 65 8.66 6.25 -2.47
N ILE A 66 9.07 5.24 -1.73
CA ILE A 66 8.17 4.44 -0.90
C ILE A 66 7.38 5.31 0.07
N ASP A 67 8.09 6.10 0.86
CA ASP A 67 7.45 6.92 1.89
C ASP A 67 6.52 7.94 1.26
N HIS A 68 6.90 8.44 0.09
CA HIS A 68 6.09 9.43 -0.61
C HIS A 68 4.79 8.79 -1.08
N ALA A 69 4.88 7.55 -1.56
CA ALA A 69 3.71 6.80 -1.99
C ALA A 69 2.83 6.45 -0.79
N LYS A 70 3.48 5.98 0.26
CA LYS A 70 2.82 5.67 1.52
C LYS A 70 2.12 6.90 2.07
N GLN A 71 2.73 8.06 1.88
CA GLN A 71 2.16 9.33 2.32
C GLN A 71 0.86 9.60 1.58
N LEU A 72 0.85 9.33 0.28
CA LEU A 72 -0.34 9.50 -0.53
C LEU A 72 -1.45 8.60 -0.01
N ILE A 73 -1.06 7.38 0.34
CA ILE A 73 -2.00 6.40 0.89
C ILE A 73 -2.55 6.88 2.23
N GLU A 74 -1.66 7.36 3.09
CA GLU A 74 -2.04 7.87 4.40
C GLU A 74 -2.87 9.13 4.28
N GLU A 75 -2.87 9.74 3.10
CA GLU A 75 -3.70 10.90 2.83
C GLU A 75 -5.08 10.45 2.33
N LYS A 76 -5.10 9.31 1.63
CA LYS A 76 -6.36 8.76 1.15
C LYS A 76 -7.15 8.19 2.33
N ILE A 77 -6.49 7.35 3.12
CA ILE A 77 -7.11 6.71 4.26
C ILE A 77 -7.09 7.66 5.47
N GLU A 78 -6.20 8.65 5.38
CA GLU A 78 -6.04 9.68 6.41
C GLU A 78 -5.62 9.06 7.74
N GLY A 79 -4.71 8.09 7.66
CA GLY A 79 -4.23 7.40 8.84
C GLY A 79 -2.87 6.79 8.61
N PRO A 80 -2.00 6.76 9.65
CA PRO A 80 -0.65 6.22 9.53
C PRO A 80 -0.63 4.70 9.37
N LEU A 81 0.24 4.22 8.49
CA LEU A 81 0.39 2.79 8.26
C LEU A 81 1.61 2.23 8.99
N CYS A 82 1.66 0.91 9.12
CA CYS A 82 2.74 0.24 9.82
C CYS A 82 3.44 -0.75 8.89
N PRO A 83 4.79 -0.74 8.88
CA PRO A 83 5.59 -1.71 8.13
C PRO A 83 5.43 -3.11 8.71
N VAL A 84 4.84 -4.00 7.93
CA VAL A 84 4.52 -5.34 8.39
C VAL A 84 5.68 -6.30 8.13
N GLY A 85 6.07 -6.41 6.88
CA GLY A 85 7.14 -7.33 6.53
C GLY A 85 8.16 -6.68 5.62
N GLY A 7 14.30 -2.45 0.50
CA GLY A 7 13.62 -3.01 -0.64
C GLY A 7 12.13 -2.83 -0.55
N GLU A 8 11.38 -3.80 -1.07
CA GLU A 8 9.93 -3.73 -1.06
C GLU A 8 9.39 -3.66 0.37
N MET A 9 8.77 -2.55 0.70
CA MET A 9 8.14 -2.39 2.00
C MET A 9 6.67 -2.71 1.91
N THR A 10 6.21 -3.61 2.76
CA THR A 10 4.81 -4.01 2.78
C THR A 10 4.05 -3.24 3.85
N PHE A 11 2.81 -2.88 3.55
CA PHE A 11 1.96 -2.20 4.51
C PHE A 11 0.60 -2.89 4.59
N SER A 12 -0.10 -2.69 5.69
CA SER A 12 -1.39 -3.33 5.91
C SER A 12 -2.53 -2.56 5.27
N ILE A 13 -3.07 -3.08 4.16
CA ILE A 13 -4.20 -2.47 3.50
C ILE A 13 -5.46 -3.31 3.70
N PRO A 14 -6.39 -2.82 4.52
CA PRO A 14 -7.68 -3.49 4.74
C PRO A 14 -8.40 -3.82 3.44
N THR A 15 -8.86 -5.07 3.34
CA THR A 15 -9.53 -5.56 2.14
C THR A 15 -10.76 -4.72 1.80
N HIS A 16 -11.39 -4.11 2.80
CA HIS A 16 -12.57 -3.28 2.56
C HIS A 16 -12.17 -1.89 2.03
N LYS A 17 -10.90 -1.53 2.18
CA LYS A 17 -10.44 -0.23 1.70
C LYS A 17 -9.74 -0.34 0.35
N CYS A 18 -9.91 -1.49 -0.31
CA CYS A 18 -9.31 -1.73 -1.60
C CYS A 18 -10.05 -0.98 -2.70
N GLY A 19 -10.91 -0.06 -2.30
CA GLY A 19 -11.63 0.75 -3.26
C GLY A 19 -11.25 2.21 -3.19
N LEU A 20 -10.88 2.68 -2.00
CA LEU A 20 -10.45 4.08 -1.87
C LEU A 20 -9.00 4.24 -2.29
N VAL A 21 -8.11 3.40 -1.74
CA VAL A 21 -6.69 3.53 -2.05
C VAL A 21 -6.33 2.72 -3.27
N ILE A 22 -7.09 1.68 -3.50
CA ILE A 22 -6.78 0.74 -4.58
C ILE A 22 -7.67 1.04 -5.79
N GLY A 23 -8.97 1.07 -5.54
CA GLY A 23 -9.91 1.50 -6.57
C GLY A 23 -10.39 0.36 -7.43
N ARG A 24 -10.36 -0.86 -6.87
CA ARG A 24 -10.75 -2.07 -7.61
C ARG A 24 -9.76 -2.35 -8.74
N GLY A 25 -8.97 -3.40 -8.57
CA GLY A 25 -7.93 -3.69 -9.53
C GLY A 25 -6.63 -3.03 -9.15
N GLY A 26 -6.65 -1.71 -9.09
CA GLY A 26 -5.48 -0.97 -8.69
C GLY A 26 -5.29 0.29 -9.51
N GLU A 27 -6.32 1.11 -9.56
CA GLU A 27 -6.30 2.33 -10.35
C GLU A 27 -5.68 3.48 -9.57
N ASN A 28 -6.03 3.59 -8.29
CA ASN A 28 -5.54 4.68 -7.48
C ASN A 28 -4.05 4.47 -7.17
N VAL A 29 -3.68 3.21 -6.95
CA VAL A 29 -2.31 2.86 -6.58
C VAL A 29 -1.34 3.12 -7.73
N LYS A 30 -1.81 3.01 -8.97
CA LYS A 30 -0.95 3.28 -10.11
C LYS A 30 -0.73 4.79 -10.23
N ALA A 31 -1.72 5.57 -9.79
CA ALA A 31 -1.59 7.02 -9.76
C ALA A 31 -0.58 7.41 -8.70
N ILE A 32 -0.62 6.70 -7.56
CA ILE A 32 0.37 6.86 -6.51
C ILE A 32 1.76 6.73 -7.10
N ASN A 33 1.93 5.68 -7.90
CA ASN A 33 3.20 5.42 -8.59
C ASN A 33 3.64 6.61 -9.44
N GLN A 34 2.69 7.17 -10.19
CA GLN A 34 2.97 8.32 -11.05
C GLN A 34 3.41 9.52 -10.22
N GLN A 35 2.83 9.65 -9.04
CA GLN A 35 3.12 10.78 -8.17
C GLN A 35 4.43 10.57 -7.43
N THR A 36 4.89 9.34 -7.35
CA THR A 36 6.03 9.01 -6.50
C THR A 36 7.20 8.44 -7.31
N GLY A 37 7.05 7.22 -7.77
CA GLY A 37 8.13 6.52 -8.43
C GLY A 37 8.18 5.07 -8.03
N ALA A 38 7.60 4.77 -6.87
CA ALA A 38 7.60 3.42 -6.34
C ALA A 38 6.38 2.66 -6.83
N PHE A 39 6.54 1.35 -6.99
CA PHE A 39 5.45 0.51 -7.45
C PHE A 39 4.59 0.04 -6.29
N VAL A 40 3.36 0.53 -6.26
CA VAL A 40 2.41 0.14 -5.22
C VAL A 40 1.54 -1.00 -5.73
N GLU A 41 1.98 -2.21 -5.43
CA GLU A 41 1.30 -3.43 -5.88
C GLU A 41 0.77 -4.22 -4.69
N ILE A 42 0.13 -5.35 -4.94
CA ILE A 42 -0.47 -6.13 -3.87
C ILE A 42 0.41 -7.32 -3.52
N SER A 43 0.54 -7.60 -2.23
CA SER A 43 1.46 -8.64 -1.76
C SER A 43 0.77 -9.99 -1.63
N ARG A 44 1.59 -11.01 -1.43
CA ARG A 44 1.10 -12.38 -1.29
C ARG A 44 1.37 -12.86 0.12
N GLN A 45 1.95 -11.98 0.93
CA GLN A 45 2.33 -12.30 2.29
C GLN A 45 1.12 -12.27 3.22
N LEU A 46 1.20 -13.03 4.30
CA LEU A 46 0.13 -13.07 5.29
C LEU A 46 0.42 -12.09 6.41
N PRO A 47 -0.56 -11.20 6.70
CA PRO A 47 -0.42 -10.17 7.73
C PRO A 47 -0.18 -10.77 9.10
N PRO A 48 0.40 -9.97 10.04
CA PRO A 48 0.69 -10.42 11.41
C PRO A 48 -0.58 -10.71 12.20
N ASN A 49 -1.73 -10.45 11.58
CA ASN A 49 -3.01 -10.76 12.19
C ASN A 49 -3.50 -12.12 11.71
N GLY A 50 -2.81 -12.65 10.70
CA GLY A 50 -3.18 -13.91 10.08
C GLY A 50 -4.62 -13.91 9.61
N ASP A 51 -5.08 -12.77 9.13
CA ASP A 51 -6.47 -12.59 8.78
C ASP A 51 -6.60 -12.08 7.35
N PRO A 52 -7.43 -12.74 6.53
CA PRO A 52 -7.57 -12.44 5.10
C PRO A 52 -8.30 -11.13 4.82
N ASN A 53 -8.82 -10.48 5.85
CA ASN A 53 -9.52 -9.20 5.66
C ASN A 53 -8.51 -8.07 5.63
N PHE A 54 -7.24 -8.42 5.66
CA PHE A 54 -6.16 -7.47 5.51
C PHE A 54 -5.27 -7.91 4.36
N LYS A 55 -5.26 -7.12 3.29
CA LYS A 55 -4.41 -7.41 2.15
C LYS A 55 -3.12 -6.61 2.26
N LEU A 56 -2.01 -7.32 2.36
CA LEU A 56 -0.72 -6.66 2.44
C LEU A 56 -0.38 -6.02 1.10
N PHE A 57 0.03 -4.76 1.16
CA PHE A 57 0.34 -4.01 -0.04
C PHE A 57 1.84 -3.74 -0.14
N ILE A 58 2.38 -3.93 -1.32
CA ILE A 58 3.79 -3.74 -1.58
C ILE A 58 4.06 -2.35 -2.13
N ILE A 59 4.99 -1.65 -1.55
CA ILE A 59 5.50 -0.45 -2.17
C ILE A 59 6.98 -0.67 -2.45
N ARG A 60 7.31 -1.06 -3.67
CA ARG A 60 8.69 -1.40 -4.00
C ARG A 60 9.39 -0.27 -4.71
N GLY A 61 10.60 0.02 -4.24
CA GLY A 61 11.39 1.09 -4.80
C GLY A 61 12.42 1.57 -3.79
N SER A 62 12.90 2.79 -3.95
CA SER A 62 13.81 3.37 -2.98
C SER A 62 13.02 3.97 -1.82
N PRO A 63 13.58 3.92 -0.59
CA PRO A 63 12.90 4.36 0.64
C PRO A 63 12.09 5.64 0.48
N GLN A 64 12.70 6.67 -0.08
CA GLN A 64 12.02 7.97 -0.22
C GLN A 64 10.80 7.86 -1.13
N GLN A 65 10.90 7.02 -2.15
CA GLN A 65 9.79 6.86 -3.08
C GLN A 65 8.72 5.97 -2.47
N ILE A 66 9.16 4.98 -1.69
CA ILE A 66 8.26 4.10 -0.96
C ILE A 66 7.42 4.90 0.03
N ASP A 67 8.10 5.60 0.92
CA ASP A 67 7.43 6.37 1.96
C ASP A 67 6.61 7.50 1.35
N HIS A 68 7.09 8.07 0.25
CA HIS A 68 6.33 9.13 -0.43
C HIS A 68 5.00 8.57 -0.92
N ALA A 69 5.03 7.33 -1.40
CA ALA A 69 3.80 6.66 -1.83
C ALA A 69 2.94 6.35 -0.62
N LYS A 70 3.60 5.90 0.45
CA LYS A 70 2.95 5.65 1.73
C LYS A 70 2.23 6.91 2.23
N GLN A 71 2.88 8.06 2.05
CA GLN A 71 2.30 9.35 2.43
C GLN A 71 1.01 9.60 1.67
N LEU A 72 1.01 9.27 0.39
CA LEU A 72 -0.18 9.45 -0.44
C LEU A 72 -1.30 8.56 0.06
N ILE A 73 -0.95 7.35 0.48
CA ILE A 73 -1.91 6.41 1.03
C ILE A 73 -2.45 6.89 2.37
N GLU A 74 -1.54 7.39 3.20
CA GLU A 74 -1.91 7.93 4.51
C GLU A 74 -2.75 9.20 4.35
N GLU A 75 -2.72 9.77 3.15
CA GLU A 75 -3.59 10.90 2.80
C GLU A 75 -4.94 10.38 2.30
N LYS A 76 -4.92 9.19 1.71
CA LYS A 76 -6.14 8.54 1.22
C LYS A 76 -6.98 8.05 2.38
N ILE A 77 -6.33 7.36 3.30
CA ILE A 77 -7.01 6.80 4.46
C ILE A 77 -6.99 7.80 5.61
N GLU A 78 -6.06 8.76 5.51
CA GLU A 78 -5.85 9.76 6.56
C GLU A 78 -5.55 9.08 7.89
N GLY A 79 -4.47 8.31 7.89
CA GLY A 79 -4.07 7.56 9.07
C GLY A 79 -2.72 6.90 8.88
N PRO A 80 -1.96 6.72 9.97
CA PRO A 80 -0.62 6.13 9.90
C PRO A 80 -0.64 4.63 9.63
N LEU A 81 0.12 4.21 8.62
CA LEU A 81 0.24 2.79 8.31
C LEU A 81 1.46 2.19 9.00
N CYS A 82 1.42 0.88 9.18
CA CYS A 82 2.50 0.14 9.82
C CYS A 82 3.20 -0.77 8.83
N PRO A 83 4.54 -0.67 8.74
CA PRO A 83 5.35 -1.53 7.88
C PRO A 83 5.31 -2.99 8.32
N VAL A 84 4.94 -3.86 7.39
CA VAL A 84 4.86 -5.29 7.65
C VAL A 84 5.90 -6.02 6.81
N GLY A 85 6.53 -7.03 7.39
CA GLY A 85 7.49 -7.81 6.63
C GLY A 85 8.11 -8.92 7.45
N GLY A 7 13.78 -4.48 -1.59
CA GLY A 7 13.44 -3.07 -1.61
C GLY A 7 11.95 -2.83 -1.48
N GLU A 8 11.20 -3.89 -1.21
CA GLU A 8 9.76 -3.79 -1.09
C GLU A 8 9.36 -3.60 0.37
N MET A 9 8.73 -2.47 0.67
CA MET A 9 8.18 -2.24 1.99
C MET A 9 6.69 -2.55 1.97
N THR A 10 6.24 -3.37 2.91
CA THR A 10 4.86 -3.81 2.91
C THR A 10 4.07 -3.10 4.01
N PHE A 11 2.84 -2.71 3.69
CA PHE A 11 1.98 -2.00 4.64
C PHE A 11 0.61 -2.68 4.71
N SER A 12 0.00 -2.62 5.88
CA SER A 12 -1.27 -3.30 6.11
C SER A 12 -2.44 -2.49 5.54
N ILE A 13 -3.11 -3.05 4.55
CA ILE A 13 -4.25 -2.40 3.92
C ILE A 13 -5.55 -3.17 4.21
N PRO A 14 -6.47 -2.54 4.95
CA PRO A 14 -7.83 -3.06 5.16
C PRO A 14 -8.54 -3.36 3.86
N THR A 15 -9.03 -4.59 3.75
CA THR A 15 -9.68 -5.09 2.56
C THR A 15 -10.86 -4.22 2.13
N HIS A 16 -11.56 -3.64 3.10
CA HIS A 16 -12.70 -2.79 2.78
C HIS A 16 -12.26 -1.47 2.12
N LYS A 17 -11.01 -1.08 2.35
CA LYS A 17 -10.47 0.15 1.77
C LYS A 17 -9.77 -0.11 0.43
N CYS A 18 -9.99 -1.29 -0.15
CA CYS A 18 -9.36 -1.66 -1.41
C CYS A 18 -10.00 -0.94 -2.60
N GLY A 19 -10.70 0.15 -2.33
CA GLY A 19 -11.24 0.96 -3.39
C GLY A 19 -10.79 2.40 -3.28
N LEU A 20 -10.79 2.94 -2.07
CA LEU A 20 -10.42 4.33 -1.85
C LEU A 20 -8.90 4.53 -1.94
N VAL A 21 -8.14 3.44 -1.83
CA VAL A 21 -6.70 3.51 -2.06
C VAL A 21 -6.28 2.59 -3.19
N ILE A 22 -7.00 1.50 -3.35
CA ILE A 22 -6.61 0.48 -4.31
C ILE A 22 -7.40 0.64 -5.60
N GLY A 23 -8.67 0.29 -5.59
CA GLY A 23 -9.49 0.44 -6.77
C GLY A 23 -9.53 -0.84 -7.59
N ARG A 24 -10.22 -1.86 -7.06
CA ARG A 24 -10.34 -3.16 -7.72
C ARG A 24 -8.97 -3.80 -7.98
N GLY A 25 -8.42 -3.57 -9.18
CA GLY A 25 -7.15 -4.15 -9.53
C GLY A 25 -6.00 -3.22 -9.24
N GLY A 26 -6.32 -2.07 -8.65
CA GLY A 26 -5.30 -1.12 -8.28
C GLY A 26 -5.23 0.04 -9.24
N GLU A 27 -6.36 0.70 -9.45
CA GLU A 27 -6.41 1.85 -10.34
C GLU A 27 -5.84 3.09 -9.65
N ASN A 28 -6.01 3.16 -8.34
CA ASN A 28 -5.53 4.30 -7.58
C ASN A 28 -4.04 4.14 -7.28
N VAL A 29 -3.63 2.91 -6.96
CA VAL A 29 -2.24 2.64 -6.57
C VAL A 29 -1.26 2.93 -7.71
N LYS A 30 -1.71 2.76 -8.95
CA LYS A 30 -0.86 3.04 -10.10
C LYS A 30 -0.73 4.56 -10.27
N ALA A 31 -1.71 5.30 -9.80
CA ALA A 31 -1.66 6.75 -9.81
C ALA A 31 -0.72 7.24 -8.73
N ILE A 32 -0.69 6.52 -7.62
CA ILE A 32 0.30 6.78 -6.58
C ILE A 32 1.69 6.70 -7.21
N ASN A 33 1.86 5.68 -8.05
CA ASN A 33 3.12 5.44 -8.75
C ASN A 33 3.49 6.61 -9.66
N GLN A 34 2.52 7.09 -10.44
CA GLN A 34 2.77 8.17 -11.38
C GLN A 34 3.08 9.47 -10.65
N GLN A 35 2.60 9.56 -9.42
CA GLN A 35 2.87 10.72 -8.57
C GLN A 35 4.22 10.60 -7.88
N THR A 36 4.69 9.37 -7.70
CA THR A 36 5.86 9.14 -6.87
C THR A 36 7.06 8.60 -7.65
N GLY A 37 7.03 7.31 -7.92
CA GLY A 37 8.17 6.64 -8.51
C GLY A 37 8.27 5.21 -8.04
N ALA A 38 7.68 4.95 -6.89
CA ALA A 38 7.68 3.62 -6.31
C ALA A 38 6.50 2.82 -6.82
N PHE A 39 6.65 1.51 -6.86
CA PHE A 39 5.60 0.64 -7.37
C PHE A 39 4.75 0.12 -6.22
N VAL A 40 3.48 0.49 -6.22
CA VAL A 40 2.55 0.03 -5.22
C VAL A 40 1.80 -1.21 -5.73
N GLU A 41 2.32 -2.38 -5.38
CA GLU A 41 1.79 -3.65 -5.87
C GLU A 41 0.85 -4.28 -4.86
N ILE A 42 -0.17 -4.97 -5.35
CA ILE A 42 -1.06 -5.72 -4.49
C ILE A 42 -0.31 -6.95 -3.99
N SER A 43 -0.04 -7.00 -2.69
CA SER A 43 0.84 -8.00 -2.13
C SER A 43 0.12 -9.34 -1.98
N ARG A 44 0.91 -10.39 -1.82
CA ARG A 44 0.39 -11.72 -1.56
C ARG A 44 0.83 -12.18 -0.17
N GLN A 45 1.32 -11.23 0.60
CA GLN A 45 1.78 -11.50 1.96
C GLN A 45 0.61 -11.46 2.92
N LEU A 46 0.29 -12.60 3.51
CA LEU A 46 -0.74 -12.66 4.52
C LEU A 46 -0.17 -12.23 5.87
N PRO A 47 -0.93 -11.42 6.63
CA PRO A 47 -0.50 -10.93 7.94
C PRO A 47 -0.19 -12.07 8.90
N PRO A 48 0.67 -11.82 9.91
CA PRO A 48 1.05 -12.81 10.91
C PRO A 48 -0.15 -13.24 11.77
N ASN A 49 -1.30 -12.63 11.49
CA ASN A 49 -2.55 -12.99 12.15
C ASN A 49 -3.34 -13.97 11.31
N GLY A 50 -2.95 -14.08 10.04
CA GLY A 50 -3.64 -14.93 9.09
C GLY A 50 -5.02 -14.41 8.73
N ASP A 51 -5.19 -13.09 8.82
CA ASP A 51 -6.50 -12.49 8.64
C ASP A 51 -6.65 -11.89 7.24
N PRO A 52 -7.70 -12.28 6.51
CA PRO A 52 -7.96 -11.78 5.15
C PRO A 52 -8.54 -10.37 5.10
N ASN A 53 -8.73 -9.74 6.27
CA ASN A 53 -9.22 -8.37 6.32
C ASN A 53 -8.08 -7.37 6.26
N PHE A 54 -6.88 -7.85 6.53
CA PHE A 54 -5.71 -6.99 6.50
C PHE A 54 -4.76 -7.45 5.41
N LYS A 55 -5.10 -7.11 4.18
CA LYS A 55 -4.31 -7.51 3.03
C LYS A 55 -3.11 -6.59 2.89
N LEU A 56 -1.93 -7.17 2.91
CA LEU A 56 -0.71 -6.39 2.81
C LEU A 56 -0.56 -5.79 1.41
N PHE A 57 0.07 -4.64 1.33
CA PHE A 57 0.33 -3.99 0.07
C PHE A 57 1.81 -3.63 -0.06
N ILE A 58 2.35 -3.80 -1.25
CA ILE A 58 3.77 -3.57 -1.50
C ILE A 58 4.02 -2.17 -2.00
N ILE A 59 5.00 -1.51 -1.44
CA ILE A 59 5.54 -0.31 -2.04
C ILE A 59 7.03 -0.52 -2.25
N ARG A 60 7.41 -0.85 -3.47
CA ARG A 60 8.79 -1.24 -3.75
C ARG A 60 9.57 -0.10 -4.38
N GLY A 61 10.77 0.10 -3.87
CA GLY A 61 11.63 1.16 -4.37
C GLY A 61 12.64 1.59 -3.32
N SER A 62 12.96 2.87 -3.30
CA SER A 62 13.83 3.41 -2.28
C SER A 62 12.99 4.13 -1.23
N PRO A 63 13.44 4.16 0.04
CA PRO A 63 12.71 4.80 1.15
C PRO A 63 12.03 6.11 0.77
N GLN A 64 12.76 6.99 0.09
CA GLN A 64 12.24 8.31 -0.28
C GLN A 64 11.03 8.17 -1.19
N GLN A 65 11.07 7.21 -2.11
CA GLN A 65 9.96 6.97 -3.02
C GLN A 65 8.85 6.20 -2.31
N ILE A 66 9.25 5.21 -1.53
CA ILE A 66 8.31 4.35 -0.82
C ILE A 66 7.49 5.15 0.19
N ASP A 67 8.18 5.88 1.05
CA ASP A 67 7.52 6.65 2.09
C ASP A 67 6.66 7.75 1.47
N HIS A 68 7.08 8.24 0.32
CA HIS A 68 6.33 9.26 -0.41
C HIS A 68 4.99 8.70 -0.90
N ALA A 69 5.05 7.48 -1.45
CA ALA A 69 3.83 6.80 -1.90
C ALA A 69 2.97 6.41 -0.70
N LYS A 70 3.64 5.91 0.33
CA LYS A 70 2.99 5.57 1.59
C LYS A 70 2.23 6.77 2.14
N GLN A 71 2.86 7.94 2.11
CA GLN A 71 2.25 9.15 2.63
C GLN A 71 1.05 9.56 1.80
N LEU A 72 1.09 9.27 0.50
CA LEU A 72 -0.06 9.54 -0.36
C LEU A 72 -1.23 8.66 0.04
N ILE A 73 -0.92 7.43 0.43
CA ILE A 73 -1.91 6.50 0.94
C ILE A 73 -2.43 6.95 2.30
N GLU A 74 -1.52 7.43 3.14
CA GLU A 74 -1.89 7.99 4.44
C GLU A 74 -2.78 9.20 4.26
N GLU A 75 -2.68 9.84 3.11
CA GLU A 75 -3.54 10.96 2.76
C GLU A 75 -4.88 10.46 2.22
N LYS A 76 -4.84 9.33 1.52
CA LYS A 76 -6.05 8.69 1.00
C LYS A 76 -6.94 8.24 2.14
N ILE A 77 -6.39 7.37 2.97
CA ILE A 77 -7.13 6.79 4.09
C ILE A 77 -7.15 7.75 5.27
N GLU A 78 -6.27 8.73 5.21
CA GLU A 78 -6.10 9.73 6.26
C GLU A 78 -5.77 9.06 7.58
N GLY A 79 -4.69 8.30 7.55
CA GLY A 79 -4.23 7.57 8.71
C GLY A 79 -2.88 6.93 8.45
N PRO A 80 -2.02 6.85 9.47
CA PRO A 80 -0.68 6.27 9.32
C PRO A 80 -0.71 4.76 9.13
N LEU A 81 0.25 4.24 8.38
CA LEU A 81 0.35 2.81 8.15
C LEU A 81 1.62 2.25 8.77
N CYS A 82 1.56 1.00 9.19
CA CYS A 82 2.69 0.34 9.83
C CYS A 82 3.43 -0.54 8.83
N PRO A 83 4.77 -0.44 8.79
CA PRO A 83 5.60 -1.29 7.94
C PRO A 83 5.62 -2.74 8.42
N VAL A 84 4.99 -3.61 7.64
CA VAL A 84 4.87 -5.01 8.01
C VAL A 84 5.78 -5.87 7.13
N GLY A 85 6.60 -6.68 7.77
CA GLY A 85 7.46 -7.58 7.04
C GLY A 85 8.13 -8.57 7.97
N GLY A 7 13.79 -2.75 -0.23
CA GLY A 7 13.29 -2.36 -1.53
C GLY A 7 11.78 -2.42 -1.62
N GLU A 8 11.22 -3.59 -1.40
CA GLU A 8 9.78 -3.77 -1.40
C GLU A 8 9.20 -3.64 0.02
N MET A 9 8.86 -2.43 0.41
CA MET A 9 8.26 -2.20 1.72
C MET A 9 6.82 -2.68 1.71
N THR A 10 6.44 -3.42 2.74
CA THR A 10 5.09 -3.96 2.81
C THR A 10 4.30 -3.28 3.93
N PHE A 11 3.10 -2.82 3.59
CA PHE A 11 2.23 -2.17 4.57
C PHE A 11 0.83 -2.78 4.50
N SER A 12 0.12 -2.76 5.62
CA SER A 12 -1.19 -3.41 5.69
C SER A 12 -2.34 -2.45 5.38
N ILE A 13 -3.02 -2.69 4.27
CA ILE A 13 -4.22 -1.92 3.92
C ILE A 13 -5.46 -2.81 4.01
N PRO A 14 -6.42 -2.43 4.85
CA PRO A 14 -7.69 -3.12 5.02
C PRO A 14 -8.34 -3.53 3.69
N THR A 15 -8.81 -4.77 3.64
CA THR A 15 -9.43 -5.32 2.46
C THR A 15 -10.71 -4.55 2.08
N HIS A 16 -11.30 -3.85 3.04
CA HIS A 16 -12.48 -3.04 2.73
C HIS A 16 -12.08 -1.69 2.14
N LYS A 17 -10.84 -1.26 2.40
CA LYS A 17 -10.35 0.01 1.87
C LYS A 17 -9.65 -0.19 0.54
N CYS A 18 -9.66 -1.43 0.04
CA CYS A 18 -9.06 -1.77 -1.24
C CYS A 18 -9.82 -1.15 -2.41
N GLY A 19 -10.77 -0.25 -2.10
CA GLY A 19 -11.49 0.44 -3.14
C GLY A 19 -11.18 1.93 -3.16
N LEU A 20 -10.83 2.49 -2.01
CA LEU A 20 -10.63 3.94 -1.91
C LEU A 20 -9.18 4.32 -2.21
N VAL A 21 -8.23 3.45 -1.85
CA VAL A 21 -6.82 3.72 -2.12
C VAL A 21 -6.33 2.90 -3.29
N ILE A 22 -7.11 1.90 -3.64
CA ILE A 22 -6.69 0.93 -4.63
C ILE A 22 -7.48 1.13 -5.92
N GLY A 23 -8.79 1.18 -5.81
CA GLY A 23 -9.63 1.47 -6.95
C GLY A 23 -10.56 0.32 -7.28
N ARG A 24 -10.74 0.07 -8.57
CA ARG A 24 -11.59 -1.01 -9.03
C ARG A 24 -10.73 -2.14 -9.56
N GLY A 25 -9.63 -1.77 -10.20
CA GLY A 25 -8.68 -2.74 -10.71
C GLY A 25 -7.27 -2.36 -10.32
N GLY A 26 -7.14 -1.46 -9.37
CA GLY A 26 -5.84 -1.04 -8.89
C GLY A 26 -5.31 0.18 -9.63
N GLU A 27 -6.20 1.07 -10.02
CA GLU A 27 -5.81 2.27 -10.75
C GLU A 27 -5.16 3.28 -9.81
N ASN A 28 -5.66 3.37 -8.59
CA ASN A 28 -5.20 4.39 -7.65
C ASN A 28 -3.78 4.11 -7.20
N VAL A 29 -3.48 2.84 -6.91
CA VAL A 29 -2.19 2.46 -6.39
C VAL A 29 -1.06 2.71 -7.39
N LYS A 30 -1.35 2.49 -8.67
CA LYS A 30 -0.33 2.71 -9.69
C LYS A 30 -0.28 4.19 -10.07
N ALA A 31 -1.34 4.93 -9.73
CA ALA A 31 -1.30 6.39 -9.86
C ALA A 31 -0.40 6.96 -8.78
N ILE A 32 -0.43 6.32 -7.61
CA ILE A 32 0.50 6.64 -6.53
C ILE A 32 1.92 6.53 -7.06
N ASN A 33 2.18 5.44 -7.76
CA ASN A 33 3.48 5.22 -8.42
C ASN A 33 3.86 6.42 -9.28
N GLN A 34 2.93 6.86 -10.12
CA GLN A 34 3.18 8.00 -10.99
C GLN A 34 3.51 9.24 -10.17
N GLN A 35 2.88 9.35 -9.01
CA GLN A 35 3.08 10.50 -8.14
C GLN A 35 4.39 10.41 -7.37
N THR A 36 4.94 9.21 -7.26
CA THR A 36 6.06 8.96 -6.37
C THR A 36 7.27 8.36 -7.09
N GLY A 37 7.12 7.13 -7.55
CA GLY A 37 8.21 6.43 -8.20
C GLY A 37 8.22 4.96 -7.85
N ALA A 38 7.78 4.64 -6.65
CA ALA A 38 7.78 3.27 -6.18
C ALA A 38 6.56 2.53 -6.68
N PHE A 39 6.73 1.25 -6.95
CA PHE A 39 5.66 0.43 -7.50
C PHE A 39 4.80 -0.13 -6.38
N VAL A 40 3.59 0.38 -6.26
CA VAL A 40 2.66 -0.08 -5.24
C VAL A 40 1.77 -1.19 -5.80
N GLU A 41 2.19 -2.42 -5.58
CA GLU A 41 1.40 -3.58 -5.99
C GLU A 41 0.78 -4.25 -4.77
N ILE A 42 -0.03 -5.28 -5.01
CA ILE A 42 -0.79 -5.92 -3.94
C ILE A 42 -0.12 -7.22 -3.54
N SER A 43 0.22 -7.32 -2.27
CA SER A 43 1.00 -8.45 -1.77
C SER A 43 0.16 -9.71 -1.66
N ARG A 44 0.84 -10.84 -1.71
CA ARG A 44 0.19 -12.14 -1.62
C ARG A 44 0.50 -12.76 -0.26
N GLN A 45 1.18 -12.00 0.60
CA GLN A 45 1.64 -12.49 1.89
C GLN A 45 0.59 -12.26 2.99
N LEU A 46 0.81 -12.87 4.14
CA LEU A 46 -0.08 -12.72 5.29
C LEU A 46 0.62 -11.91 6.37
N PRO A 47 -0.15 -11.04 7.06
CA PRO A 47 0.38 -10.16 8.10
C PRO A 47 0.59 -10.90 9.42
N PRO A 48 1.28 -10.27 10.39
CA PRO A 48 1.52 -10.86 11.72
C PRO A 48 0.22 -11.12 12.48
N ASN A 49 -0.87 -10.52 12.00
CA ASN A 49 -2.19 -10.73 12.59
C ASN A 49 -2.82 -11.98 12.00
N GLY A 50 -2.32 -12.40 10.85
CA GLY A 50 -2.85 -13.56 10.16
C GLY A 50 -4.19 -13.30 9.51
N ASP A 51 -4.59 -12.04 9.43
CA ASP A 51 -5.88 -11.67 8.87
C ASP A 51 -5.80 -11.36 7.39
N PRO A 52 -6.52 -12.12 6.56
CA PRO A 52 -6.69 -11.80 5.14
C PRO A 52 -7.61 -10.60 4.95
N ASN A 53 -8.19 -10.16 6.07
CA ASN A 53 -9.02 -8.96 6.11
C ASN A 53 -8.15 -7.72 5.93
N PHE A 54 -6.85 -7.93 6.02
CA PHE A 54 -5.89 -6.87 5.75
C PHE A 54 -5.01 -7.26 4.58
N LYS A 55 -5.14 -6.54 3.48
CA LYS A 55 -4.36 -6.81 2.30
C LYS A 55 -3.04 -6.07 2.35
N LEU A 56 -1.96 -6.84 2.35
CA LEU A 56 -0.63 -6.27 2.35
C LEU A 56 -0.36 -5.62 1.01
N PHE A 57 0.29 -4.48 1.03
CA PHE A 57 0.65 -3.79 -0.18
C PHE A 57 2.15 -3.65 -0.32
N ILE A 58 2.65 -4.01 -1.49
CA ILE A 58 4.06 -3.98 -1.78
C ILE A 58 4.41 -2.66 -2.43
N ILE A 59 5.05 -1.79 -1.70
CA ILE A 59 5.51 -0.55 -2.28
C ILE A 59 6.99 -0.71 -2.57
N ARG A 60 7.30 -1.20 -3.75
CA ARG A 60 8.66 -1.58 -4.08
C ARG A 60 9.37 -0.49 -4.87
N GLY A 61 10.43 0.01 -4.26
CA GLY A 61 11.21 1.08 -4.85
C GLY A 61 12.34 1.50 -3.93
N SER A 62 12.62 2.79 -3.86
CA SER A 62 13.58 3.30 -2.91
C SER A 62 12.84 3.89 -1.71
N PRO A 63 13.46 3.91 -0.52
CA PRO A 63 12.79 4.38 0.71
C PRO A 63 12.05 5.71 0.53
N GLN A 64 12.71 6.66 -0.13
CA GLN A 64 12.14 8.00 -0.30
C GLN A 64 10.94 7.98 -1.23
N GLN A 65 10.92 7.04 -2.17
CA GLN A 65 9.80 6.88 -3.07
C GLN A 65 8.68 6.13 -2.36
N ILE A 66 9.06 5.09 -1.64
CA ILE A 66 8.12 4.25 -0.90
C ILE A 66 7.34 5.04 0.14
N ASP A 67 8.04 5.70 1.05
CA ASP A 67 7.39 6.42 2.14
C ASP A 67 6.50 7.53 1.62
N HIS A 68 6.91 8.14 0.52
CA HIS A 68 6.11 9.20 -0.09
C HIS A 68 4.82 8.62 -0.64
N ALA A 69 4.90 7.41 -1.17
CA ALA A 69 3.72 6.71 -1.66
C ALA A 69 2.84 6.30 -0.49
N LYS A 70 3.47 5.77 0.54
CA LYS A 70 2.80 5.40 1.78
C LYS A 70 2.05 6.59 2.37
N GLN A 71 2.69 7.75 2.37
CA GLN A 71 2.11 8.95 2.94
C GLN A 71 0.92 9.44 2.12
N LEU A 72 0.94 9.17 0.81
CA LEU A 72 -0.21 9.48 -0.03
C LEU A 72 -1.37 8.61 0.40
N ILE A 73 -1.09 7.33 0.61
CA ILE A 73 -2.08 6.38 1.08
C ILE A 73 -2.62 6.79 2.45
N GLU A 74 -1.70 7.17 3.33
CA GLU A 74 -2.05 7.62 4.68
C GLU A 74 -3.00 8.80 4.62
N GLU A 75 -2.90 9.59 3.58
CA GLU A 75 -3.77 10.75 3.44
C GLU A 75 -5.09 10.36 2.78
N LYS A 76 -5.06 9.34 1.92
CA LYS A 76 -6.29 8.84 1.29
C LYS A 76 -7.21 8.25 2.36
N ILE A 77 -6.66 7.33 3.14
CA ILE A 77 -7.40 6.65 4.19
C ILE A 77 -7.43 7.50 5.45
N GLU A 78 -6.57 8.53 5.45
CA GLU A 78 -6.44 9.48 6.56
C GLU A 78 -5.98 8.76 7.83
N GLY A 79 -5.18 7.72 7.65
CA GLY A 79 -4.67 6.96 8.77
C GLY A 79 -3.32 6.36 8.47
N PRO A 80 -2.68 5.74 9.46
CA PRO A 80 -1.30 5.27 9.35
C PRO A 80 -1.17 3.94 8.61
N LEU A 81 0.06 3.63 8.19
CA LEU A 81 0.36 2.39 7.50
C LEU A 81 1.41 1.60 8.26
N CYS A 82 0.96 0.63 9.05
CA CYS A 82 1.86 -0.20 9.82
C CYS A 82 2.73 -1.05 8.90
N PRO A 83 4.05 -1.02 9.12
CA PRO A 83 5.00 -1.85 8.38
C PRO A 83 4.77 -3.33 8.65
N VAL A 84 4.75 -4.13 7.58
CA VAL A 84 4.51 -5.55 7.69
C VAL A 84 5.68 -6.32 7.08
N GLY A 85 6.10 -7.38 7.77
CA GLY A 85 7.19 -8.19 7.29
C GLY A 85 7.99 -8.74 8.45
N GLY A 7 14.49 -3.26 1.12
CA GLY A 7 14.26 -2.37 0.00
C GLY A 7 12.79 -2.05 -0.17
N GLU A 8 12.00 -3.08 -0.44
CA GLU A 8 10.57 -2.91 -0.62
C GLU A 8 9.84 -3.08 0.70
N MET A 9 9.00 -2.11 1.03
CA MET A 9 8.27 -2.13 2.29
C MET A 9 6.84 -2.58 2.07
N THR A 10 6.33 -3.37 3.02
CA THR A 10 4.97 -3.86 2.93
C THR A 10 4.10 -3.18 3.98
N PHE A 11 2.89 -2.81 3.59
CA PHE A 11 1.96 -2.18 4.51
C PHE A 11 0.62 -2.89 4.48
N SER A 12 -0.01 -3.03 5.63
CA SER A 12 -1.29 -3.73 5.72
C SER A 12 -2.45 -2.79 5.39
N ILE A 13 -3.06 -3.00 4.24
CA ILE A 13 -4.18 -2.20 3.81
C ILE A 13 -5.49 -2.98 3.91
N PRO A 14 -6.38 -2.53 4.80
CA PRO A 14 -7.74 -3.06 4.95
C PRO A 14 -8.47 -3.25 3.62
N THR A 15 -9.15 -4.38 3.51
CA THR A 15 -9.92 -4.72 2.32
C THR A 15 -11.01 -3.67 2.05
N HIS A 16 -11.55 -3.07 3.10
CA HIS A 16 -12.58 -2.05 2.94
C HIS A 16 -11.99 -0.75 2.39
N LYS A 17 -10.68 -0.59 2.51
CA LYS A 17 -9.99 0.59 1.99
C LYS A 17 -9.36 0.30 0.63
N CYS A 18 -9.59 -0.89 0.08
CA CYS A 18 -8.96 -1.27 -1.17
C CYS A 18 -9.64 -0.62 -2.38
N GLY A 19 -10.51 0.35 -2.11
CA GLY A 19 -11.14 1.09 -3.18
C GLY A 19 -10.76 2.56 -3.16
N LEU A 20 -10.56 3.11 -1.96
CA LEU A 20 -10.18 4.52 -1.85
C LEU A 20 -8.71 4.73 -2.17
N VAL A 21 -7.86 3.77 -1.79
CA VAL A 21 -6.44 3.87 -2.11
C VAL A 21 -6.08 2.98 -3.29
N ILE A 22 -6.84 1.92 -3.46
CA ILE A 22 -6.48 0.89 -4.43
C ILE A 22 -7.40 0.93 -5.64
N GLY A 23 -8.65 1.30 -5.42
CA GLY A 23 -9.60 1.44 -6.51
C GLY A 23 -10.13 0.13 -7.02
N ARG A 24 -10.04 -0.91 -6.18
CA ARG A 24 -10.49 -2.26 -6.52
C ARG A 24 -9.58 -2.85 -7.60
N GLY A 25 -8.85 -3.91 -7.24
CA GLY A 25 -7.94 -4.54 -8.17
C GLY A 25 -6.56 -3.91 -8.12
N GLY A 26 -6.52 -2.60 -8.29
CA GLY A 26 -5.26 -1.88 -8.20
C GLY A 26 -5.13 -0.79 -9.24
N GLU A 27 -6.14 0.07 -9.31
CA GLU A 27 -6.14 1.18 -10.25
C GLU A 27 -5.51 2.41 -9.64
N ASN A 28 -5.94 2.76 -8.43
CA ASN A 28 -5.47 3.98 -7.78
C ASN A 28 -4.02 3.84 -7.37
N VAL A 29 -3.60 2.60 -7.10
CA VAL A 29 -2.23 2.35 -6.66
C VAL A 29 -1.22 2.62 -7.78
N LYS A 30 -1.65 2.46 -9.02
CA LYS A 30 -0.76 2.73 -10.15
C LYS A 30 -0.64 4.24 -10.35
N ALA A 31 -1.61 4.97 -9.82
CA ALA A 31 -1.56 6.43 -9.84
C ALA A 31 -0.64 6.92 -8.73
N ILE A 32 -0.63 6.21 -7.61
CA ILE A 32 0.34 6.50 -6.56
C ILE A 32 1.74 6.41 -7.15
N ASN A 33 1.95 5.34 -7.92
CA ASN A 33 3.21 5.12 -8.62
C ASN A 33 3.57 6.30 -9.52
N GLN A 34 2.65 6.74 -10.35
CA GLN A 34 2.91 7.80 -11.31
C GLN A 34 3.17 9.14 -10.61
N GLN A 35 2.71 9.22 -9.37
CA GLN A 35 2.95 10.41 -8.55
C GLN A 35 4.26 10.32 -7.80
N THR A 36 4.74 9.11 -7.59
CA THR A 36 5.88 8.89 -6.69
C THR A 36 7.11 8.35 -7.41
N GLY A 37 6.99 7.16 -7.96
CA GLY A 37 8.14 6.50 -8.55
C GLY A 37 8.24 5.06 -8.10
N ALA A 38 7.65 4.77 -6.94
CA ALA A 38 7.70 3.43 -6.37
C ALA A 38 6.52 2.61 -6.85
N PHE A 39 6.72 1.31 -6.97
CA PHE A 39 5.69 0.42 -7.45
C PHE A 39 4.86 -0.11 -6.29
N VAL A 40 3.59 0.28 -6.24
CA VAL A 40 2.68 -0.20 -5.21
C VAL A 40 1.99 -1.47 -5.68
N GLU A 41 2.65 -2.60 -5.45
CA GLU A 41 2.17 -3.90 -5.91
C GLU A 41 1.22 -4.50 -4.88
N ILE A 42 0.27 -5.28 -5.36
CA ILE A 42 -0.66 -5.98 -4.48
C ILE A 42 0.04 -7.24 -3.98
N SER A 43 0.17 -7.38 -2.67
CA SER A 43 0.98 -8.44 -2.11
C SER A 43 0.23 -9.77 -2.08
N ARG A 44 1.00 -10.85 -2.02
CA ARG A 44 0.45 -12.19 -1.94
C ARG A 44 0.68 -12.75 -0.54
N GLN A 45 1.32 -11.94 0.29
CA GLN A 45 1.72 -12.38 1.63
C GLN A 45 0.60 -12.16 2.62
N LEU A 46 0.40 -13.14 3.51
CA LEU A 46 -0.62 -13.06 4.54
C LEU A 46 -0.06 -12.36 5.77
N PRO A 47 -0.93 -11.67 6.53
CA PRO A 47 -0.51 -10.94 7.73
C PRO A 47 -0.32 -11.88 8.92
N PRO A 48 0.55 -11.51 9.88
CA PRO A 48 0.86 -12.35 11.05
C PRO A 48 -0.36 -13.00 11.69
N ASN A 49 -1.42 -12.20 11.89
CA ASN A 49 -2.65 -12.67 12.51
C ASN A 49 -3.34 -13.76 11.69
N GLY A 50 -3.04 -13.80 10.40
CA GLY A 50 -3.69 -14.73 9.50
C GLY A 50 -5.12 -14.31 9.21
N ASP A 51 -5.33 -13.00 9.11
CA ASP A 51 -6.66 -12.46 8.88
C ASP A 51 -6.79 -11.98 7.44
N PRO A 52 -7.79 -12.49 6.71
CA PRO A 52 -7.98 -12.22 5.28
C PRO A 52 -8.59 -10.85 4.99
N ASN A 53 -8.91 -10.10 6.02
CA ASN A 53 -9.51 -8.78 5.84
C ASN A 53 -8.44 -7.73 5.63
N PHE A 54 -7.19 -8.12 5.85
CA PHE A 54 -6.06 -7.24 5.62
C PHE A 54 -5.32 -7.64 4.37
N LYS A 55 -5.18 -6.69 3.45
CA LYS A 55 -4.47 -6.94 2.21
C LYS A 55 -3.12 -6.23 2.24
N LEU A 56 -2.05 -7.01 2.25
CA LEU A 56 -0.71 -6.45 2.29
C LEU A 56 -0.39 -5.77 0.96
N PHE A 57 0.34 -4.68 1.02
CA PHE A 57 0.76 -3.95 -0.16
C PHE A 57 2.27 -3.76 -0.18
N ILE A 58 2.88 -4.06 -1.32
CA ILE A 58 4.31 -3.94 -1.46
C ILE A 58 4.66 -2.67 -2.20
N ILE A 59 5.12 -1.68 -1.49
CA ILE A 59 5.58 -0.47 -2.15
C ILE A 59 7.08 -0.61 -2.37
N ARG A 60 7.45 -1.02 -3.57
CA ARG A 60 8.84 -1.31 -3.86
C ARG A 60 9.47 -0.20 -4.68
N GLY A 61 10.59 0.31 -4.16
CA GLY A 61 11.30 1.39 -4.79
C GLY A 61 12.36 1.93 -3.86
N SER A 62 12.79 3.15 -4.09
CA SER A 62 13.75 3.78 -3.20
C SER A 62 13.02 4.36 -2.00
N PRO A 63 13.66 4.40 -0.82
CA PRO A 63 13.04 4.90 0.41
C PRO A 63 12.23 6.18 0.21
N GLN A 64 12.82 7.15 -0.50
CA GLN A 64 12.15 8.43 -0.74
C GLN A 64 10.84 8.26 -1.51
N GLN A 65 10.79 7.28 -2.40
CA GLN A 65 9.60 7.07 -3.21
C GLN A 65 8.54 6.33 -2.40
N ILE A 66 8.98 5.34 -1.64
CA ILE A 66 8.10 4.56 -0.79
C ILE A 66 7.46 5.45 0.27
N ASP A 67 8.30 6.23 0.94
CA ASP A 67 7.84 7.14 1.98
C ASP A 67 6.88 8.17 1.40
N HIS A 68 7.22 8.67 0.22
CA HIS A 68 6.37 9.62 -0.49
C HIS A 68 5.00 8.97 -0.75
N ALA A 69 5.03 7.79 -1.38
CA ALA A 69 3.80 7.06 -1.70
C ALA A 69 2.98 6.82 -0.45
N LYS A 70 3.65 6.45 0.62
CA LYS A 70 3.04 6.23 1.92
C LYS A 70 2.22 7.44 2.35
N GLN A 71 2.71 8.64 2.08
CA GLN A 71 2.01 9.85 2.50
C GLN A 71 0.74 10.08 1.68
N LEU A 72 0.81 9.88 0.36
CA LEU A 72 -0.38 9.92 -0.48
C LEU A 72 -1.43 8.96 0.04
N ILE A 73 -0.98 7.76 0.40
CA ILE A 73 -1.87 6.74 0.94
C ILE A 73 -2.47 7.18 2.27
N GLU A 74 -1.63 7.73 3.15
CA GLU A 74 -2.07 8.18 4.47
C GLU A 74 -2.98 9.39 4.36
N GLU A 75 -3.02 10.01 3.20
CA GLU A 75 -3.96 11.09 2.93
C GLU A 75 -5.30 10.50 2.50
N LYS A 76 -5.24 9.38 1.78
CA LYS A 76 -6.45 8.70 1.32
C LYS A 76 -7.15 8.04 2.49
N ILE A 77 -6.37 7.34 3.31
CA ILE A 77 -6.91 6.64 4.46
C ILE A 77 -6.95 7.55 5.68
N GLU A 78 -6.20 8.66 5.58
CA GLU A 78 -6.10 9.65 6.64
C GLU A 78 -5.66 9.01 7.94
N GLY A 79 -4.77 8.04 7.82
CA GLY A 79 -4.30 7.29 8.98
C GLY A 79 -2.90 6.77 8.77
N PRO A 80 -2.28 6.20 9.80
CA PRO A 80 -0.92 5.66 9.69
C PRO A 80 -0.87 4.30 9.00
N LEU A 81 0.18 4.09 8.22
CA LEU A 81 0.44 2.78 7.62
C LEU A 81 1.15 1.89 8.62
N CYS A 82 0.83 0.60 8.59
CA CYS A 82 1.50 -0.36 9.44
C CYS A 82 2.60 -1.08 8.66
N PRO A 83 3.87 -0.82 9.02
CA PRO A 83 5.02 -1.46 8.38
C PRO A 83 5.10 -2.95 8.69
N VAL A 84 4.87 -3.77 7.68
CA VAL A 84 4.89 -5.22 7.83
C VAL A 84 5.89 -5.81 6.82
N GLY A 85 6.37 -7.01 7.09
CA GLY A 85 7.22 -7.70 6.15
C GLY A 85 7.23 -9.18 6.37
N GLY A 7 15.08 -2.16 1.19
CA GLY A 7 14.30 -3.00 0.30
C GLY A 7 12.89 -2.47 0.10
N GLU A 8 11.98 -3.35 -0.30
CA GLU A 8 10.59 -2.98 -0.52
C GLU A 8 9.79 -3.16 0.77
N MET A 9 8.86 -2.26 1.01
CA MET A 9 8.10 -2.26 2.26
C MET A 9 6.65 -2.65 2.03
N THR A 10 6.14 -3.53 2.88
CA THR A 10 4.76 -3.96 2.80
C THR A 10 3.93 -3.30 3.90
N PHE A 11 2.71 -2.90 3.57
CA PHE A 11 1.82 -2.28 4.52
C PHE A 11 0.47 -2.97 4.50
N SER A 12 -0.26 -2.91 5.61
CA SER A 12 -1.53 -3.59 5.73
C SER A 12 -2.67 -2.68 5.26
N ILE A 13 -3.25 -3.01 4.11
CA ILE A 13 -4.36 -2.25 3.57
C ILE A 13 -5.68 -2.98 3.76
N PRO A 14 -6.59 -2.40 4.55
CA PRO A 14 -7.93 -2.95 4.78
C PRO A 14 -8.69 -3.25 3.49
N THR A 15 -9.18 -4.48 3.37
CA THR A 15 -9.96 -4.91 2.22
C THR A 15 -11.37 -4.28 2.25
N HIS A 16 -11.39 -2.96 2.18
CA HIS A 16 -12.62 -2.18 2.07
C HIS A 16 -12.25 -0.75 1.73
N LYS A 17 -11.00 -0.41 2.00
CA LYS A 17 -10.43 0.86 1.56
C LYS A 17 -9.67 0.64 0.27
N CYS A 18 -9.87 -0.54 -0.30
CA CYS A 18 -9.21 -0.95 -1.53
C CYS A 18 -9.88 -0.33 -2.75
N GLY A 19 -10.48 0.83 -2.55
CA GLY A 19 -11.02 1.59 -3.65
C GLY A 19 -10.54 3.04 -3.60
N LEU A 20 -10.39 3.56 -2.39
CA LEU A 20 -9.93 4.93 -2.22
C LEU A 20 -8.41 5.03 -2.36
N VAL A 21 -7.70 3.92 -2.16
CA VAL A 21 -6.27 3.88 -2.46
C VAL A 21 -5.99 2.91 -3.59
N ILE A 22 -6.72 1.81 -3.61
CA ILE A 22 -6.45 0.72 -4.52
C ILE A 22 -7.26 0.86 -5.80
N GLY A 23 -8.56 0.69 -5.70
CA GLY A 23 -9.40 0.85 -6.87
C GLY A 23 -9.84 -0.48 -7.44
N ARG A 24 -10.58 -1.24 -6.63
CA ARG A 24 -11.06 -2.58 -7.01
C ARG A 24 -9.87 -3.53 -7.25
N GLY A 25 -9.35 -3.52 -8.46
CA GLY A 25 -8.15 -4.28 -8.76
C GLY A 25 -6.91 -3.51 -8.39
N GLY A 26 -6.80 -2.30 -8.91
CA GLY A 26 -5.70 -1.43 -8.59
C GLY A 26 -5.60 -0.25 -9.53
N GLU A 27 -6.74 0.42 -9.73
CA GLU A 27 -6.81 1.59 -10.61
C GLU A 27 -6.03 2.77 -10.03
N ASN A 28 -6.16 2.95 -8.72
CA ASN A 28 -5.64 4.13 -8.06
C ASN A 28 -4.20 3.95 -7.61
N VAL A 29 -3.79 2.70 -7.41
CA VAL A 29 -2.43 2.42 -6.94
C VAL A 29 -1.38 2.84 -7.96
N LYS A 30 -1.74 2.74 -9.24
CA LYS A 30 -0.82 3.17 -10.30
C LYS A 30 -0.79 4.69 -10.38
N ALA A 31 -1.81 5.34 -9.85
CA ALA A 31 -1.83 6.79 -9.77
C ALA A 31 -0.93 7.24 -8.63
N ILE A 32 -0.96 6.48 -7.54
CA ILE A 32 -0.02 6.69 -6.45
C ILE A 32 1.40 6.61 -7.00
N ASN A 33 1.61 5.58 -7.83
CA ASN A 33 2.88 5.35 -8.50
C ASN A 33 3.27 6.56 -9.37
N GLN A 34 2.32 7.08 -10.13
CA GLN A 34 2.59 8.18 -11.04
C GLN A 34 2.91 9.47 -10.28
N GLN A 35 2.37 9.58 -9.07
CA GLN A 35 2.63 10.74 -8.22
C GLN A 35 3.99 10.61 -7.54
N THR A 36 4.39 9.38 -7.27
CA THR A 36 5.56 9.13 -6.44
C THR A 36 6.76 8.64 -7.24
N GLY A 37 6.70 7.38 -7.66
CA GLY A 37 7.83 6.75 -8.30
C GLY A 37 7.92 5.30 -7.92
N ALA A 38 7.40 4.98 -6.74
CA ALA A 38 7.44 3.61 -6.24
C ALA A 38 6.20 2.84 -6.68
N PHE A 39 6.38 1.55 -6.88
CA PHE A 39 5.33 0.68 -7.38
C PHE A 39 4.48 0.15 -6.23
N VAL A 40 3.18 0.41 -6.31
CA VAL A 40 2.25 -0.04 -5.29
C VAL A 40 1.58 -1.34 -5.73
N GLU A 41 2.19 -2.46 -5.31
CA GLU A 41 1.75 -3.79 -5.71
C GLU A 41 0.90 -4.43 -4.62
N ILE A 42 0.10 -5.42 -4.99
CA ILE A 42 -0.68 -6.16 -4.02
C ILE A 42 0.14 -7.34 -3.55
N SER A 43 0.30 -7.47 -2.24
CA SER A 43 1.25 -8.39 -1.67
C SER A 43 0.73 -9.83 -1.68
N ARG A 44 1.68 -10.76 -1.75
CA ARG A 44 1.37 -12.18 -1.72
C ARG A 44 1.56 -12.71 -0.30
N GLN A 45 2.10 -11.85 0.56
CA GLN A 45 2.43 -12.21 1.93
C GLN A 45 1.24 -12.03 2.86
N LEU A 46 1.38 -12.54 4.08
CA LEU A 46 0.35 -12.42 5.10
C LEU A 46 0.92 -11.67 6.30
N PRO A 47 0.06 -10.95 7.04
CA PRO A 47 0.50 -10.18 8.21
C PRO A 47 0.55 -11.04 9.46
N PRO A 48 1.20 -10.55 10.54
CA PRO A 48 1.34 -11.29 11.81
C PRO A 48 -0.01 -11.59 12.48
N ASN A 49 -1.10 -11.12 11.87
CA ASN A 49 -2.44 -11.42 12.35
C ASN A 49 -3.03 -12.62 11.60
N GLY A 50 -2.45 -12.91 10.44
CA GLY A 50 -2.92 -14.01 9.62
C GLY A 50 -4.31 -13.78 9.07
N ASP A 51 -4.69 -12.51 8.93
CA ASP A 51 -6.04 -12.17 8.51
C ASP A 51 -6.03 -11.63 7.09
N PRO A 52 -6.83 -12.25 6.19
CA PRO A 52 -6.91 -11.86 4.78
C PRO A 52 -7.90 -10.72 4.52
N ASN A 53 -8.51 -10.18 5.57
CA ASN A 53 -9.39 -9.02 5.45
C ASN A 53 -8.53 -7.75 5.43
N PHE A 54 -7.24 -7.97 5.62
CA PHE A 54 -6.25 -6.93 5.47
C PHE A 54 -5.36 -7.28 4.29
N LYS A 55 -5.70 -6.74 3.14
CA LYS A 55 -4.97 -6.99 1.90
C LYS A 55 -3.68 -6.18 1.89
N LEU A 56 -2.58 -6.87 2.04
CA LEU A 56 -1.30 -6.22 2.20
C LEU A 56 -0.82 -5.67 0.86
N PHE A 57 -0.16 -4.53 0.92
CA PHE A 57 0.32 -3.87 -0.27
C PHE A 57 1.82 -3.61 -0.17
N ILE A 58 2.54 -3.93 -1.23
CA ILE A 58 3.97 -3.73 -1.28
C ILE A 58 4.28 -2.46 -2.03
N ILE A 59 4.92 -1.53 -1.37
CA ILE A 59 5.38 -0.36 -2.06
C ILE A 59 6.86 -0.56 -2.34
N ARG A 60 7.17 -0.91 -3.56
CA ARG A 60 8.52 -1.31 -3.90
C ARG A 60 9.19 -0.30 -4.81
N GLY A 61 10.48 -0.12 -4.58
CA GLY A 61 11.23 0.90 -5.28
C GLY A 61 12.37 1.39 -4.43
N SER A 62 12.77 2.63 -4.63
CA SER A 62 13.79 3.23 -3.81
C SER A 62 13.19 3.75 -2.51
N PRO A 63 13.89 3.61 -1.37
CA PRO A 63 13.39 3.98 -0.03
C PRO A 63 12.61 5.30 -0.02
N GLN A 64 13.18 6.34 -0.63
CA GLN A 64 12.58 7.67 -0.60
C GLN A 64 11.30 7.73 -1.44
N GLN A 65 11.16 6.82 -2.38
CA GLN A 65 9.95 6.71 -3.18
C GLN A 65 8.87 5.99 -2.38
N ILE A 66 9.27 4.86 -1.79
CA ILE A 66 8.37 4.06 -0.98
C ILE A 66 7.69 4.86 0.11
N ASP A 67 8.50 5.50 0.95
CA ASP A 67 7.97 6.25 2.08
C ASP A 67 7.10 7.42 1.60
N HIS A 68 7.50 8.00 0.48
CA HIS A 68 6.73 9.07 -0.14
C HIS A 68 5.33 8.58 -0.47
N ALA A 69 5.27 7.44 -1.16
CA ALA A 69 4.00 6.83 -1.55
C ALA A 69 3.16 6.50 -0.31
N LYS A 70 3.83 5.94 0.69
CA LYS A 70 3.22 5.63 1.98
C LYS A 70 2.45 6.82 2.53
N GLN A 71 3.02 8.01 2.39
CA GLN A 71 2.41 9.22 2.93
C GLN A 71 1.11 9.56 2.21
N LEU A 72 1.16 9.59 0.87
CA LEU A 72 -0.05 9.81 0.09
C LEU A 72 -1.12 8.77 0.43
N ILE A 73 -0.70 7.53 0.58
CA ILE A 73 -1.63 6.44 0.91
C ILE A 73 -2.26 6.66 2.29
N GLU A 74 -1.43 7.02 3.26
CA GLU A 74 -1.91 7.28 4.61
C GLU A 74 -2.88 8.45 4.65
N GLU A 75 -2.78 9.33 3.67
CA GLU A 75 -3.69 10.47 3.58
C GLU A 75 -4.95 10.09 2.82
N LYS A 76 -4.84 9.14 1.90
CA LYS A 76 -6.02 8.64 1.20
C LYS A 76 -6.96 7.97 2.20
N ILE A 77 -6.37 7.18 3.09
CA ILE A 77 -7.14 6.48 4.10
C ILE A 77 -7.33 7.35 5.34
N GLU A 78 -6.50 8.39 5.44
CA GLU A 78 -6.47 9.30 6.57
C GLU A 78 -6.16 8.54 7.86
N GLY A 79 -5.15 7.68 7.80
CA GLY A 79 -4.82 6.84 8.93
C GLY A 79 -3.37 6.40 8.89
N PRO A 80 -2.84 5.89 10.01
CA PRO A 80 -1.46 5.45 10.10
C PRO A 80 -1.26 4.02 9.59
N LEU A 81 -0.26 3.83 8.75
CA LEU A 81 0.06 2.50 8.24
C LEU A 81 1.36 1.99 8.86
N CYS A 82 1.33 0.74 9.27
CA CYS A 82 2.48 0.12 9.90
C CYS A 82 3.23 -0.77 8.91
N PRO A 83 4.57 -0.76 8.96
CA PRO A 83 5.40 -1.63 8.13
C PRO A 83 5.22 -3.09 8.51
N VAL A 84 4.74 -3.88 7.55
CA VAL A 84 4.42 -5.27 7.81
C VAL A 84 5.42 -6.22 7.17
N GLY A 85 5.91 -7.15 7.98
CA GLY A 85 6.69 -8.25 7.48
C GLY A 85 6.10 -9.56 7.95
N GLY A 7 13.77 -2.87 -3.20
CA GLY A 7 13.31 -2.57 -1.86
C GLY A 7 11.81 -2.55 -1.80
N GLU A 8 11.23 -3.71 -1.57
CA GLU A 8 9.78 -3.85 -1.56
C GLU A 8 9.24 -3.75 -0.13
N MET A 9 9.03 -2.53 0.35
CA MET A 9 8.48 -2.34 1.69
C MET A 9 7.00 -2.72 1.70
N THR A 10 6.62 -3.54 2.65
CA THR A 10 5.26 -4.07 2.68
C THR A 10 4.48 -3.56 3.89
N PHE A 11 3.28 -3.06 3.63
CA PHE A 11 2.40 -2.53 4.67
C PHE A 11 1.11 -3.33 4.68
N SER A 12 0.18 -3.01 5.57
CA SER A 12 -1.09 -3.69 5.63
C SER A 12 -2.25 -2.81 5.16
N ILE A 13 -2.93 -3.24 4.12
CA ILE A 13 -4.07 -2.51 3.58
C ILE A 13 -5.37 -3.30 3.81
N PRO A 14 -6.26 -2.75 4.63
CA PRO A 14 -7.58 -3.31 4.88
C PRO A 14 -8.34 -3.62 3.59
N THR A 15 -8.92 -4.81 3.55
CA THR A 15 -9.67 -5.26 2.38
C THR A 15 -10.89 -4.37 2.11
N HIS A 16 -11.42 -3.72 3.15
CA HIS A 16 -12.55 -2.82 2.97
C HIS A 16 -12.09 -1.48 2.38
N LYS A 17 -10.78 -1.20 2.47
CA LYS A 17 -10.24 0.03 1.90
C LYS A 17 -9.61 -0.22 0.54
N CYS A 18 -9.74 -1.44 0.04
CA CYS A 18 -9.14 -1.82 -1.23
C CYS A 18 -9.87 -1.17 -2.41
N GLY A 19 -10.80 -0.28 -2.10
CA GLY A 19 -11.49 0.44 -3.14
C GLY A 19 -11.15 1.92 -3.16
N LEU A 20 -10.90 2.50 -1.98
CA LEU A 20 -10.65 3.93 -1.90
C LEU A 20 -9.20 4.26 -2.26
N VAL A 21 -8.27 3.37 -1.95
CA VAL A 21 -6.87 3.58 -2.30
C VAL A 21 -6.47 2.76 -3.50
N ILE A 22 -7.16 1.66 -3.69
CA ILE A 22 -6.77 0.68 -4.68
C ILE A 22 -7.62 0.82 -5.94
N GLY A 23 -8.92 0.91 -5.75
CA GLY A 23 -9.83 1.07 -6.87
C GLY A 23 -10.18 -0.26 -7.50
N ARG A 24 -10.15 -0.31 -8.82
CA ARG A 24 -10.38 -1.56 -9.54
C ARG A 24 -9.04 -2.27 -9.77
N GLY A 25 -8.75 -3.27 -8.94
CA GLY A 25 -7.51 -4.00 -9.06
C GLY A 25 -6.32 -3.23 -8.53
N GLY A 26 -6.13 -2.03 -9.05
CA GLY A 26 -5.09 -1.13 -8.57
C GLY A 26 -5.00 0.12 -9.41
N GLU A 27 -6.14 0.62 -9.85
CA GLU A 27 -6.21 1.78 -10.73
C GLU A 27 -5.77 3.04 -9.98
N ASN A 28 -6.19 3.14 -8.72
CA ASN A 28 -5.85 4.29 -7.89
C ASN A 28 -4.42 4.18 -7.42
N VAL A 29 -3.93 2.95 -7.34
CA VAL A 29 -2.59 2.68 -6.84
C VAL A 29 -1.53 3.10 -7.84
N LYS A 30 -1.83 2.96 -9.13
CA LYS A 30 -0.87 3.34 -10.16
C LYS A 30 -0.72 4.86 -10.21
N ALA A 31 -1.69 5.57 -9.66
CA ALA A 31 -1.61 7.02 -9.57
C ALA A 31 -0.69 7.41 -8.41
N ILE A 32 -0.64 6.58 -7.39
CA ILE A 32 0.31 6.78 -6.30
C ILE A 32 1.72 6.75 -6.86
N ASN A 33 1.95 5.76 -7.72
CA ASN A 33 3.24 5.59 -8.40
C ASN A 33 3.59 6.84 -9.20
N GLN A 34 2.66 7.30 -10.05
CA GLN A 34 2.93 8.43 -10.93
C GLN A 34 3.24 9.71 -10.13
N GLN A 35 2.67 9.79 -8.94
CA GLN A 35 2.92 10.93 -8.06
C GLN A 35 4.25 10.80 -7.34
N THR A 36 4.71 9.57 -7.17
CA THR A 36 5.87 9.32 -6.34
C THR A 36 7.09 8.89 -7.15
N GLY A 37 7.09 7.63 -7.59
CA GLY A 37 8.24 7.08 -8.27
C GLY A 37 8.38 5.59 -7.99
N ALA A 38 7.83 5.16 -6.87
CA ALA A 38 7.90 3.77 -6.47
C ALA A 38 6.73 2.98 -7.03
N PHE A 39 6.95 1.70 -7.26
CA PHE A 39 5.94 0.84 -7.82
C PHE A 39 5.13 0.18 -6.71
N VAL A 40 3.89 0.60 -6.56
CA VAL A 40 3.02 0.03 -5.55
C VAL A 40 2.16 -1.07 -6.15
N GLU A 41 2.27 -2.26 -5.56
CA GLU A 41 1.54 -3.43 -6.02
C GLU A 41 0.92 -4.17 -4.83
N ILE A 42 0.27 -5.29 -5.08
CA ILE A 42 -0.45 -6.01 -4.03
C ILE A 42 0.38 -7.19 -3.54
N SER A 43 0.36 -7.44 -2.24
CA SER A 43 1.09 -8.56 -1.67
C SER A 43 0.18 -9.75 -1.44
N ARG A 44 0.78 -10.92 -1.33
CA ARG A 44 0.05 -12.16 -1.15
C ARG A 44 0.29 -12.71 0.26
N GLN A 45 1.00 -11.94 1.06
CA GLN A 45 1.34 -12.34 2.43
C GLN A 45 0.26 -11.92 3.41
N LEU A 46 0.17 -12.63 4.52
CA LEU A 46 -0.75 -12.29 5.59
C LEU A 46 -0.04 -11.51 6.68
N PRO A 47 -0.78 -10.63 7.37
CA PRO A 47 -0.23 -9.88 8.51
C PRO A 47 0.00 -10.79 9.71
N PRO A 48 0.64 -10.29 10.79
CA PRO A 48 0.94 -11.09 11.98
C PRO A 48 -0.33 -11.56 12.70
N ASN A 49 -1.48 -11.18 12.18
CA ASN A 49 -2.76 -11.60 12.72
C ASN A 49 -3.33 -12.76 11.90
N GLY A 50 -2.84 -12.90 10.67
CA GLY A 50 -3.30 -13.96 9.78
C GLY A 50 -4.75 -13.78 9.35
N ASP A 51 -5.23 -12.55 9.42
CA ASP A 51 -6.60 -12.24 9.04
C ASP A 51 -6.66 -11.76 7.59
N PRO A 52 -7.64 -12.27 6.81
CA PRO A 52 -7.79 -11.93 5.40
C PRO A 52 -8.46 -10.58 5.16
N ASN A 53 -8.73 -9.86 6.25
CA ASN A 53 -9.32 -8.54 6.17
C ASN A 53 -8.25 -7.46 6.17
N PHE A 54 -6.99 -7.88 6.16
CA PHE A 54 -5.86 -6.99 6.01
C PHE A 54 -4.89 -7.54 4.98
N LYS A 55 -5.10 -7.18 3.74
CA LYS A 55 -4.22 -7.64 2.67
C LYS A 55 -3.00 -6.75 2.58
N LEU A 56 -1.83 -7.36 2.58
CA LEU A 56 -0.58 -6.64 2.55
C LEU A 56 -0.38 -5.93 1.21
N PHE A 57 0.25 -4.78 1.26
CA PHE A 57 0.51 -3.99 0.07
C PHE A 57 2.01 -3.78 -0.10
N ILE A 58 2.48 -3.88 -1.33
CA ILE A 58 3.89 -3.77 -1.63
C ILE A 58 4.21 -2.43 -2.24
N ILE A 59 5.21 -1.76 -1.72
CA ILE A 59 5.72 -0.57 -2.36
C ILE A 59 7.17 -0.77 -2.69
N ARG A 60 7.46 -1.14 -3.92
CA ARG A 60 8.82 -1.47 -4.30
C ARG A 60 9.52 -0.30 -4.97
N GLY A 61 10.69 0.05 -4.47
CA GLY A 61 11.44 1.15 -5.02
C GLY A 61 12.62 1.51 -4.15
N SER A 62 12.55 2.69 -3.55
CA SER A 62 13.59 3.18 -2.67
C SER A 62 12.94 3.90 -1.50
N PRO A 63 13.61 3.92 -0.32
CA PRO A 63 13.05 4.48 0.92
C PRO A 63 12.29 5.79 0.73
N GLN A 64 12.89 6.75 0.04
CA GLN A 64 12.28 8.08 -0.10
C GLN A 64 11.06 8.04 -1.02
N GLN A 65 11.08 7.18 -2.02
CA GLN A 65 9.95 7.05 -2.93
C GLN A 65 8.85 6.22 -2.28
N ILE A 66 9.23 5.13 -1.64
CA ILE A 66 8.30 4.28 -0.91
C ILE A 66 7.57 5.06 0.17
N ASP A 67 8.34 5.76 1.01
CA ASP A 67 7.77 6.53 2.11
C ASP A 67 6.88 7.64 1.58
N HIS A 68 7.28 8.21 0.45
CA HIS A 68 6.48 9.24 -0.21
C HIS A 68 5.13 8.65 -0.61
N ALA A 69 5.15 7.51 -1.29
CA ALA A 69 3.92 6.83 -1.72
C ALA A 69 3.05 6.50 -0.53
N LYS A 70 3.68 5.98 0.52
CA LYS A 70 3.03 5.67 1.77
C LYS A 70 2.24 6.87 2.30
N GLN A 71 2.83 8.06 2.17
CA GLN A 71 2.22 9.27 2.68
C GLN A 71 0.91 9.59 1.94
N LEU A 72 0.95 9.58 0.61
CA LEU A 72 -0.25 9.78 -0.19
C LEU A 72 -1.34 8.78 0.17
N ILE A 73 -0.94 7.54 0.44
CA ILE A 73 -1.89 6.51 0.81
C ILE A 73 -2.47 6.79 2.20
N GLU A 74 -1.62 7.23 3.12
CA GLU A 74 -2.05 7.60 4.45
C GLU A 74 -2.92 8.84 4.42
N GLU A 75 -2.86 9.58 3.32
CA GLU A 75 -3.72 10.72 3.13
C GLU A 75 -5.07 10.27 2.55
N LYS A 76 -5.02 9.24 1.72
CA LYS A 76 -6.23 8.65 1.16
C LYS A 76 -7.07 8.02 2.26
N ILE A 77 -6.44 7.17 3.05
CA ILE A 77 -7.12 6.47 4.14
C ILE A 77 -7.17 7.34 5.39
N GLU A 78 -6.33 8.38 5.37
CA GLU A 78 -6.26 9.37 6.44
C GLU A 78 -5.82 8.73 7.75
N GLY A 79 -4.97 7.73 7.65
CA GLY A 79 -4.47 7.03 8.82
C GLY A 79 -3.08 6.48 8.60
N PRO A 80 -2.29 6.33 9.67
CA PRO A 80 -0.92 5.81 9.56
C PRO A 80 -0.89 4.32 9.24
N LEU A 81 -0.04 3.94 8.28
CA LEU A 81 0.11 2.56 7.87
C LEU A 81 1.24 1.89 8.65
N CYS A 82 1.09 0.58 8.86
CA CYS A 82 2.07 -0.19 9.60
C CYS A 82 2.84 -1.12 8.66
N PRO A 83 4.17 -1.11 8.76
CA PRO A 83 5.03 -2.06 8.04
C PRO A 83 4.85 -3.47 8.60
N VAL A 84 4.76 -4.46 7.73
CA VAL A 84 4.47 -5.83 8.15
C VAL A 84 5.70 -6.71 8.08
N GLY A 85 6.13 -7.06 6.87
CA GLY A 85 7.25 -7.96 6.73
C GLY A 85 8.52 -7.23 6.37
N GLY A 7 13.74 -3.81 -1.17
CA GLY A 7 13.24 -2.65 -1.87
C GLY A 7 11.73 -2.57 -1.83
N GLU A 8 11.10 -3.71 -1.61
CA GLU A 8 9.66 -3.76 -1.48
C GLU A 8 9.26 -3.59 -0.02
N MET A 9 8.54 -2.51 0.26
CA MET A 9 8.05 -2.24 1.61
C MET A 9 6.59 -2.64 1.71
N THR A 10 6.26 -3.50 2.65
CA THR A 10 4.90 -4.00 2.77
C THR A 10 4.17 -3.38 3.96
N PHE A 11 2.92 -2.99 3.75
CA PHE A 11 2.07 -2.44 4.79
C PHE A 11 0.79 -3.29 4.90
N SER A 12 -0.10 -2.93 5.81
CA SER A 12 -1.35 -3.66 5.97
C SER A 12 -2.53 -2.78 5.56
N ILE A 13 -3.26 -3.22 4.54
CA ILE A 13 -4.39 -2.46 4.03
C ILE A 13 -5.69 -3.27 4.11
N PRO A 14 -6.65 -2.77 4.90
CA PRO A 14 -8.01 -3.29 4.97
C PRO A 14 -8.64 -3.51 3.60
N THR A 15 -9.32 -4.63 3.46
CA THR A 15 -9.97 -5.00 2.21
C THR A 15 -11.08 -4.01 1.84
N HIS A 16 -11.70 -3.39 2.84
CA HIS A 16 -12.75 -2.41 2.57
C HIS A 16 -12.15 -1.11 2.03
N LYS A 17 -10.85 -0.90 2.27
CA LYS A 17 -10.17 0.29 1.76
C LYS A 17 -9.51 0.04 0.41
N CYS A 18 -9.75 -1.12 -0.19
CA CYS A 18 -9.10 -1.47 -1.45
C CYS A 18 -9.78 -0.81 -2.63
N GLY A 19 -10.44 0.31 -2.38
CA GLY A 19 -10.98 1.09 -3.46
C GLY A 19 -10.52 2.53 -3.41
N LEU A 20 -10.29 3.02 -2.19
CA LEU A 20 -9.84 4.40 -2.01
C LEU A 20 -8.32 4.50 -2.22
N VAL A 21 -7.60 3.40 -1.99
CA VAL A 21 -6.16 3.37 -2.30
C VAL A 21 -5.84 2.40 -3.40
N ILE A 22 -6.61 1.33 -3.51
CA ILE A 22 -6.32 0.29 -4.47
C ILE A 22 -7.13 0.49 -5.75
N GLY A 23 -8.46 0.40 -5.63
CA GLY A 23 -9.31 0.61 -6.78
C GLY A 23 -9.70 -0.69 -7.45
N ARG A 24 -10.33 -0.59 -8.61
CA ARG A 24 -10.69 -1.77 -9.40
C ARG A 24 -9.44 -2.57 -9.78
N GLY A 25 -9.16 -3.61 -9.02
CA GLY A 25 -7.97 -4.40 -9.23
C GLY A 25 -6.73 -3.71 -8.68
N GLY A 26 -6.53 -2.48 -9.14
CA GLY A 26 -5.42 -1.67 -8.68
C GLY A 26 -5.23 -0.47 -9.58
N GLU A 27 -6.29 0.31 -9.72
CA GLU A 27 -6.27 1.47 -10.60
C GLU A 27 -5.69 2.68 -9.88
N ASN A 28 -6.00 2.81 -8.60
CA ASN A 28 -5.55 3.94 -7.81
C ASN A 28 -4.08 3.80 -7.42
N VAL A 29 -3.62 2.56 -7.29
CA VAL A 29 -2.25 2.30 -6.86
C VAL A 29 -1.25 2.73 -7.92
N LYS A 30 -1.65 2.68 -9.19
CA LYS A 30 -0.76 3.07 -10.27
C LYS A 30 -0.58 4.58 -10.27
N ALA A 31 -1.58 5.29 -9.77
CA ALA A 31 -1.52 6.74 -9.70
C ALA A 31 -0.66 7.18 -8.52
N ILE A 32 -0.62 6.35 -7.48
CA ILE A 32 0.31 6.60 -6.38
C ILE A 32 1.72 6.58 -6.93
N ASN A 33 1.98 5.59 -7.76
CA ASN A 33 3.28 5.40 -8.42
C ASN A 33 3.69 6.66 -9.18
N GLN A 34 2.81 7.15 -10.06
CA GLN A 34 3.12 8.29 -10.90
C GLN A 34 3.32 9.56 -10.07
N GLN A 35 2.65 9.63 -8.94
CA GLN A 35 2.82 10.74 -8.01
C GLN A 35 4.14 10.64 -7.24
N THR A 36 4.65 9.43 -7.12
CA THR A 36 5.77 9.19 -6.22
C THR A 36 7.05 8.76 -6.94
N GLY A 37 7.06 7.54 -7.43
CA GLY A 37 8.27 6.99 -8.01
C GLY A 37 8.34 5.50 -7.80
N ALA A 38 7.80 5.04 -6.68
CA ALA A 38 7.83 3.63 -6.34
C ALA A 38 6.67 2.90 -6.96
N PHE A 39 6.86 1.61 -7.19
CA PHE A 39 5.84 0.77 -7.81
C PHE A 39 4.96 0.16 -6.74
N VAL A 40 3.69 0.53 -6.73
CA VAL A 40 2.76 0.00 -5.76
C VAL A 40 2.03 -1.22 -6.32
N GLU A 41 2.16 -2.32 -5.61
CA GLU A 41 1.50 -3.57 -5.98
C GLU A 41 0.88 -4.22 -4.74
N ILE A 42 0.18 -5.33 -4.92
CA ILE A 42 -0.51 -5.99 -3.82
C ILE A 42 0.23 -7.29 -3.46
N SER A 43 0.37 -7.56 -2.17
CA SER A 43 1.18 -8.67 -1.70
C SER A 43 0.35 -9.93 -1.54
N ARG A 44 1.05 -11.06 -1.49
CA ARG A 44 0.42 -12.36 -1.33
C ARG A 44 0.65 -12.88 0.08
N GLN A 45 1.14 -12.01 0.95
CA GLN A 45 1.46 -12.39 2.32
C GLN A 45 0.25 -12.25 3.23
N LEU A 46 0.27 -12.98 4.33
CA LEU A 46 -0.70 -12.81 5.40
C LEU A 46 -0.11 -11.94 6.49
N PRO A 47 -0.92 -11.14 7.17
CA PRO A 47 -0.47 -10.28 8.26
C PRO A 47 -0.10 -11.11 9.49
N PRO A 48 0.51 -10.50 10.52
CA PRO A 48 0.75 -11.19 11.79
C PRO A 48 -0.53 -11.82 12.34
N ASN A 49 -1.65 -11.15 12.09
CA ASN A 49 -2.96 -11.62 12.51
C ASN A 49 -3.38 -12.83 11.69
N GLY A 50 -2.85 -12.89 10.46
CA GLY A 50 -3.23 -13.94 9.52
C GLY A 50 -4.68 -13.85 9.11
N ASP A 51 -5.20 -12.63 9.07
CA ASP A 51 -6.60 -12.41 8.73
C ASP A 51 -6.74 -11.89 7.30
N PRO A 52 -7.64 -12.50 6.51
CA PRO A 52 -7.79 -12.19 5.09
C PRO A 52 -8.38 -10.80 4.81
N ASN A 53 -8.91 -10.15 5.84
CA ASN A 53 -9.50 -8.82 5.66
C ASN A 53 -8.40 -7.77 5.63
N PHE A 54 -7.21 -8.15 6.09
CA PHE A 54 -6.06 -7.27 6.04
C PHE A 54 -5.13 -7.73 4.94
N LYS A 55 -5.12 -7.00 3.84
CA LYS A 55 -4.33 -7.36 2.68
C LYS A 55 -3.02 -6.59 2.66
N LEU A 56 -1.93 -7.29 2.44
CA LEU A 56 -0.61 -6.70 2.49
C LEU A 56 -0.38 -5.85 1.24
N PHE A 57 0.06 -4.63 1.48
CA PHE A 57 0.21 -3.62 0.43
C PHE A 57 1.69 -3.40 0.14
N ILE A 58 2.10 -3.55 -1.11
CA ILE A 58 3.51 -3.45 -1.46
C ILE A 58 3.84 -2.12 -2.12
N ILE A 59 4.86 -1.46 -1.62
CA ILE A 59 5.43 -0.33 -2.31
C ILE A 59 6.90 -0.62 -2.57
N ARG A 60 7.24 -0.91 -3.80
CA ARG A 60 8.60 -1.33 -4.13
C ARG A 60 9.37 -0.20 -4.81
N GLY A 61 10.52 0.13 -4.26
CA GLY A 61 11.34 1.20 -4.81
C GLY A 61 12.35 1.71 -3.80
N SER A 62 12.81 2.92 -4.00
CA SER A 62 13.73 3.55 -3.05
C SER A 62 12.96 4.13 -1.87
N PRO A 63 13.54 4.09 -0.66
CA PRO A 63 12.89 4.61 0.56
C PRO A 63 12.13 5.92 0.34
N GLN A 64 12.79 6.90 -0.27
CA GLN A 64 12.18 8.21 -0.51
C GLN A 64 10.88 8.07 -1.31
N GLN A 65 10.88 7.17 -2.28
CA GLN A 65 9.74 7.00 -3.17
C GLN A 65 8.65 6.20 -2.47
N ILE A 66 9.06 5.19 -1.72
CA ILE A 66 8.15 4.36 -0.94
C ILE A 66 7.49 5.18 0.16
N ASP A 67 8.31 5.85 0.94
CA ASP A 67 7.84 6.63 2.09
C ASP A 67 6.94 7.77 1.63
N HIS A 68 7.30 8.34 0.47
CA HIS A 68 6.46 9.36 -0.15
C HIS A 68 5.09 8.76 -0.49
N ALA A 69 5.11 7.62 -1.17
CA ALA A 69 3.87 6.92 -1.53
C ALA A 69 3.04 6.62 -0.30
N LYS A 70 3.71 6.20 0.76
CA LYS A 70 3.09 5.94 2.05
C LYS A 70 2.25 7.13 2.50
N GLN A 71 2.81 8.33 2.34
CA GLN A 71 2.14 9.55 2.79
C GLN A 71 0.83 9.77 2.03
N LEU A 72 0.87 9.65 0.71
CA LEU A 72 -0.34 9.74 -0.10
C LEU A 72 -1.38 8.73 0.36
N ILE A 73 -0.94 7.51 0.65
CA ILE A 73 -1.83 6.46 1.11
C ILE A 73 -2.43 6.82 2.47
N GLU A 74 -1.60 7.37 3.34
CA GLU A 74 -2.04 7.79 4.66
C GLU A 74 -2.97 8.99 4.58
N GLU A 75 -3.02 9.62 3.42
CA GLU A 75 -3.95 10.72 3.16
C GLU A 75 -5.25 10.15 2.61
N LYS A 76 -5.15 9.07 1.83
CA LYS A 76 -6.33 8.39 1.32
C LYS A 76 -7.11 7.76 2.46
N ILE A 77 -6.39 7.07 3.33
CA ILE A 77 -6.99 6.37 4.45
C ILE A 77 -7.06 7.27 5.67
N GLU A 78 -6.27 8.34 5.64
CA GLU A 78 -6.16 9.28 6.74
C GLU A 78 -5.80 8.56 8.04
N GLY A 79 -4.78 7.73 7.95
CA GLY A 79 -4.31 6.96 9.09
C GLY A 79 -2.89 6.50 8.92
N PRO A 80 -2.12 6.47 10.00
CA PRO A 80 -0.71 6.06 9.97
C PRO A 80 -0.53 4.58 9.66
N LEU A 81 0.30 4.29 8.67
CA LEU A 81 0.57 2.91 8.27
C LEU A 81 1.85 2.39 8.90
N CYS A 82 1.85 1.10 9.20
CA CYS A 82 2.99 0.43 9.81
C CYS A 82 3.65 -0.53 8.82
N PRO A 83 4.98 -0.41 8.64
CA PRO A 83 5.74 -1.33 7.79
C PRO A 83 5.79 -2.74 8.38
N VAL A 84 5.37 -3.72 7.60
CA VAL A 84 5.32 -5.11 8.06
C VAL A 84 6.44 -5.93 7.41
N GLY A 85 6.22 -6.33 6.15
CA GLY A 85 7.17 -7.20 5.48
C GLY A 85 7.26 -8.57 6.13
N GLY A 7 14.98 -2.14 -0.53
CA GLY A 7 14.08 -3.17 -1.03
C GLY A 7 12.63 -2.78 -0.89
N GLU A 8 11.80 -3.75 -0.54
CA GLU A 8 10.36 -3.54 -0.44
C GLU A 8 9.97 -3.11 0.97
N MET A 9 8.98 -2.24 1.07
CA MET A 9 8.34 -1.93 2.34
C MET A 9 6.88 -2.29 2.26
N THR A 10 6.44 -3.19 3.12
CA THR A 10 5.07 -3.66 3.10
C THR A 10 4.25 -2.95 4.16
N PHE A 11 3.00 -2.67 3.84
CA PHE A 11 2.07 -2.07 4.79
C PHE A 11 0.78 -2.86 4.80
N SER A 12 -0.13 -2.55 5.70
CA SER A 12 -1.37 -3.30 5.82
C SER A 12 -2.56 -2.49 5.30
N ILE A 13 -3.19 -3.00 4.25
CA ILE A 13 -4.37 -2.35 3.68
C ILE A 13 -5.62 -3.20 3.91
N PRO A 14 -6.51 -2.70 4.77
CA PRO A 14 -7.81 -3.31 5.03
C PRO A 14 -8.55 -3.81 3.79
N THR A 15 -9.13 -4.99 3.91
CA THR A 15 -9.90 -5.62 2.84
C THR A 15 -11.09 -4.74 2.41
N HIS A 16 -11.49 -3.78 3.25
CA HIS A 16 -12.59 -2.88 2.91
C HIS A 16 -12.08 -1.60 2.24
N LYS A 17 -10.79 -1.28 2.41
CA LYS A 17 -10.23 -0.06 1.82
C LYS A 17 -9.55 -0.36 0.50
N CYS A 18 -9.68 -1.60 0.05
CA CYS A 18 -9.06 -2.06 -1.19
C CYS A 18 -9.76 -1.46 -2.42
N GLY A 19 -10.53 -0.40 -2.19
CA GLY A 19 -11.20 0.29 -3.27
C GLY A 19 -10.85 1.76 -3.32
N LEU A 20 -10.69 2.38 -2.15
CA LEU A 20 -10.43 3.81 -2.09
C LEU A 20 -8.96 4.12 -2.36
N VAL A 21 -8.07 3.27 -1.86
CA VAL A 21 -6.63 3.47 -2.10
C VAL A 21 -6.18 2.66 -3.28
N ILE A 22 -6.92 1.61 -3.56
CA ILE A 22 -6.53 0.68 -4.60
C ILE A 22 -7.22 1.06 -5.89
N GLY A 23 -8.54 0.96 -5.90
CA GLY A 23 -9.32 1.36 -7.06
C GLY A 23 -10.17 0.23 -7.58
N ARG A 24 -10.72 0.40 -8.78
CA ARG A 24 -11.51 -0.65 -9.42
C ARG A 24 -10.60 -1.80 -9.81
N GLY A 25 -9.57 -1.48 -10.58
CA GLY A 25 -8.54 -2.45 -10.91
C GLY A 25 -7.17 -1.92 -10.53
N GLY A 26 -7.14 -1.15 -9.46
CA GLY A 26 -5.92 -0.49 -9.05
C GLY A 26 -5.78 0.88 -9.69
N GLU A 27 -6.89 1.61 -9.73
CA GLU A 27 -6.94 2.92 -10.37
C GLU A 27 -6.10 3.94 -9.61
N ASN A 28 -6.08 3.83 -8.30
CA ASN A 28 -5.38 4.81 -7.47
C ASN A 28 -3.92 4.44 -7.30
N VAL A 29 -3.65 3.16 -7.09
CA VAL A 29 -2.28 2.70 -6.81
C VAL A 29 -1.34 2.96 -7.97
N LYS A 30 -1.85 2.92 -9.20
CA LYS A 30 -1.05 3.17 -10.38
C LYS A 30 -0.64 4.64 -10.42
N ALA A 31 -1.52 5.51 -9.93
CA ALA A 31 -1.27 6.95 -9.93
C ALA A 31 -0.31 7.32 -8.81
N ILE A 32 -0.38 6.57 -7.71
CA ILE A 32 0.59 6.72 -6.64
C ILE A 32 1.98 6.57 -7.20
N ASN A 33 2.14 5.52 -8.01
CA ASN A 33 3.39 5.22 -8.69
C ASN A 33 3.85 6.42 -9.52
N GLN A 34 2.93 6.96 -10.32
CA GLN A 34 3.24 8.09 -11.19
C GLN A 34 3.74 9.28 -10.40
N GLN A 35 3.14 9.51 -9.24
CA GLN A 35 3.51 10.63 -8.40
C GLN A 35 4.85 10.39 -7.72
N THR A 36 5.20 9.13 -7.51
CA THR A 36 6.33 8.80 -6.66
C THR A 36 7.47 8.15 -7.44
N GLY A 37 7.22 6.97 -7.97
CA GLY A 37 8.24 6.18 -8.62
C GLY A 37 8.26 4.77 -8.10
N ALA A 38 7.60 4.57 -6.97
CA ALA A 38 7.58 3.26 -6.31
C ALA A 38 6.41 2.43 -6.78
N PHE A 39 6.61 1.14 -6.83
CA PHE A 39 5.59 0.21 -7.26
C PHE A 39 4.72 -0.22 -6.08
N VAL A 40 3.50 0.29 -6.04
CA VAL A 40 2.55 -0.07 -4.99
C VAL A 40 1.78 -1.32 -5.39
N GLU A 41 2.38 -2.46 -5.09
CA GLU A 41 1.88 -3.76 -5.51
C GLU A 41 0.96 -4.35 -4.45
N ILE A 42 -0.03 -5.12 -4.89
CA ILE A 42 -0.90 -5.81 -3.97
C ILE A 42 -0.19 -7.06 -3.46
N SER A 43 0.04 -7.12 -2.17
CA SER A 43 0.88 -8.16 -1.59
C SER A 43 0.14 -9.48 -1.48
N ARG A 44 0.90 -10.56 -1.56
CA ARG A 44 0.36 -11.91 -1.44
C ARG A 44 0.63 -12.43 -0.04
N GLN A 45 1.16 -11.54 0.80
CA GLN A 45 1.53 -11.87 2.17
C GLN A 45 0.38 -11.62 3.12
N LEU A 46 0.23 -12.50 4.10
CA LEU A 46 -0.76 -12.31 5.16
C LEU A 46 -0.08 -11.69 6.38
N PRO A 47 -0.85 -10.97 7.21
CA PRO A 47 -0.33 -10.41 8.45
C PRO A 47 0.00 -11.53 9.43
N PRO A 48 0.84 -11.27 10.46
CA PRO A 48 1.31 -12.29 11.41
C PRO A 48 0.21 -12.85 12.32
N ASN A 49 -0.94 -13.13 11.72
CA ASN A 49 -2.08 -13.75 12.37
C ASN A 49 -2.83 -14.63 11.39
N GLY A 50 -2.52 -14.45 10.10
CA GLY A 50 -3.29 -15.10 9.05
C GLY A 50 -4.68 -14.49 8.94
N ASP A 51 -4.74 -13.18 9.16
CA ASP A 51 -6.00 -12.45 9.20
C ASP A 51 -6.41 -12.01 7.80
N PRO A 52 -7.60 -12.44 7.35
CA PRO A 52 -8.10 -12.16 6.00
C PRO A 52 -8.80 -10.80 5.89
N ASN A 53 -8.85 -10.08 7.00
CA ASN A 53 -9.49 -8.77 7.03
C ASN A 53 -8.48 -7.68 6.62
N PHE A 54 -7.22 -8.06 6.55
CA PHE A 54 -6.16 -7.15 6.16
C PHE A 54 -5.34 -7.73 5.02
N LYS A 55 -5.28 -6.99 3.91
CA LYS A 55 -4.45 -7.38 2.78
C LYS A 55 -3.22 -6.49 2.73
N LEU A 56 -2.06 -7.09 2.84
CA LEU A 56 -0.82 -6.33 2.85
C LEU A 56 -0.54 -5.73 1.47
N PHE A 57 0.25 -4.68 1.44
CA PHE A 57 0.60 -4.00 0.21
C PHE A 57 2.10 -3.77 0.14
N ILE A 58 2.69 -4.07 -1.01
CA ILE A 58 4.13 -3.96 -1.19
C ILE A 58 4.48 -2.66 -1.88
N ILE A 59 5.10 -1.74 -1.17
CA ILE A 59 5.61 -0.56 -1.81
C ILE A 59 7.09 -0.75 -2.03
N ARG A 60 7.45 -1.11 -3.25
CA ARG A 60 8.83 -1.44 -3.57
C ARG A 60 9.46 -0.35 -4.43
N GLY A 61 10.66 0.05 -4.05
CA GLY A 61 11.37 1.08 -4.76
C GLY A 61 12.39 1.76 -3.89
N SER A 62 12.85 2.94 -4.31
CA SER A 62 13.79 3.71 -3.52
C SER A 62 13.11 4.26 -2.26
N PRO A 63 13.87 4.43 -1.16
CA PRO A 63 13.32 4.86 0.14
C PRO A 63 12.36 6.04 0.03
N GLN A 64 12.79 7.11 -0.62
CA GLN A 64 11.98 8.32 -0.74
C GLN A 64 10.73 8.08 -1.56
N GLN A 65 10.79 7.10 -2.45
CA GLN A 65 9.66 6.78 -3.30
C GLN A 65 8.64 5.98 -2.52
N ILE A 66 9.12 5.04 -1.73
CA ILE A 66 8.26 4.19 -0.91
C ILE A 66 7.48 5.01 0.11
N ASP A 67 8.21 5.77 0.91
CA ASP A 67 7.59 6.53 2.01
C ASP A 67 6.66 7.61 1.47
N HIS A 68 7.06 8.25 0.38
CA HIS A 68 6.22 9.28 -0.23
C HIS A 68 4.94 8.66 -0.78
N ALA A 69 5.05 7.44 -1.30
CA ALA A 69 3.88 6.70 -1.77
C ALA A 69 2.99 6.33 -0.59
N LYS A 70 3.64 5.88 0.49
CA LYS A 70 2.95 5.57 1.73
C LYS A 70 2.12 6.77 2.20
N GLN A 71 2.73 7.95 2.18
CA GLN A 71 2.07 9.16 2.62
C GLN A 71 0.90 9.52 1.70
N LEU A 72 1.01 9.19 0.43
CA LEU A 72 -0.08 9.41 -0.51
C LEU A 72 -1.27 8.53 -0.13
N ILE A 73 -0.94 7.34 0.36
CA ILE A 73 -1.95 6.38 0.80
C ILE A 73 -2.56 6.82 2.13
N GLU A 74 -1.72 7.24 3.06
CA GLU A 74 -2.20 7.76 4.34
C GLU A 74 -3.08 8.98 4.13
N GLU A 75 -2.82 9.70 3.04
CA GLU A 75 -3.68 10.79 2.62
C GLU A 75 -5.05 10.25 2.22
N LYS A 76 -5.05 9.17 1.44
CA LYS A 76 -6.27 8.56 0.94
C LYS A 76 -7.12 8.02 2.09
N ILE A 77 -6.47 7.26 2.96
CA ILE A 77 -7.18 6.54 4.03
C ILE A 77 -7.26 7.39 5.30
N GLU A 78 -6.64 8.58 5.24
CA GLU A 78 -6.50 9.49 6.38
C GLU A 78 -6.19 8.73 7.68
N GLY A 79 -5.21 7.84 7.57
CA GLY A 79 -4.81 7.02 8.70
C GLY A 79 -3.39 6.54 8.55
N PRO A 80 -2.74 6.13 9.64
CA PRO A 80 -1.35 5.68 9.61
C PRO A 80 -1.19 4.23 9.15
N LEU A 81 -0.10 3.95 8.47
CA LEU A 81 0.23 2.59 8.06
C LEU A 81 1.46 2.09 8.78
N CYS A 82 1.43 0.83 9.19
CA CYS A 82 2.56 0.23 9.89
C CYS A 82 3.43 -0.57 8.93
N PRO A 83 4.75 -0.35 8.98
CA PRO A 83 5.73 -1.08 8.15
C PRO A 83 5.81 -2.56 8.51
N VAL A 84 5.17 -3.38 7.70
CA VAL A 84 5.16 -4.82 7.90
C VAL A 84 6.18 -5.46 6.98
N GLY A 85 6.65 -6.65 7.34
CA GLY A 85 7.61 -7.36 6.52
C GLY A 85 8.41 -8.35 7.34
N GLY A 7 14.76 -2.33 0.76
CA GLY A 7 14.20 -2.89 -0.45
C GLY A 7 12.73 -2.56 -0.58
N GLU A 8 11.91 -3.58 -0.77
CA GLU A 8 10.46 -3.38 -0.88
C GLU A 8 9.85 -3.28 0.52
N MET A 9 8.98 -2.31 0.71
CA MET A 9 8.41 -2.04 2.02
C MET A 9 6.94 -2.46 2.04
N THR A 10 6.55 -3.17 3.09
CA THR A 10 5.20 -3.70 3.19
C THR A 10 4.39 -2.96 4.25
N PHE A 11 3.15 -2.61 3.90
CA PHE A 11 2.23 -1.97 4.82
C PHE A 11 0.91 -2.73 4.87
N SER A 12 0.16 -2.55 5.94
CA SER A 12 -1.10 -3.27 6.13
C SER A 12 -2.27 -2.53 5.47
N ILE A 13 -2.80 -3.09 4.41
CA ILE A 13 -3.96 -2.52 3.74
C ILE A 13 -5.19 -3.39 3.95
N PRO A 14 -6.17 -2.87 4.69
CA PRO A 14 -7.48 -3.52 4.88
C PRO A 14 -8.15 -3.86 3.55
N THR A 15 -8.59 -5.11 3.44
CA THR A 15 -9.23 -5.63 2.26
C THR A 15 -10.49 -4.84 1.91
N HIS A 16 -11.15 -4.30 2.92
CA HIS A 16 -12.37 -3.52 2.70
C HIS A 16 -12.04 -2.11 2.18
N LYS A 17 -10.80 -1.67 2.35
CA LYS A 17 -10.39 -0.35 1.87
C LYS A 17 -9.70 -0.43 0.52
N CYS A 18 -9.75 -1.60 -0.11
CA CYS A 18 -9.08 -1.83 -1.38
C CYS A 18 -9.80 -1.12 -2.53
N GLY A 19 -10.62 -0.14 -2.21
CA GLY A 19 -11.28 0.64 -3.22
C GLY A 19 -10.97 2.12 -3.11
N LEU A 20 -10.81 2.61 -1.88
CA LEU A 20 -10.55 4.03 -1.67
C LEU A 20 -9.06 4.34 -1.79
N VAL A 21 -8.22 3.31 -1.66
CA VAL A 21 -6.78 3.48 -1.89
C VAL A 21 -6.32 2.67 -3.09
N ILE A 22 -7.04 1.61 -3.38
CA ILE A 22 -6.63 0.67 -4.41
C ILE A 22 -7.50 0.83 -5.66
N GLY A 23 -8.77 0.47 -5.56
CA GLY A 23 -9.69 0.69 -6.67
C GLY A 23 -9.60 -0.41 -7.71
N ARG A 24 -10.52 -1.38 -7.62
CA ARG A 24 -10.58 -2.50 -8.55
C ARG A 24 -9.28 -3.33 -8.50
N GLY A 25 -8.38 -3.07 -9.45
CA GLY A 25 -7.12 -3.78 -9.49
C GLY A 25 -5.96 -2.82 -9.26
N GLY A 26 -6.28 -1.63 -8.79
CA GLY A 26 -5.27 -0.64 -8.50
C GLY A 26 -5.34 0.57 -9.40
N GLU A 27 -6.56 1.07 -9.61
CA GLU A 27 -6.77 2.26 -10.42
C GLU A 27 -6.34 3.50 -9.65
N ASN A 28 -6.29 3.38 -8.33
CA ASN A 28 -5.87 4.48 -7.46
C ASN A 28 -4.37 4.40 -7.19
N VAL A 29 -3.88 3.19 -6.93
CA VAL A 29 -2.48 3.00 -6.57
C VAL A 29 -1.53 3.35 -7.72
N LYS A 30 -2.02 3.21 -8.95
CA LYS A 30 -1.22 3.55 -10.12
C LYS A 30 -0.96 5.05 -10.15
N ALA A 31 -1.93 5.83 -9.69
CA ALA A 31 -1.80 7.27 -9.66
C ALA A 31 -0.77 7.67 -8.62
N ILE A 32 -0.76 6.95 -7.50
CA ILE A 32 0.28 7.13 -6.49
C ILE A 32 1.63 6.92 -7.15
N ASN A 33 1.74 5.81 -7.87
CA ASN A 33 2.94 5.44 -8.63
C ASN A 33 3.37 6.57 -9.55
N GLN A 34 2.41 7.17 -10.26
CA GLN A 34 2.70 8.27 -11.18
C GLN A 34 3.25 9.47 -10.44
N GLN A 35 2.61 9.80 -9.33
CA GLN A 35 3.00 10.97 -8.55
C GLN A 35 4.34 10.77 -7.86
N THR A 36 4.67 9.51 -7.58
CA THR A 36 5.83 9.21 -6.76
C THR A 36 7.02 8.68 -7.56
N GLY A 37 6.96 7.39 -7.87
CA GLY A 37 8.07 6.71 -8.50
C GLY A 37 8.08 5.25 -8.15
N ALA A 38 7.74 4.96 -6.90
CA ALA A 38 7.71 3.58 -6.41
C ALA A 38 6.43 2.89 -6.85
N PHE A 39 6.50 1.58 -6.96
CA PHE A 39 5.35 0.79 -7.40
C PHE A 39 4.53 0.33 -6.21
N VAL A 40 3.25 0.70 -6.20
CA VAL A 40 2.36 0.30 -5.12
C VAL A 40 1.64 -0.99 -5.51
N GLU A 41 2.23 -2.12 -5.13
CA GLU A 41 1.77 -3.43 -5.53
C GLU A 41 0.85 -4.07 -4.51
N ILE A 42 -0.13 -4.82 -4.98
CA ILE A 42 -0.96 -5.64 -4.10
C ILE A 42 -0.23 -6.96 -3.85
N SER A 43 -0.05 -7.33 -2.59
CA SER A 43 0.70 -8.52 -2.27
C SER A 43 -0.22 -9.72 -2.07
N ARG A 44 0.38 -10.87 -1.88
CA ARG A 44 -0.34 -12.11 -1.63
C ARG A 44 0.03 -12.63 -0.25
N GLN A 45 0.72 -11.81 0.52
CA GLN A 45 1.10 -12.15 1.87
C GLN A 45 0.04 -11.69 2.86
N LEU A 46 -0.19 -12.50 3.87
CA LEU A 46 -1.01 -12.08 4.99
C LEU A 46 -0.11 -11.59 6.11
N PRO A 47 -0.56 -10.60 6.88
CA PRO A 47 0.15 -10.18 8.10
C PRO A 47 0.26 -11.35 9.06
N PRO A 48 1.21 -11.30 10.01
CA PRO A 48 1.41 -12.38 10.99
C PRO A 48 0.20 -12.63 11.89
N ASN A 49 -0.91 -11.97 11.57
CA ASN A 49 -2.17 -12.16 12.26
C ASN A 49 -3.07 -13.10 11.48
N GLY A 50 -2.77 -13.22 10.18
CA GLY A 50 -3.51 -14.11 9.28
C GLY A 50 -4.96 -13.68 9.08
N ASP A 51 -5.20 -12.38 9.08
CA ASP A 51 -6.55 -11.85 8.86
C ASP A 51 -6.80 -11.61 7.38
N PRO A 52 -7.87 -12.23 6.83
CA PRO A 52 -8.25 -12.05 5.42
C PRO A 52 -8.76 -10.65 5.13
N ASN A 53 -9.03 -9.89 6.19
CA ASN A 53 -9.49 -8.51 6.07
C ASN A 53 -8.30 -7.57 5.98
N PHE A 54 -7.10 -8.13 6.04
CA PHE A 54 -5.88 -7.34 5.91
C PHE A 54 -4.95 -7.97 4.89
N LYS A 55 -4.70 -7.25 3.82
CA LYS A 55 -3.78 -7.70 2.81
C LYS A 55 -2.53 -6.84 2.87
N LEU A 56 -1.37 -7.48 2.76
CA LEU A 56 -0.12 -6.74 2.76
C LEU A 56 0.04 -6.02 1.43
N PHE A 57 0.51 -4.78 1.48
CA PHE A 57 0.72 -4.01 0.28
C PHE A 57 2.21 -3.72 0.11
N ILE A 58 2.73 -3.96 -1.09
CA ILE A 58 4.16 -3.85 -1.34
C ILE A 58 4.47 -2.56 -2.05
N ILE A 59 5.08 -1.61 -1.36
CA ILE A 59 5.58 -0.44 -2.02
C ILE A 59 7.03 -0.71 -2.38
N ARG A 60 7.25 -1.16 -3.59
CA ARG A 60 8.58 -1.56 -4.02
C ARG A 60 9.27 -0.42 -4.76
N GLY A 61 10.56 -0.27 -4.49
CA GLY A 61 11.31 0.82 -5.05
C GLY A 61 12.50 1.17 -4.19
N SER A 62 12.56 2.40 -3.77
CA SER A 62 13.59 2.87 -2.87
C SER A 62 12.96 3.65 -1.73
N PRO A 63 13.55 3.61 -0.52
CA PRO A 63 12.97 4.22 0.68
C PRO A 63 12.37 5.60 0.45
N GLN A 64 13.06 6.42 -0.35
CA GLN A 64 12.64 7.79 -0.62
C GLN A 64 11.32 7.82 -1.39
N GLN A 65 11.20 6.97 -2.39
CA GLN A 65 10.00 6.91 -3.22
C GLN A 65 8.89 6.16 -2.47
N ILE A 66 9.28 5.09 -1.79
CA ILE A 66 8.36 4.30 -0.97
C ILE A 66 7.65 5.17 0.07
N ASP A 67 8.44 5.85 0.90
CA ASP A 67 7.89 6.68 1.95
C ASP A 67 7.01 7.78 1.39
N HIS A 68 7.41 8.30 0.23
CA HIS A 68 6.63 9.30 -0.46
C HIS A 68 5.26 8.74 -0.84
N ALA A 69 5.27 7.57 -1.48
CA ALA A 69 4.04 6.93 -1.92
C ALA A 69 3.15 6.60 -0.72
N LYS A 70 3.77 6.09 0.32
CA LYS A 70 3.08 5.76 1.56
C LYS A 70 2.36 6.99 2.14
N GLN A 71 2.92 8.17 1.92
CA GLN A 71 2.31 9.39 2.42
C GLN A 71 1.00 9.69 1.67
N LEU A 72 1.04 9.60 0.34
CA LEU A 72 -0.18 9.77 -0.46
C LEU A 72 -1.24 8.75 -0.08
N ILE A 73 -0.80 7.54 0.24
CA ILE A 73 -1.71 6.49 0.69
C ILE A 73 -2.34 6.87 2.03
N GLU A 74 -1.51 7.35 2.94
CA GLU A 74 -1.98 7.79 4.25
C GLU A 74 -2.88 9.01 4.14
N GLU A 75 -2.88 9.65 2.97
CA GLU A 75 -3.78 10.77 2.70
C GLU A 75 -5.12 10.24 2.18
N LYS A 76 -5.08 9.17 1.39
CA LYS A 76 -6.31 8.59 0.87
C LYS A 76 -7.13 7.99 2.02
N ILE A 77 -6.45 7.27 2.89
CA ILE A 77 -7.09 6.63 4.03
C ILE A 77 -7.12 7.58 5.23
N GLU A 78 -6.28 8.61 5.15
CA GLU A 78 -6.13 9.62 6.20
C GLU A 78 -5.66 9.00 7.51
N GLY A 79 -4.87 7.94 7.39
CA GLY A 79 -4.40 7.22 8.57
C GLY A 79 -3.01 6.66 8.38
N PRO A 80 -2.22 6.59 9.46
CA PRO A 80 -0.87 6.05 9.42
C PRO A 80 -0.85 4.54 9.22
N LEU A 81 -0.02 4.08 8.29
CA LEU A 81 0.11 2.66 8.01
C LEU A 81 1.28 2.06 8.76
N CYS A 82 1.08 0.87 9.30
CA CYS A 82 2.12 0.18 10.05
C CYS A 82 2.92 -0.72 9.12
N PRO A 83 4.25 -0.69 9.23
CA PRO A 83 5.14 -1.58 8.47
C PRO A 83 4.95 -3.03 8.90
N VAL A 84 4.74 -3.91 7.93
CA VAL A 84 4.47 -5.32 8.22
C VAL A 84 5.45 -6.21 7.45
N GLY A 85 5.75 -7.36 8.03
CA GLY A 85 6.59 -8.32 7.36
C GLY A 85 6.53 -9.68 8.04
N GLY A 7 14.18 -4.24 -1.82
CA GLY A 7 13.81 -3.25 -0.83
C GLY A 7 12.35 -2.89 -0.89
N GLU A 8 11.50 -3.88 -0.63
CA GLU A 8 10.07 -3.65 -0.58
C GLU A 8 9.62 -3.30 0.84
N MET A 9 8.77 -2.29 0.96
CA MET A 9 8.16 -1.98 2.24
C MET A 9 6.67 -2.23 2.16
N THR A 10 6.23 -3.28 2.83
CA THR A 10 4.84 -3.66 2.81
C THR A 10 4.07 -2.97 3.93
N PHE A 11 2.86 -2.52 3.62
CA PHE A 11 1.99 -1.88 4.60
C PHE A 11 0.62 -2.56 4.58
N SER A 12 0.08 -2.82 5.75
CA SER A 12 -1.19 -3.52 5.86
C SER A 12 -2.36 -2.59 5.58
N ILE A 13 -3.12 -2.88 4.53
CA ILE A 13 -4.28 -2.07 4.18
C ILE A 13 -5.56 -2.87 4.35
N PRO A 14 -6.53 -2.29 5.08
CA PRO A 14 -7.87 -2.85 5.24
C PRO A 14 -8.53 -3.23 3.91
N THR A 15 -9.07 -4.45 3.88
CA THR A 15 -9.72 -4.99 2.70
C THR A 15 -10.89 -4.10 2.22
N HIS A 16 -11.53 -3.40 3.15
CA HIS A 16 -12.65 -2.52 2.79
C HIS A 16 -12.14 -1.24 2.13
N LYS A 17 -10.84 -0.96 2.26
CA LYS A 17 -10.27 0.26 1.68
C LYS A 17 -9.56 -0.04 0.36
N CYS A 18 -9.74 -1.27 -0.14
CA CYS A 18 -9.11 -1.71 -1.38
C CYS A 18 -9.74 -1.02 -2.61
N GLY A 19 -10.55 0.00 -2.39
CA GLY A 19 -11.12 0.73 -3.49
C GLY A 19 -10.74 2.18 -3.51
N LEU A 20 -10.72 2.82 -2.35
CA LEU A 20 -10.38 4.24 -2.28
C LEU A 20 -8.90 4.48 -2.50
N VAL A 21 -8.06 3.52 -2.14
CA VAL A 21 -6.62 3.65 -2.40
C VAL A 21 -6.18 2.71 -3.51
N ILE A 22 -6.75 1.52 -3.50
CA ILE A 22 -6.35 0.47 -4.41
C ILE A 22 -7.13 0.59 -5.72
N GLY A 23 -8.41 0.27 -5.67
CA GLY A 23 -9.23 0.35 -6.86
C GLY A 23 -9.41 -1.00 -7.51
N ARG A 24 -9.88 -1.97 -6.71
CA ARG A 24 -10.17 -3.33 -7.18
C ARG A 24 -8.90 -4.06 -7.63
N GLY A 25 -8.45 -3.77 -8.83
CA GLY A 25 -7.24 -4.39 -9.34
C GLY A 25 -6.03 -3.52 -9.08
N GLY A 26 -6.29 -2.27 -8.74
CA GLY A 26 -5.21 -1.35 -8.44
C GLY A 26 -5.13 -0.21 -9.44
N GLU A 27 -6.24 0.50 -9.60
CA GLU A 27 -6.32 1.60 -10.55
C GLU A 27 -5.79 2.89 -9.93
N ASN A 28 -5.98 3.07 -8.63
CA ASN A 28 -5.59 4.31 -7.97
C ASN A 28 -4.11 4.25 -7.58
N VAL A 29 -3.65 3.04 -7.26
CA VAL A 29 -2.28 2.85 -6.78
C VAL A 29 -1.24 3.25 -7.82
N LYS A 30 -1.59 3.17 -9.10
CA LYS A 30 -0.66 3.54 -10.15
C LYS A 30 -0.54 5.06 -10.26
N ALA A 31 -1.54 5.78 -9.74
CA ALA A 31 -1.44 7.23 -9.67
C ALA A 31 -0.50 7.61 -8.55
N ILE A 32 -0.53 6.83 -7.47
CA ILE A 32 0.44 6.98 -6.40
C ILE A 32 1.83 6.84 -6.98
N ASN A 33 1.97 5.85 -7.85
CA ASN A 33 3.22 5.59 -8.57
C ASN A 33 3.65 6.83 -9.37
N GLN A 34 2.72 7.42 -10.11
CA GLN A 34 3.01 8.60 -10.92
C GLN A 34 3.49 9.74 -10.04
N GLN A 35 2.92 9.83 -8.86
CA GLN A 35 3.27 10.88 -7.91
C GLN A 35 4.65 10.64 -7.31
N THR A 36 5.04 9.38 -7.21
CA THR A 36 6.21 9.01 -6.42
C THR A 36 7.34 8.42 -7.24
N GLY A 37 7.14 7.21 -7.75
CA GLY A 37 8.19 6.52 -8.45
C GLY A 37 8.25 5.07 -8.03
N ALA A 38 7.64 4.77 -6.89
CA ALA A 38 7.63 3.41 -6.36
C ALA A 38 6.41 2.65 -6.86
N PHE A 39 6.55 1.34 -6.98
CA PHE A 39 5.45 0.50 -7.43
C PHE A 39 4.59 0.07 -6.26
N VAL A 40 3.33 0.49 -6.28
CA VAL A 40 2.38 0.15 -5.23
C VAL A 40 1.58 -1.08 -5.67
N GLU A 41 2.01 -2.24 -5.20
CA GLU A 41 1.50 -3.52 -5.65
C GLU A 41 0.59 -4.15 -4.60
N ILE A 42 -0.35 -4.98 -5.05
CA ILE A 42 -1.22 -5.71 -4.14
C ILE A 42 -0.48 -6.97 -3.73
N SER A 43 -0.29 -7.16 -2.44
CA SER A 43 0.59 -8.21 -1.95
C SER A 43 -0.11 -9.56 -1.94
N ARG A 44 0.71 -10.61 -1.97
CA ARG A 44 0.23 -11.97 -1.81
C ARG A 44 0.64 -12.46 -0.43
N GLN A 45 1.24 -11.55 0.33
CA GLN A 45 1.74 -11.84 1.67
C GLN A 45 0.63 -11.65 2.70
N LEU A 46 0.47 -12.63 3.57
CA LEU A 46 -0.49 -12.53 4.65
C LEU A 46 0.20 -12.06 5.92
N PRO A 47 -0.50 -11.32 6.79
CA PRO A 47 0.07 -10.79 8.02
C PRO A 47 0.27 -11.88 9.06
N PRO A 48 1.02 -11.60 10.15
CA PRO A 48 1.27 -12.59 11.21
C PRO A 48 0.01 -13.31 11.67
N ASN A 49 -1.07 -12.55 11.86
CA ASN A 49 -2.33 -13.10 12.35
C ASN A 49 -3.03 -13.93 11.28
N GLY A 50 -2.55 -13.85 10.05
CA GLY A 50 -3.21 -14.50 8.94
C GLY A 50 -4.54 -13.86 8.66
N ASP A 51 -4.60 -12.56 8.83
CA ASP A 51 -5.86 -11.83 8.75
C ASP A 51 -6.20 -11.48 7.31
N PRO A 52 -7.36 -11.95 6.82
CA PRO A 52 -7.83 -11.68 5.47
C PRO A 52 -8.55 -10.34 5.34
N ASN A 53 -8.69 -9.64 6.47
CA ASN A 53 -9.35 -8.34 6.49
C ASN A 53 -8.32 -7.24 6.34
N PHE A 54 -7.06 -7.60 6.57
CA PHE A 54 -5.96 -6.67 6.40
C PHE A 54 -5.00 -7.20 5.35
N LYS A 55 -5.23 -6.79 4.11
CA LYS A 55 -4.39 -7.24 3.02
C LYS A 55 -3.15 -6.38 2.92
N LEU A 56 -2.01 -7.03 2.89
CA LEU A 56 -0.74 -6.34 2.80
C LEU A 56 -0.59 -5.69 1.42
N PHE A 57 0.08 -4.56 1.38
CA PHE A 57 0.33 -3.87 0.14
C PHE A 57 1.81 -3.55 0.01
N ILE A 58 2.39 -3.93 -1.13
CA ILE A 58 3.82 -3.82 -1.33
C ILE A 58 4.18 -2.50 -1.98
N ILE A 59 4.96 -1.69 -1.31
CA ILE A 59 5.50 -0.51 -1.96
C ILE A 59 6.98 -0.76 -2.22
N ARG A 60 7.30 -1.12 -3.46
CA ARG A 60 8.66 -1.48 -3.81
C ARG A 60 9.32 -0.39 -4.62
N GLY A 61 10.57 -0.07 -4.25
CA GLY A 61 11.30 0.99 -4.90
C GLY A 61 12.38 1.54 -3.99
N SER A 62 12.64 2.83 -4.11
CA SER A 62 13.58 3.49 -3.20
C SER A 62 12.83 4.08 -2.02
N PRO A 63 13.40 4.01 -0.81
CA PRO A 63 12.75 4.47 0.42
C PRO A 63 11.98 5.79 0.27
N GLN A 64 12.61 6.81 -0.31
CA GLN A 64 11.98 8.12 -0.45
C GLN A 64 10.78 8.09 -1.39
N GLN A 65 10.78 7.15 -2.33
CA GLN A 65 9.64 6.96 -3.21
C GLN A 65 8.58 6.13 -2.50
N ILE A 66 9.04 5.07 -1.85
CA ILE A 66 8.17 4.17 -1.08
C ILE A 66 7.41 4.93 0.01
N ASP A 67 8.15 5.60 0.87
CA ASP A 67 7.57 6.28 2.01
C ASP A 67 6.68 7.44 1.57
N HIS A 68 7.03 8.04 0.45
CA HIS A 68 6.22 9.12 -0.10
C HIS A 68 4.90 8.55 -0.62
N ALA A 69 4.97 7.36 -1.21
CA ALA A 69 3.78 6.66 -1.66
C ALA A 69 2.92 6.29 -0.46
N LYS A 70 3.59 5.79 0.58
CA LYS A 70 2.95 5.53 1.87
C LYS A 70 2.20 6.78 2.36
N GLN A 71 2.89 7.91 2.30
CA GLN A 71 2.32 9.19 2.73
C GLN A 71 1.08 9.55 1.91
N LEU A 72 1.11 9.24 0.63
CA LEU A 72 -0.03 9.49 -0.24
C LEU A 72 -1.20 8.62 0.19
N ILE A 73 -0.92 7.34 0.44
CA ILE A 73 -1.92 6.40 0.88
C ILE A 73 -2.54 6.85 2.20
N GLU A 74 -1.67 7.27 3.13
CA GLU A 74 -2.11 7.76 4.43
C GLU A 74 -2.92 9.04 4.30
N GLU A 75 -2.80 9.71 3.17
CA GLU A 75 -3.60 10.90 2.89
C GLU A 75 -4.93 10.49 2.27
N LYS A 76 -4.92 9.42 1.46
CA LYS A 76 -6.13 8.90 0.87
C LYS A 76 -7.06 8.37 1.95
N ILE A 77 -6.49 7.56 2.83
CA ILE A 77 -7.25 6.92 3.90
C ILE A 77 -7.27 7.81 5.14
N GLU A 78 -6.37 8.80 5.14
CA GLU A 78 -6.24 9.77 6.23
C GLU A 78 -5.94 9.05 7.54
N GLY A 79 -4.94 8.18 7.51
CA GLY A 79 -4.57 7.40 8.67
C GLY A 79 -3.25 6.69 8.46
N PRO A 80 -2.41 6.61 9.51
CA PRO A 80 -1.09 5.99 9.44
C PRO A 80 -1.14 4.48 9.22
N LEU A 81 -0.24 3.99 8.39
CA LEU A 81 -0.15 2.57 8.11
C LEU A 81 1.00 1.93 8.89
N CYS A 82 0.84 0.66 9.23
CA CYS A 82 1.86 -0.09 9.95
C CYS A 82 2.72 -0.89 8.99
N PRO A 83 4.05 -0.71 9.06
CA PRO A 83 5.01 -1.42 8.20
C PRO A 83 5.08 -2.90 8.54
N VAL A 84 4.93 -3.73 7.51
CA VAL A 84 5.01 -5.17 7.65
C VAL A 84 5.99 -5.72 6.63
N GLY A 85 6.71 -6.77 7.00
CA GLY A 85 7.64 -7.38 6.07
C GLY A 85 8.10 -8.75 6.54
N GLY A 7 14.20 -4.56 -0.38
CA GLY A 7 13.95 -3.41 -1.23
C GLY A 7 12.57 -2.81 -1.03
N GLU A 8 11.56 -3.66 -1.03
CA GLU A 8 10.18 -3.21 -0.93
C GLU A 8 9.76 -3.02 0.52
N MET A 9 8.62 -2.37 0.71
CA MET A 9 8.01 -2.24 2.02
C MET A 9 6.51 -2.50 1.89
N THR A 10 6.05 -3.55 2.54
CA THR A 10 4.65 -3.93 2.48
C THR A 10 3.86 -3.27 3.61
N PHE A 11 2.67 -2.76 3.29
CA PHE A 11 1.80 -2.14 4.27
C PHE A 11 0.45 -2.84 4.28
N SER A 12 -0.24 -2.77 5.42
CA SER A 12 -1.52 -3.45 5.58
C SER A 12 -2.70 -2.58 5.12
N ILE A 13 -3.39 -3.03 4.08
CA ILE A 13 -4.54 -2.31 3.56
C ILE A 13 -5.84 -3.11 3.72
N PRO A 14 -6.74 -2.62 4.57
CA PRO A 14 -8.07 -3.22 4.79
C PRO A 14 -8.83 -3.54 3.51
N THR A 15 -9.39 -4.74 3.43
CA THR A 15 -10.16 -5.16 2.25
C THR A 15 -11.54 -4.51 2.25
N HIS A 16 -11.54 -3.19 2.15
CA HIS A 16 -12.76 -2.39 2.03
C HIS A 16 -12.36 -0.97 1.70
N LYS A 17 -11.15 -0.61 2.11
CA LYS A 17 -10.54 0.65 1.72
C LYS A 17 -9.77 0.45 0.42
N CYS A 18 -9.94 -0.74 -0.15
CA CYS A 18 -9.24 -1.11 -1.36
C CYS A 18 -9.86 -0.47 -2.61
N GLY A 19 -10.57 0.63 -2.40
CA GLY A 19 -11.08 1.41 -3.50
C GLY A 19 -10.61 2.85 -3.44
N LEU A 20 -10.48 3.37 -2.22
CA LEU A 20 -10.02 4.74 -2.02
C LEU A 20 -8.49 4.84 -2.17
N VAL A 21 -7.79 3.73 -1.93
CA VAL A 21 -6.35 3.71 -2.17
C VAL A 21 -5.98 2.79 -3.32
N ILE A 22 -6.83 1.80 -3.60
CA ILE A 22 -6.50 0.78 -4.56
C ILE A 22 -7.33 0.92 -5.84
N GLY A 23 -8.61 0.67 -5.74
CA GLY A 23 -9.49 0.82 -6.90
C GLY A 23 -10.24 -0.46 -7.19
N ARG A 24 -10.52 -0.72 -8.45
CA ARG A 24 -11.13 -1.98 -8.84
C ARG A 24 -10.04 -3.04 -8.95
N GLY A 25 -9.10 -2.82 -9.85
CA GLY A 25 -7.95 -3.68 -9.96
C GLY A 25 -6.73 -3.04 -9.35
N GLY A 26 -6.66 -1.72 -9.48
CA GLY A 26 -5.60 -0.96 -8.87
C GLY A 26 -5.30 0.31 -9.62
N GLU A 27 -6.34 1.05 -9.96
CA GLU A 27 -6.18 2.31 -10.66
C GLU A 27 -5.48 3.33 -9.77
N ASN A 28 -5.89 3.36 -8.50
CA ASN A 28 -5.40 4.36 -7.57
C ASN A 28 -3.94 4.11 -7.21
N VAL A 29 -3.58 2.85 -7.03
CA VAL A 29 -2.23 2.50 -6.60
C VAL A 29 -1.18 2.82 -7.67
N LYS A 30 -1.54 2.67 -8.93
CA LYS A 30 -0.61 3.00 -10.00
C LYS A 30 -0.58 4.50 -10.22
N ALA A 31 -1.65 5.18 -9.81
CA ALA A 31 -1.65 6.63 -9.81
C ALA A 31 -0.70 7.14 -8.73
N ILE A 32 -0.70 6.45 -7.58
CA ILE A 32 0.26 6.72 -6.52
C ILE A 32 1.67 6.61 -7.08
N ASN A 33 1.88 5.54 -7.85
CA ASN A 33 3.16 5.29 -8.53
C ASN A 33 3.56 6.49 -9.38
N GLN A 34 2.63 6.97 -10.21
CA GLN A 34 2.91 8.12 -11.07
C GLN A 34 3.24 9.36 -10.24
N GLN A 35 2.60 9.47 -9.09
CA GLN A 35 2.84 10.60 -8.19
C GLN A 35 4.19 10.48 -7.51
N THR A 36 4.61 9.25 -7.24
CA THR A 36 5.76 8.99 -6.39
C THR A 36 6.99 8.51 -7.16
N GLY A 37 6.95 7.27 -7.60
CA GLY A 37 8.11 6.66 -8.22
C GLY A 37 8.21 5.19 -7.85
N ALA A 38 7.58 4.84 -6.74
CA ALA A 38 7.58 3.47 -6.26
C ALA A 38 6.37 2.71 -6.79
N PHE A 39 6.57 1.44 -7.09
CA PHE A 39 5.54 0.59 -7.62
C PHE A 39 4.67 0.02 -6.51
N VAL A 40 3.42 0.46 -6.44
CA VAL A 40 2.49 -0.03 -5.45
C VAL A 40 1.69 -1.20 -6.00
N GLU A 41 2.11 -2.40 -5.66
CA GLU A 41 1.43 -3.63 -6.09
C GLU A 41 0.89 -4.37 -4.87
N ILE A 42 0.33 -5.54 -5.07
CA ILE A 42 -0.30 -6.27 -3.97
C ILE A 42 0.60 -7.43 -3.51
N SER A 43 0.61 -7.67 -2.22
CA SER A 43 1.55 -8.62 -1.62
C SER A 43 0.93 -10.00 -1.45
N ARG A 44 1.78 -10.98 -1.20
CA ARG A 44 1.36 -12.35 -0.99
C ARG A 44 1.58 -12.76 0.46
N GLN A 45 2.10 -11.83 1.25
CA GLN A 45 2.47 -12.11 2.63
C GLN A 45 1.25 -12.10 3.54
N LEU A 46 1.39 -12.73 4.70
CA LEU A 46 0.35 -12.71 5.72
C LEU A 46 0.72 -11.70 6.80
N PRO A 47 -0.26 -10.91 7.25
CA PRO A 47 -0.03 -9.85 8.24
C PRO A 47 0.17 -10.40 9.64
N PRO A 48 0.67 -9.57 10.58
CA PRO A 48 0.85 -9.97 11.99
C PRO A 48 -0.47 -10.36 12.65
N ASN A 49 -1.57 -10.05 11.98
CA ASN A 49 -2.90 -10.39 12.48
C ASN A 49 -3.30 -11.78 12.03
N GLY A 50 -2.58 -12.29 11.03
CA GLY A 50 -2.91 -13.58 10.43
C GLY A 50 -4.32 -13.58 9.86
N ASP A 51 -4.74 -12.45 9.32
CA ASP A 51 -6.10 -12.28 8.85
C ASP A 51 -6.12 -11.84 7.39
N PRO A 52 -6.86 -12.57 6.54
CA PRO A 52 -6.90 -12.32 5.09
C PRO A 52 -7.72 -11.09 4.70
N ASN A 53 -8.42 -10.52 5.68
CA ASN A 53 -9.23 -9.32 5.42
C ASN A 53 -8.35 -8.08 5.35
N PHE A 54 -7.07 -8.28 5.61
CA PHE A 54 -6.09 -7.23 5.45
C PHE A 54 -5.21 -7.53 4.24
N LYS A 55 -5.43 -6.78 3.17
CA LYS A 55 -4.68 -6.93 1.94
C LYS A 55 -3.32 -6.25 2.06
N LEU A 56 -2.27 -7.04 2.07
CA LEU A 56 -0.94 -6.50 2.15
C LEU A 56 -0.56 -5.89 0.80
N PHE A 57 -0.04 -4.68 0.83
CA PHE A 57 0.34 -3.99 -0.39
C PHE A 57 1.84 -3.72 -0.41
N ILE A 58 2.46 -4.12 -1.52
CA ILE A 58 3.89 -3.96 -1.73
C ILE A 58 4.19 -2.63 -2.37
N ILE A 59 4.88 -1.76 -1.66
CA ILE A 59 5.38 -0.57 -2.28
C ILE A 59 6.87 -0.77 -2.49
N ARG A 60 7.26 -0.95 -3.74
CA ARG A 60 8.63 -1.30 -4.06
C ARG A 60 9.31 -0.23 -4.89
N GLY A 61 10.49 0.17 -4.45
CA GLY A 61 11.23 1.21 -5.12
C GLY A 61 12.28 1.81 -4.21
N SER A 62 12.58 3.08 -4.39
CA SER A 62 13.52 3.77 -3.53
C SER A 62 12.87 4.08 -2.19
N PRO A 63 13.66 4.08 -1.10
CA PRO A 63 13.16 4.27 0.27
C PRO A 63 12.17 5.43 0.39
N GLN A 64 12.58 6.60 -0.08
CA GLN A 64 11.74 7.79 0.03
C GLN A 64 10.64 7.81 -1.01
N GLN A 65 10.70 6.91 -1.98
CA GLN A 65 9.60 6.74 -2.91
C GLN A 65 8.52 5.90 -2.26
N ILE A 66 8.95 4.82 -1.62
CA ILE A 66 8.05 3.95 -0.88
C ILE A 66 7.34 4.72 0.23
N ASP A 67 8.12 5.36 1.09
CA ASP A 67 7.58 6.10 2.21
C ASP A 67 6.72 7.27 1.73
N HIS A 68 7.09 7.86 0.59
CA HIS A 68 6.30 8.94 0.03
C HIS A 68 4.96 8.40 -0.43
N ALA A 69 4.99 7.27 -1.15
CA ALA A 69 3.78 6.62 -1.62
C ALA A 69 2.87 6.25 -0.44
N LYS A 70 3.47 5.69 0.58
CA LYS A 70 2.78 5.34 1.81
C LYS A 70 2.13 6.59 2.43
N GLN A 71 2.76 7.75 2.25
CA GLN A 71 2.22 9.00 2.75
C GLN A 71 0.90 9.37 2.07
N LEU A 72 0.89 9.31 0.73
CA LEU A 72 -0.34 9.50 -0.03
C LEU A 72 -1.42 8.53 0.44
N ILE A 73 -1.01 7.29 0.67
CA ILE A 73 -1.95 6.25 1.13
C ILE A 73 -2.52 6.61 2.51
N GLU A 74 -1.63 6.97 3.43
CA GLU A 74 -2.04 7.37 4.77
C GLU A 74 -2.97 8.58 4.72
N GLU A 75 -2.77 9.43 3.72
CA GLU A 75 -3.61 10.61 3.55
C GLU A 75 -4.98 10.20 3.02
N LYS A 76 -5.01 9.20 2.14
CA LYS A 76 -6.27 8.66 1.63
C LYS A 76 -7.10 8.10 2.77
N ILE A 77 -6.45 7.27 3.58
CA ILE A 77 -7.13 6.54 4.63
C ILE A 77 -7.11 7.29 5.95
N GLU A 78 -6.55 8.52 5.90
CA GLU A 78 -6.42 9.41 7.07
C GLU A 78 -5.93 8.67 8.31
N GLY A 79 -4.93 7.82 8.14
CA GLY A 79 -4.44 7.02 9.24
C GLY A 79 -3.05 6.46 8.97
N PRO A 80 -2.18 6.41 9.99
CA PRO A 80 -0.82 5.88 9.85
C PRO A 80 -0.80 4.36 9.72
N LEU A 81 0.05 3.86 8.83
CA LEU A 81 0.13 2.43 8.58
C LEU A 81 1.34 1.80 9.27
N CYS A 82 1.45 0.48 9.17
CA CYS A 82 2.54 -0.26 9.78
C CYS A 82 3.28 -1.08 8.73
N PRO A 83 4.62 -1.08 8.78
CA PRO A 83 5.45 -1.83 7.83
C PRO A 83 5.44 -3.33 8.11
N VAL A 84 4.84 -4.09 7.19
CA VAL A 84 4.74 -5.54 7.33
C VAL A 84 5.80 -6.21 6.46
N GLY A 85 6.70 -6.94 7.10
CA GLY A 85 7.75 -7.61 6.36
C GLY A 85 8.33 -8.78 7.13
N GLY A 7 14.15 -4.23 -0.78
CA GLY A 7 13.75 -3.08 -1.55
C GLY A 7 12.28 -2.76 -1.43
N GLU A 8 11.47 -3.78 -1.24
CA GLU A 8 10.02 -3.59 -1.08
C GLU A 8 9.64 -3.42 0.39
N MET A 9 8.67 -2.56 0.64
CA MET A 9 8.06 -2.44 1.95
C MET A 9 6.61 -2.87 1.88
N THR A 10 6.18 -3.61 2.87
CA THR A 10 4.81 -4.10 2.91
C THR A 10 3.98 -3.27 3.89
N PHE A 11 2.74 -2.98 3.52
CA PHE A 11 1.85 -2.25 4.41
C PHE A 11 0.54 -3.02 4.56
N SER A 12 -0.27 -2.61 5.52
CA SER A 12 -1.48 -3.32 5.86
C SER A 12 -2.72 -2.58 5.35
N ILE A 13 -3.39 -3.19 4.36
CA ILE A 13 -4.55 -2.57 3.73
C ILE A 13 -5.81 -3.41 3.94
N PRO A 14 -6.76 -2.87 4.74
CA PRO A 14 -8.07 -3.48 5.01
C PRO A 14 -8.77 -4.05 3.78
N THR A 15 -9.38 -5.22 3.95
CA THR A 15 -10.16 -5.87 2.91
C THR A 15 -11.52 -5.16 2.71
N HIS A 16 -11.48 -3.84 2.63
CA HIS A 16 -12.65 -3.04 2.33
C HIS A 16 -12.22 -1.70 1.76
N LYS A 17 -11.00 -1.28 2.12
CA LYS A 17 -10.43 -0.06 1.57
C LYS A 17 -9.79 -0.35 0.22
N CYS A 18 -9.89 -1.61 -0.20
CA CYS A 18 -9.42 -2.03 -1.51
C CYS A 18 -10.39 -1.54 -2.58
N GLY A 19 -10.55 -0.22 -2.61
CA GLY A 19 -11.45 0.43 -3.53
C GLY A 19 -11.21 1.92 -3.54
N LEU A 20 -11.09 2.52 -2.35
CA LEU A 20 -10.79 3.94 -2.24
C LEU A 20 -9.31 4.21 -2.53
N VAL A 21 -8.43 3.31 -2.10
CA VAL A 21 -7.01 3.50 -2.35
C VAL A 21 -6.57 2.73 -3.57
N ILE A 22 -7.19 1.57 -3.76
CA ILE A 22 -6.80 0.68 -4.82
C ILE A 22 -7.57 1.03 -6.09
N GLY A 23 -8.85 0.67 -6.13
CA GLY A 23 -9.70 1.13 -7.22
C GLY A 23 -9.69 0.19 -8.41
N ARG A 24 -10.56 -0.82 -8.38
CA ARG A 24 -10.68 -1.81 -9.46
C ARG A 24 -9.34 -2.47 -9.75
N GLY A 25 -8.67 -2.03 -10.82
CA GLY A 25 -7.38 -2.57 -11.16
C GLY A 25 -6.27 -1.64 -10.74
N GLY A 26 -6.37 -1.15 -9.51
CA GLY A 26 -5.40 -0.24 -8.98
C GLY A 26 -5.41 1.10 -9.71
N GLU A 27 -6.62 1.58 -10.00
CA GLU A 27 -6.82 2.85 -10.67
C GLU A 27 -6.21 3.99 -9.86
N ASN A 28 -6.28 3.87 -8.54
CA ASN A 28 -5.78 4.92 -7.66
C ASN A 28 -4.33 4.65 -7.25
N VAL A 29 -3.93 3.38 -7.23
CA VAL A 29 -2.58 3.02 -6.79
C VAL A 29 -1.54 3.40 -7.84
N LYS A 30 -1.89 3.27 -9.11
CA LYS A 30 -0.97 3.65 -10.18
C LYS A 30 -0.78 5.18 -10.18
N ALA A 31 -1.69 5.88 -9.52
CA ALA A 31 -1.54 7.31 -9.33
C ALA A 31 -0.56 7.59 -8.22
N ILE A 32 -0.54 6.72 -7.21
CA ILE A 32 0.51 6.78 -6.20
C ILE A 32 1.85 6.64 -6.90
N ASN A 33 1.91 5.61 -7.73
CA ASN A 33 3.09 5.31 -8.55
C ASN A 33 3.56 6.54 -9.33
N GLN A 34 2.63 7.26 -9.94
CA GLN A 34 2.98 8.40 -10.78
C GLN A 34 3.43 9.58 -9.92
N GLN A 35 2.96 9.62 -8.68
CA GLN A 35 3.32 10.69 -7.78
C GLN A 35 4.63 10.39 -7.06
N THR A 36 5.02 9.13 -7.02
CA THR A 36 6.11 8.70 -6.18
C THR A 36 7.32 8.22 -6.97
N GLY A 37 7.12 7.26 -7.85
CA GLY A 37 8.22 6.61 -8.52
C GLY A 37 8.34 5.16 -8.09
N ALA A 38 7.70 4.84 -6.97
CA ALA A 38 7.74 3.51 -6.42
C ALA A 38 6.60 2.67 -6.96
N PHE A 39 6.83 1.39 -7.11
CA PHE A 39 5.85 0.48 -7.66
C PHE A 39 4.99 -0.10 -6.56
N VAL A 40 3.77 0.38 -6.49
CA VAL A 40 2.80 -0.12 -5.53
C VAL A 40 2.11 -1.36 -6.10
N GLU A 41 2.28 -2.48 -5.41
CA GLU A 41 1.74 -3.76 -5.87
C GLU A 41 0.79 -4.35 -4.84
N ILE A 42 0.07 -5.38 -5.24
CA ILE A 42 -0.80 -6.09 -4.31
C ILE A 42 -0.06 -7.33 -3.83
N SER A 43 0.21 -7.40 -2.54
CA SER A 43 1.03 -8.47 -2.00
C SER A 43 0.23 -9.77 -1.88
N ARG A 44 0.96 -10.86 -1.65
CA ARG A 44 0.37 -12.16 -1.43
C ARG A 44 0.70 -12.63 -0.03
N GLN A 45 1.29 -11.73 0.75
CA GLN A 45 1.68 -12.03 2.12
C GLN A 45 0.51 -11.83 3.07
N LEU A 46 0.53 -12.56 4.17
CA LEU A 46 -0.44 -12.38 5.24
C LEU A 46 0.26 -11.78 6.45
N PRO A 47 -0.38 -10.79 7.10
CA PRO A 47 0.19 -10.13 8.28
C PRO A 47 0.43 -11.11 9.42
N PRO A 48 1.38 -10.79 10.32
CA PRO A 48 1.78 -11.69 11.41
C PRO A 48 0.66 -11.99 12.40
N ASN A 49 -0.50 -11.39 12.17
CA ASN A 49 -1.67 -11.66 12.98
C ASN A 49 -2.46 -12.83 12.38
N GLY A 50 -2.17 -13.14 11.13
CA GLY A 50 -2.86 -14.21 10.44
C GLY A 50 -4.28 -13.84 10.07
N ASP A 51 -4.56 -12.55 10.11
CA ASP A 51 -5.92 -12.05 9.89
C ASP A 51 -6.14 -11.73 8.42
N PRO A 52 -7.21 -12.28 7.82
CA PRO A 52 -7.48 -12.14 6.38
C PRO A 52 -8.17 -10.81 6.02
N ASN A 53 -8.46 -10.00 7.03
CA ASN A 53 -9.14 -8.73 6.81
C ASN A 53 -8.13 -7.62 6.56
N PHE A 54 -6.86 -7.96 6.72
CA PHE A 54 -5.79 -7.03 6.44
C PHE A 54 -4.92 -7.55 5.31
N LYS A 55 -5.25 -7.11 4.10
CA LYS A 55 -4.52 -7.53 2.92
C LYS A 55 -3.23 -6.73 2.80
N LEU A 56 -2.11 -7.43 2.69
CA LEU A 56 -0.83 -6.75 2.62
C LEU A 56 -0.63 -6.13 1.23
N PHE A 57 -0.09 -4.93 1.23
CA PHE A 57 0.17 -4.19 0.02
C PHE A 57 1.67 -3.94 -0.11
N ILE A 58 2.17 -3.89 -1.34
CA ILE A 58 3.60 -3.73 -1.58
C ILE A 58 3.92 -2.33 -2.08
N ILE A 59 5.00 -1.77 -1.57
CA ILE A 59 5.57 -0.59 -2.18
C ILE A 59 7.05 -0.85 -2.40
N ARG A 60 7.42 -1.17 -3.64
CA ARG A 60 8.80 -1.51 -3.96
C ARG A 60 9.45 -0.39 -4.75
N GLY A 61 10.66 -0.02 -4.34
CA GLY A 61 11.38 1.04 -5.01
C GLY A 61 12.46 1.62 -4.14
N SER A 62 12.73 2.90 -4.31
CA SER A 62 13.69 3.58 -3.47
C SER A 62 13.04 3.92 -2.13
N PRO A 63 13.83 3.84 -1.05
CA PRO A 63 13.33 4.07 0.33
C PRO A 63 12.72 5.46 0.50
N GLN A 64 13.07 6.39 -0.39
CA GLN A 64 12.50 7.73 -0.37
C GLN A 64 11.21 7.78 -1.18
N GLN A 65 11.09 6.89 -2.15
CA GLN A 65 9.87 6.80 -2.95
C GLN A 65 8.81 6.03 -2.19
N ILE A 66 9.21 4.94 -1.56
CA ILE A 66 8.31 4.12 -0.75
C ILE A 66 7.67 4.92 0.37
N ASP A 67 8.49 5.56 1.19
CA ASP A 67 8.01 6.32 2.33
C ASP A 67 7.09 7.45 1.86
N HIS A 68 7.45 8.06 0.74
CA HIS A 68 6.63 9.10 0.14
C HIS A 68 5.29 8.52 -0.27
N ALA A 69 5.32 7.36 -0.93
CA ALA A 69 4.10 6.68 -1.35
C ALA A 69 3.19 6.40 -0.17
N LYS A 70 3.81 5.93 0.90
CA LYS A 70 3.13 5.70 2.18
C LYS A 70 2.31 6.92 2.59
N GLN A 71 2.91 8.10 2.45
CA GLN A 71 2.25 9.35 2.82
C GLN A 71 0.98 9.56 2.00
N LEU A 72 1.08 9.43 0.68
CA LEU A 72 -0.08 9.61 -0.18
C LEU A 72 -1.19 8.62 0.16
N ILE A 73 -0.81 7.39 0.48
CA ILE A 73 -1.77 6.36 0.86
C ILE A 73 -2.44 6.72 2.18
N GLU A 74 -1.64 7.17 3.13
CA GLU A 74 -2.14 7.62 4.42
C GLU A 74 -3.06 8.83 4.25
N GLU A 75 -2.79 9.63 3.22
CA GLU A 75 -3.65 10.74 2.87
C GLU A 75 -4.98 10.22 2.32
N LYS A 76 -4.90 9.20 1.46
CA LYS A 76 -6.10 8.60 0.87
C LYS A 76 -7.04 8.09 1.96
N ILE A 77 -6.48 7.30 2.87
CA ILE A 77 -7.27 6.62 3.89
C ILE A 77 -7.38 7.44 5.17
N GLU A 78 -6.73 8.62 5.15
CA GLU A 78 -6.59 9.50 6.32
C GLU A 78 -6.26 8.72 7.59
N GLY A 79 -5.22 7.91 7.51
CA GLY A 79 -4.81 7.09 8.64
C GLY A 79 -3.41 6.56 8.48
N PRO A 80 -2.64 6.47 9.57
CA PRO A 80 -1.25 5.97 9.51
C PRO A 80 -1.18 4.47 9.24
N LEU A 81 -0.20 4.06 8.44
CA LEU A 81 -0.02 2.66 8.09
C LEU A 81 1.14 2.03 8.86
N CYS A 82 0.91 0.82 9.35
CA CYS A 82 1.94 0.07 10.05
C CYS A 82 2.76 -0.76 9.06
N PRO A 83 4.09 -0.56 9.05
CA PRO A 83 5.02 -1.25 8.14
C PRO A 83 5.15 -2.75 8.45
N VAL A 84 4.83 -3.56 7.47
CA VAL A 84 4.93 -5.01 7.58
C VAL A 84 6.08 -5.49 6.69
N GLY A 85 6.57 -6.70 6.93
CA GLY A 85 7.62 -7.23 6.08
C GLY A 85 8.15 -8.55 6.57
N GLY A 7 14.68 -2.07 1.50
CA GLY A 7 14.19 -2.39 0.18
C GLY A 7 12.69 -2.17 0.10
N GLU A 8 11.99 -3.12 -0.48
CA GLU A 8 10.54 -3.04 -0.60
C GLU A 8 9.87 -3.06 0.77
N MET A 9 9.01 -2.10 1.01
CA MET A 9 8.29 -2.01 2.26
C MET A 9 6.86 -2.46 2.08
N THR A 10 6.44 -3.44 2.87
CA THR A 10 5.08 -3.93 2.81
C THR A 10 4.23 -3.25 3.87
N PHE A 11 2.98 -3.00 3.56
CA PHE A 11 2.07 -2.34 4.49
C PHE A 11 0.76 -3.08 4.59
N SER A 12 0.04 -2.86 5.67
CA SER A 12 -1.23 -3.51 5.91
C SER A 12 -2.39 -2.74 5.27
N ILE A 13 -2.89 -3.22 4.15
CA ILE A 13 -4.01 -2.59 3.48
C ILE A 13 -5.26 -3.45 3.58
N PRO A 14 -6.17 -3.04 4.48
CA PRO A 14 -7.49 -3.65 4.64
C PRO A 14 -8.26 -3.81 3.34
N THR A 15 -8.99 -4.91 3.24
CA THR A 15 -9.84 -5.20 2.10
C THR A 15 -11.04 -4.25 2.06
N HIS A 16 -11.48 -3.77 3.21
CA HIS A 16 -12.55 -2.78 3.25
C HIS A 16 -12.06 -1.45 2.70
N LYS A 17 -10.75 -1.29 2.60
CA LYS A 17 -10.15 -0.10 1.99
C LYS A 17 -9.55 -0.40 0.62
N CYS A 18 -9.68 -1.64 0.14
CA CYS A 18 -9.05 -2.04 -1.12
C CYS A 18 -9.75 -1.41 -2.33
N GLY A 19 -10.64 -0.46 -2.07
CA GLY A 19 -11.28 0.28 -3.13
C GLY A 19 -10.97 1.76 -3.07
N LEU A 20 -10.80 2.30 -1.86
CA LEU A 20 -10.61 3.74 -1.69
C LEU A 20 -9.16 4.15 -1.91
N VAL A 21 -8.23 3.22 -1.71
CA VAL A 21 -6.82 3.49 -1.99
C VAL A 21 -6.37 2.78 -3.25
N ILE A 22 -7.12 1.76 -3.62
CA ILE A 22 -6.71 0.90 -4.71
C ILE A 22 -7.49 1.21 -5.98
N GLY A 23 -8.83 1.18 -5.90
CA GLY A 23 -9.65 1.55 -7.03
C GLY A 23 -10.50 0.41 -7.54
N ARG A 24 -10.51 0.19 -8.84
CA ARG A 24 -11.22 -0.93 -9.43
C ARG A 24 -10.28 -2.11 -9.56
N GLY A 25 -9.16 -1.87 -10.22
CA GLY A 25 -8.13 -2.87 -10.35
C GLY A 25 -6.77 -2.33 -9.95
N GLY A 26 -6.79 -1.11 -9.41
CA GLY A 26 -5.56 -0.46 -8.99
C GLY A 26 -5.33 0.87 -9.67
N GLU A 27 -6.42 1.58 -9.95
CA GLU A 27 -6.34 2.91 -10.56
C GLU A 27 -5.68 3.90 -9.61
N ASN A 28 -6.13 3.91 -8.36
CA ASN A 28 -5.62 4.85 -7.37
C ASN A 28 -4.19 4.49 -7.03
N VAL A 29 -3.92 3.19 -6.96
CA VAL A 29 -2.59 2.69 -6.65
C VAL A 29 -1.59 3.04 -7.75
N LYS A 30 -1.98 2.91 -9.00
CA LYS A 30 -1.07 3.20 -10.10
C LYS A 30 -0.80 4.71 -10.16
N ALA A 31 -1.77 5.50 -9.71
CA ALA A 31 -1.58 6.95 -9.66
C ALA A 31 -0.59 7.31 -8.57
N ILE A 32 -0.60 6.56 -7.47
CA ILE A 32 0.41 6.72 -6.43
C ILE A 32 1.78 6.60 -7.07
N ASN A 33 1.94 5.54 -7.84
CA ASN A 33 3.19 5.22 -8.53
C ASN A 33 3.63 6.38 -9.44
N GLN A 34 2.71 6.87 -10.28
CA GLN A 34 3.07 7.91 -11.23
C GLN A 34 3.41 9.22 -10.54
N GLN A 35 2.73 9.49 -9.43
CA GLN A 35 3.03 10.68 -8.62
C GLN A 35 4.39 10.54 -7.93
N THR A 36 4.72 9.33 -7.51
CA THR A 36 5.88 9.10 -6.66
C THR A 36 7.08 8.56 -7.42
N GLY A 37 6.99 7.32 -7.84
CA GLY A 37 8.10 6.63 -8.44
C GLY A 37 8.19 5.20 -7.96
N ALA A 38 7.54 4.91 -6.82
CA ALA A 38 7.58 3.58 -6.25
C ALA A 38 6.45 2.71 -6.76
N PHE A 39 6.69 1.41 -6.78
CA PHE A 39 5.74 0.46 -7.32
C PHE A 39 4.89 -0.13 -6.19
N VAL A 40 3.64 0.26 -6.13
CA VAL A 40 2.72 -0.26 -5.14
C VAL A 40 2.02 -1.51 -5.68
N GLU A 41 2.44 -2.67 -5.20
CA GLU A 41 1.91 -3.95 -5.65
C GLU A 41 0.94 -4.52 -4.64
N ILE A 42 0.09 -5.43 -5.08
CA ILE A 42 -0.84 -6.13 -4.20
C ILE A 42 -0.28 -7.51 -3.92
N SER A 43 0.05 -7.78 -2.67
CA SER A 43 0.77 -8.99 -2.31
C SER A 43 -0.18 -10.17 -2.13
N ARG A 44 0.42 -11.31 -1.78
CA ARG A 44 -0.31 -12.54 -1.51
C ARG A 44 0.21 -13.12 -0.20
N GLN A 45 0.85 -12.26 0.58
CA GLN A 45 1.41 -12.65 1.87
C GLN A 45 0.38 -12.43 2.98
N LEU A 46 0.46 -13.25 4.01
CA LEU A 46 -0.44 -13.14 5.15
C LEU A 46 0.21 -12.31 6.25
N PRO A 47 -0.50 -11.30 6.77
CA PRO A 47 0.01 -10.42 7.82
C PRO A 47 0.15 -11.16 9.15
N PRO A 48 0.96 -10.63 10.09
CA PRO A 48 1.16 -11.27 11.40
C PRO A 48 -0.15 -11.66 12.06
N ASN A 49 -1.12 -10.76 12.01
CA ASN A 49 -2.44 -10.97 12.63
C ASN A 49 -3.17 -12.15 12.01
N GLY A 50 -2.84 -12.45 10.76
CA GLY A 50 -3.46 -13.56 10.05
C GLY A 50 -4.93 -13.30 9.74
N ASP A 51 -5.33 -12.04 9.82
CA ASP A 51 -6.71 -11.66 9.55
C ASP A 51 -6.95 -11.53 8.06
N PRO A 52 -7.98 -12.20 7.53
CA PRO A 52 -8.24 -12.28 6.09
C PRO A 52 -8.74 -10.96 5.48
N ASN A 53 -8.96 -9.96 6.32
CA ASN A 53 -9.37 -8.64 5.83
C ASN A 53 -8.15 -7.83 5.47
N PHE A 54 -7.03 -8.14 6.09
CA PHE A 54 -5.82 -7.38 5.87
C PHE A 54 -4.99 -7.98 4.75
N LYS A 55 -4.94 -7.28 3.63
CA LYS A 55 -4.08 -7.67 2.53
C LYS A 55 -2.76 -6.92 2.65
N LEU A 56 -1.68 -7.58 2.31
CA LEU A 56 -0.39 -6.92 2.34
C LEU A 56 -0.12 -6.22 1.02
N PHE A 57 0.30 -4.97 1.10
CA PHE A 57 0.64 -4.20 -0.09
C PHE A 57 2.13 -3.92 -0.14
N ILE A 58 2.75 -4.22 -1.27
CA ILE A 58 4.19 -4.12 -1.40
C ILE A 58 4.57 -2.83 -2.11
N ILE A 59 5.01 -1.83 -1.37
CA ILE A 59 5.51 -0.63 -2.01
C ILE A 59 6.98 -0.80 -2.21
N ARG A 60 7.37 -1.16 -3.43
CA ARG A 60 8.73 -1.54 -3.70
C ARG A 60 9.43 -0.48 -4.55
N GLY A 61 10.67 -0.17 -4.17
CA GLY A 61 11.41 0.88 -4.83
C GLY A 61 12.44 1.47 -3.91
N SER A 62 12.78 2.72 -4.13
CA SER A 62 13.73 3.42 -3.27
C SER A 62 13.00 4.06 -2.10
N PRO A 63 13.65 4.15 -0.92
CA PRO A 63 13.03 4.68 0.31
C PRO A 63 12.23 5.97 0.09
N GLN A 64 12.86 6.96 -0.53
CA GLN A 64 12.21 8.26 -0.77
C GLN A 64 10.93 8.10 -1.60
N GLN A 65 10.91 7.07 -2.43
CA GLN A 65 9.74 6.80 -3.25
C GLN A 65 8.67 6.09 -2.43
N ILE A 66 9.08 5.03 -1.74
CA ILE A 66 8.18 4.25 -0.89
C ILE A 66 7.53 5.10 0.20
N ASP A 67 8.36 5.77 0.98
CA ASP A 67 7.89 6.57 2.12
C ASP A 67 6.95 7.68 1.67
N HIS A 68 7.29 8.29 0.53
CA HIS A 68 6.44 9.32 -0.04
C HIS A 68 5.11 8.73 -0.48
N ALA A 69 5.17 7.61 -1.18
CA ALA A 69 3.95 6.92 -1.62
C ALA A 69 3.07 6.58 -0.43
N LYS A 70 3.70 6.11 0.63
CA LYS A 70 3.04 5.83 1.90
C LYS A 70 2.24 7.03 2.38
N GLN A 71 2.79 8.23 2.21
CA GLN A 71 2.11 9.45 2.64
C GLN A 71 0.83 9.68 1.85
N LEU A 72 0.90 9.60 0.52
CA LEU A 72 -0.29 9.76 -0.31
C LEU A 72 -1.36 8.74 0.06
N ILE A 73 -0.92 7.52 0.36
CA ILE A 73 -1.84 6.46 0.77
C ILE A 73 -2.46 6.78 2.13
N GLU A 74 -1.64 7.26 3.05
CA GLU A 74 -2.11 7.63 4.38
C GLU A 74 -3.02 8.85 4.32
N GLU A 75 -3.04 9.53 3.19
CA GLU A 75 -3.95 10.64 2.98
C GLU A 75 -5.26 10.14 2.38
N LYS A 76 -5.19 9.04 1.64
CA LYS A 76 -6.39 8.42 1.10
C LYS A 76 -7.16 7.73 2.22
N ILE A 77 -6.46 6.91 2.98
CA ILE A 77 -7.06 6.18 4.08
C ILE A 77 -7.15 7.06 5.32
N GLU A 78 -6.33 8.10 5.33
CA GLU A 78 -6.25 9.07 6.44
C GLU A 78 -5.91 8.36 7.75
N GLY A 79 -5.03 7.38 7.65
CA GLY A 79 -4.61 6.61 8.80
C GLY A 79 -3.16 6.17 8.69
N PRO A 80 -2.50 5.87 9.81
CA PRO A 80 -1.09 5.49 9.81
C PRO A 80 -0.87 4.05 9.34
N LEU A 81 0.08 3.89 8.42
CA LEU A 81 0.45 2.57 7.94
C LEU A 81 1.76 2.11 8.56
N CYS A 82 1.73 0.92 9.12
CA CYS A 82 2.89 0.36 9.81
C CYS A 82 3.74 -0.48 8.85
N PRO A 83 5.07 -0.39 8.97
CA PRO A 83 6.00 -1.19 8.18
C PRO A 83 5.85 -2.67 8.48
N VAL A 84 5.24 -3.38 7.54
CA VAL A 84 4.94 -4.78 7.67
C VAL A 84 5.87 -5.60 6.78
N GLY A 85 6.26 -6.79 7.26
CA GLY A 85 7.07 -7.66 6.45
C GLY A 85 7.37 -8.98 7.13
N GLY A 7 13.89 -4.31 -0.63
CA GLY A 7 13.58 -2.90 -0.78
C GLY A 7 12.09 -2.67 -0.98
N GLU A 8 11.32 -3.75 -0.90
CA GLU A 8 9.88 -3.67 -1.02
C GLU A 8 9.24 -3.50 0.37
N MET A 9 8.86 -2.27 0.70
CA MET A 9 8.26 -1.99 1.99
C MET A 9 6.80 -2.42 1.97
N THR A 10 6.37 -3.11 3.01
CA THR A 10 5.03 -3.65 3.05
C THR A 10 4.19 -2.97 4.13
N PHE A 11 2.92 -2.71 3.83
CA PHE A 11 2.01 -2.10 4.79
C PHE A 11 0.70 -2.89 4.84
N SER A 12 0.04 -2.86 5.98
CA SER A 12 -1.22 -3.57 6.15
C SER A 12 -2.41 -2.65 5.81
N ILE A 13 -3.05 -2.93 4.69
CA ILE A 13 -4.22 -2.16 4.27
C ILE A 13 -5.48 -3.01 4.34
N PRO A 14 -6.46 -2.52 5.10
CA PRO A 14 -7.80 -3.13 5.21
C PRO A 14 -8.39 -3.55 3.88
N THR A 15 -8.96 -4.76 3.86
CA THR A 15 -9.58 -5.29 2.66
C THR A 15 -10.78 -4.46 2.21
N HIS A 16 -11.35 -3.67 3.12
CA HIS A 16 -12.46 -2.80 2.75
C HIS A 16 -11.95 -1.51 2.09
N LYS A 17 -10.72 -1.13 2.39
CA LYS A 17 -10.15 0.11 1.83
C LYS A 17 -9.45 -0.16 0.51
N CYS A 18 -9.62 -1.37 -0.01
CA CYS A 18 -9.02 -1.76 -1.28
C CYS A 18 -9.63 -1.00 -2.45
N GLY A 19 -10.52 -0.06 -2.19
CA GLY A 19 -11.12 0.73 -3.24
C GLY A 19 -10.71 2.18 -3.19
N LEU A 20 -10.64 2.75 -1.98
CA LEU A 20 -10.33 4.16 -1.83
C LEU A 20 -8.83 4.43 -2.02
N VAL A 21 -8.01 3.40 -1.88
CA VAL A 21 -6.58 3.54 -2.19
C VAL A 21 -6.17 2.69 -3.37
N ILE A 22 -6.83 1.57 -3.53
CA ILE A 22 -6.43 0.60 -4.54
C ILE A 22 -7.35 0.70 -5.75
N GLY A 23 -8.66 0.60 -5.53
CA GLY A 23 -9.61 0.84 -6.60
C GLY A 23 -10.48 -0.37 -6.89
N ARG A 24 -11.19 -0.34 -8.01
CA ARG A 24 -11.94 -1.51 -8.47
C ARG A 24 -10.97 -2.66 -8.68
N GLY A 25 -9.81 -2.34 -9.20
CA GLY A 25 -8.70 -3.25 -9.21
C GLY A 25 -7.50 -2.59 -8.56
N GLY A 26 -6.32 -2.78 -9.11
CA GLY A 26 -5.19 -1.99 -8.68
C GLY A 26 -5.06 -0.74 -9.52
N GLU A 27 -6.08 0.10 -9.40
CA GLU A 27 -6.25 1.27 -10.25
C GLU A 27 -5.58 2.51 -9.67
N ASN A 28 -5.97 2.87 -8.47
CA ASN A 28 -5.49 4.10 -7.85
C ASN A 28 -4.03 3.99 -7.44
N VAL A 29 -3.56 2.76 -7.28
CA VAL A 29 -2.21 2.52 -6.79
C VAL A 29 -1.16 2.85 -7.85
N LYS A 30 -1.51 2.70 -9.12
CA LYS A 30 -0.58 3.04 -10.19
C LYS A 30 -0.49 4.55 -10.35
N ALA A 31 -1.51 5.25 -9.85
CA ALA A 31 -1.48 6.70 -9.85
C ALA A 31 -0.60 7.19 -8.71
N ILE A 32 -0.56 6.43 -7.63
CA ILE A 32 0.40 6.69 -6.56
C ILE A 32 1.81 6.58 -7.14
N ASN A 33 2.01 5.50 -7.88
CA ASN A 33 3.28 5.22 -8.54
C ASN A 33 3.69 6.36 -9.47
N GLN A 34 2.75 6.83 -10.28
CA GLN A 34 3.05 7.91 -11.23
C GLN A 34 3.38 9.21 -10.50
N GLN A 35 2.78 9.39 -9.32
CA GLN A 35 3.02 10.58 -8.52
C GLN A 35 4.33 10.47 -7.75
N THR A 36 4.84 9.26 -7.60
CA THR A 36 5.97 9.03 -6.72
C THR A 36 7.19 8.48 -7.45
N GLY A 37 7.13 7.22 -7.84
CA GLY A 37 8.27 6.57 -8.45
C GLY A 37 8.39 5.13 -7.98
N ALA A 38 7.80 4.85 -6.83
CA ALA A 38 7.85 3.52 -6.26
C ALA A 38 6.70 2.68 -6.76
N PHE A 39 6.93 1.39 -6.92
CA PHE A 39 5.93 0.49 -7.42
C PHE A 39 5.02 0.02 -6.29
N VAL A 40 3.80 0.51 -6.29
CA VAL A 40 2.82 0.10 -5.30
C VAL A 40 2.06 -1.13 -5.81
N GLU A 41 2.47 -2.29 -5.32
CA GLU A 41 1.92 -3.56 -5.78
C GLU A 41 0.95 -4.15 -4.76
N ILE A 42 0.03 -4.96 -5.23
CA ILE A 42 -0.89 -5.65 -4.35
C ILE A 42 -0.20 -6.91 -3.83
N SER A 43 0.13 -6.90 -2.54
CA SER A 43 0.91 -7.98 -1.96
C SER A 43 0.05 -9.24 -1.83
N ARG A 44 0.69 -10.38 -2.00
CA ARG A 44 0.02 -11.66 -1.87
C ARG A 44 0.52 -12.40 -0.64
N GLN A 45 1.19 -11.67 0.23
CA GLN A 45 1.64 -12.20 1.50
C GLN A 45 0.54 -12.05 2.54
N LEU A 46 0.57 -12.88 3.57
CA LEU A 46 -0.44 -12.88 4.61
C LEU A 46 0.14 -12.34 5.91
N PRO A 47 -0.64 -11.58 6.69
CA PRO A 47 -0.19 -11.00 7.95
C PRO A 47 -0.02 -12.07 9.01
N PRO A 48 0.76 -11.78 10.08
CA PRO A 48 1.01 -12.73 11.17
C PRO A 48 -0.27 -13.16 11.89
N ASN A 49 -1.34 -12.42 11.65
CA ASN A 49 -2.66 -12.77 12.17
C ASN A 49 -3.31 -13.86 11.32
N GLY A 50 -2.95 -13.86 10.03
CA GLY A 50 -3.50 -14.81 9.09
C GLY A 50 -4.98 -14.62 8.84
N ASP A 51 -5.43 -13.38 8.98
CA ASP A 51 -6.82 -13.04 8.71
C ASP A 51 -6.92 -12.24 7.42
N PRO A 52 -7.84 -12.62 6.52
CA PRO A 52 -8.01 -11.97 5.23
C PRO A 52 -8.77 -10.65 5.31
N ASN A 53 -8.84 -10.08 6.51
CA ASN A 53 -9.52 -8.80 6.72
C ASN A 53 -8.51 -7.66 6.63
N PHE A 54 -7.23 -8.02 6.51
CA PHE A 54 -6.17 -7.06 6.27
C PHE A 54 -5.26 -7.56 5.17
N LYS A 55 -5.18 -6.81 4.09
CA LYS A 55 -4.35 -7.18 2.95
C LYS A 55 -3.03 -6.41 2.99
N LEU A 56 -1.93 -7.12 2.84
CA LEU A 56 -0.63 -6.48 2.76
C LEU A 56 -0.48 -5.82 1.41
N PHE A 57 0.25 -4.72 1.37
CA PHE A 57 0.48 -3.99 0.14
C PHE A 57 1.95 -3.65 0.01
N ILE A 58 2.47 -3.72 -1.22
CA ILE A 58 3.89 -3.52 -1.47
C ILE A 58 4.14 -2.11 -1.99
N ILE A 59 5.19 -1.48 -1.50
CA ILE A 59 5.71 -0.28 -2.11
C ILE A 59 7.20 -0.48 -2.32
N ARG A 60 7.58 -0.89 -3.52
CA ARG A 60 8.97 -1.25 -3.78
C ARG A 60 9.71 -0.16 -4.52
N GLY A 61 10.87 0.20 -4.01
CA GLY A 61 11.67 1.25 -4.60
C GLY A 61 12.70 1.77 -3.62
N SER A 62 13.07 3.04 -3.74
CA SER A 62 13.98 3.64 -2.80
C SER A 62 13.20 4.35 -1.69
N PRO A 63 13.83 4.57 -0.51
CA PRO A 63 13.17 5.17 0.65
C PRO A 63 12.29 6.39 0.33
N GLN A 64 12.83 7.36 -0.41
CA GLN A 64 12.09 8.58 -0.71
C GLN A 64 10.91 8.33 -1.65
N GLN A 65 10.99 7.27 -2.45
CA GLN A 65 9.88 6.91 -3.33
C GLN A 65 8.83 6.19 -2.52
N ILE A 66 9.26 5.22 -1.73
CA ILE A 66 8.35 4.43 -0.89
C ILE A 66 7.60 5.31 0.09
N ASP A 67 8.36 6.14 0.80
CA ASP A 67 7.79 7.00 1.83
C ASP A 67 6.83 8.03 1.23
N HIS A 68 7.17 8.54 0.05
CA HIS A 68 6.32 9.51 -0.64
C HIS A 68 4.99 8.85 -1.03
N ALA A 69 5.06 7.60 -1.47
CA ALA A 69 3.86 6.86 -1.82
C ALA A 69 3.05 6.52 -0.57
N LYS A 70 3.77 6.07 0.46
CA LYS A 70 3.20 5.80 1.77
C LYS A 70 2.39 6.99 2.26
N GLN A 71 2.98 8.17 2.14
CA GLN A 71 2.34 9.41 2.57
C GLN A 71 1.06 9.68 1.78
N LEU A 72 1.10 9.37 0.48
CA LEU A 72 -0.08 9.57 -0.36
C LEU A 72 -1.19 8.63 0.07
N ILE A 73 -0.82 7.40 0.39
CA ILE A 73 -1.78 6.40 0.83
C ILE A 73 -2.40 6.80 2.17
N GLU A 74 -1.55 7.26 3.07
CA GLU A 74 -2.00 7.72 4.37
C GLU A 74 -2.84 8.99 4.26
N GLU A 75 -2.76 9.65 3.11
CA GLU A 75 -3.60 10.80 2.84
C GLU A 75 -4.93 10.34 2.23
N LYS A 76 -4.89 9.24 1.48
CA LYS A 76 -6.10 8.66 0.92
C LYS A 76 -6.98 8.13 2.04
N ILE A 77 -6.35 7.41 2.96
CA ILE A 77 -7.06 6.79 4.08
C ILE A 77 -7.13 7.75 5.26
N GLU A 78 -6.27 8.77 5.22
CA GLU A 78 -6.14 9.78 6.26
C GLU A 78 -5.91 9.12 7.62
N GLY A 79 -4.94 8.23 7.65
CA GLY A 79 -4.61 7.49 8.86
C GLY A 79 -3.24 6.86 8.76
N PRO A 80 -2.61 6.56 9.91
CA PRO A 80 -1.25 6.00 9.92
C PRO A 80 -1.19 4.53 9.54
N LEU A 81 -0.23 4.18 8.70
CA LEU A 81 0.00 2.80 8.30
C LEU A 81 1.18 2.20 9.04
N CYS A 82 1.06 0.93 9.40
CA CYS A 82 2.12 0.23 10.09
C CYS A 82 2.97 -0.56 9.10
N PRO A 83 4.30 -0.36 9.15
CA PRO A 83 5.25 -1.09 8.29
C PRO A 83 5.34 -2.56 8.68
N VAL A 84 4.99 -3.44 7.76
CA VAL A 84 5.01 -4.88 8.00
C VAL A 84 6.00 -5.54 7.03
N GLY A 85 6.42 -6.76 7.35
CA GLY A 85 7.29 -7.48 6.45
C GLY A 85 8.06 -8.57 7.15
N GLY A 7 14.23 -3.31 1.72
CA GLY A 7 13.94 -3.26 0.31
C GLY A 7 12.53 -2.80 0.05
N GLU A 8 11.77 -3.61 -0.69
CA GLU A 8 10.37 -3.30 -0.94
C GLU A 8 9.58 -3.34 0.36
N MET A 9 9.01 -2.21 0.73
CA MET A 9 8.34 -2.06 2.02
C MET A 9 6.86 -2.37 1.89
N THR A 10 6.40 -3.35 2.63
CA THR A 10 5.00 -3.74 2.59
C THR A 10 4.22 -3.04 3.71
N PHE A 11 2.99 -2.69 3.43
CA PHE A 11 2.12 -2.05 4.43
C PHE A 11 0.79 -2.79 4.49
N SER A 12 0.19 -2.85 5.67
CA SER A 12 -1.06 -3.57 5.85
C SER A 12 -2.24 -2.70 5.43
N ILE A 13 -2.83 -3.05 4.28
CA ILE A 13 -3.97 -2.32 3.75
C ILE A 13 -5.28 -3.02 4.07
N PRO A 14 -6.13 -2.39 4.88
CA PRO A 14 -7.49 -2.87 5.16
C PRO A 14 -8.30 -3.12 3.90
N THR A 15 -8.89 -4.31 3.81
CA THR A 15 -9.64 -4.74 2.64
C THR A 15 -10.83 -3.81 2.34
N HIS A 16 -11.36 -3.14 3.34
CA HIS A 16 -12.45 -2.19 3.12
C HIS A 16 -11.96 -0.94 2.41
N LYS A 17 -10.66 -0.66 2.51
CA LYS A 17 -10.06 0.50 1.86
C LYS A 17 -9.44 0.13 0.52
N CYS A 18 -9.76 -1.08 0.02
CA CYS A 18 -9.21 -1.56 -1.25
C CYS A 18 -9.91 -0.90 -2.44
N GLY A 19 -10.60 0.19 -2.19
CA GLY A 19 -11.21 0.94 -3.27
C GLY A 19 -10.70 2.37 -3.33
N LEU A 20 -10.48 2.97 -2.17
CA LEU A 20 -10.04 4.37 -2.12
C LEU A 20 -8.54 4.50 -2.41
N VAL A 21 -7.74 3.52 -1.99
CA VAL A 21 -6.30 3.54 -2.33
C VAL A 21 -5.99 2.53 -3.43
N ILE A 22 -6.69 1.42 -3.39
CA ILE A 22 -6.45 0.33 -4.31
C ILE A 22 -7.21 0.58 -5.61
N GLY A 23 -8.53 0.57 -5.52
CA GLY A 23 -9.34 0.86 -6.69
C GLY A 23 -9.75 -0.40 -7.43
N ARG A 24 -10.42 -1.31 -6.71
CA ARG A 24 -11.04 -2.51 -7.29
C ARG A 24 -10.18 -3.15 -8.36
N GLY A 25 -9.12 -3.82 -7.92
CA GLY A 25 -8.16 -4.38 -8.86
C GLY A 25 -6.83 -3.68 -8.76
N GLY A 26 -6.89 -2.35 -8.63
CA GLY A 26 -5.68 -1.58 -8.43
C GLY A 26 -5.50 -0.51 -9.49
N GLU A 27 -6.53 0.30 -9.70
CA GLU A 27 -6.46 1.38 -10.67
C GLU A 27 -5.99 2.68 -10.01
N ASN A 28 -6.08 2.75 -8.70
CA ASN A 28 -5.68 3.95 -7.97
C ASN A 28 -4.20 3.89 -7.61
N VAL A 29 -3.69 2.68 -7.41
CA VAL A 29 -2.32 2.48 -6.95
C VAL A 29 -1.30 2.91 -8.00
N LYS A 30 -1.67 2.82 -9.27
CA LYS A 30 -0.78 3.24 -10.35
C LYS A 30 -0.66 4.77 -10.38
N ALA A 31 -1.70 5.45 -9.90
CA ALA A 31 -1.66 6.89 -9.82
C ALA A 31 -0.79 7.34 -8.65
N ILE A 32 -0.76 6.52 -7.60
CA ILE A 32 0.17 6.74 -6.51
C ILE A 32 1.60 6.68 -7.07
N ASN A 33 1.82 5.67 -7.90
CA ASN A 33 3.12 5.46 -8.55
C ASN A 33 3.51 6.68 -9.38
N GLN A 34 2.60 7.13 -10.25
CA GLN A 34 2.88 8.25 -11.14
C GLN A 34 3.17 9.53 -10.34
N GLN A 35 2.59 9.61 -9.15
CA GLN A 35 2.82 10.75 -8.26
C GLN A 35 4.15 10.64 -7.55
N THR A 36 4.63 9.42 -7.39
CA THR A 36 5.76 9.16 -6.51
C THR A 36 6.99 8.66 -7.25
N GLY A 37 6.97 7.40 -7.64
CA GLY A 37 8.14 6.77 -8.20
C GLY A 37 8.22 5.31 -7.82
N ALA A 38 7.58 4.96 -6.71
CA ALA A 38 7.59 3.60 -6.21
C ALA A 38 6.42 2.80 -6.75
N PHE A 39 6.63 1.50 -6.91
CA PHE A 39 5.59 0.61 -7.42
C PHE A 39 4.72 0.11 -6.28
N VAL A 40 3.42 0.44 -6.35
CA VAL A 40 2.47 0.00 -5.34
C VAL A 40 1.75 -1.27 -5.80
N GLU A 41 2.23 -2.39 -5.28
CA GLU A 41 1.78 -3.71 -5.69
C GLU A 41 0.86 -4.34 -4.64
N ILE A 42 0.14 -5.38 -5.03
CA ILE A 42 -0.73 -6.08 -4.12
C ILE A 42 -0.04 -7.38 -3.74
N SER A 43 0.15 -7.56 -2.46
CA SER A 43 1.00 -8.60 -1.94
C SER A 43 0.37 -9.99 -2.07
N ARG A 44 1.23 -10.99 -1.87
CA ARG A 44 0.81 -12.38 -1.91
C ARG A 44 1.05 -13.02 -0.55
N GLN A 45 1.55 -12.20 0.37
CA GLN A 45 1.82 -12.62 1.73
C GLN A 45 0.61 -12.39 2.62
N LEU A 46 0.54 -13.12 3.73
CA LEU A 46 -0.51 -12.93 4.72
C LEU A 46 0.11 -12.36 5.98
N PRO A 47 -0.61 -11.48 6.69
CA PRO A 47 -0.10 -10.86 7.91
C PRO A 47 -0.04 -11.86 9.05
N PRO A 48 0.78 -11.58 10.09
CA PRO A 48 0.96 -12.49 11.23
C PRO A 48 -0.33 -12.71 12.03
N ASN A 49 -1.39 -12.02 11.63
CA ASN A 49 -2.69 -12.19 12.25
C ASN A 49 -3.53 -13.18 11.44
N GLY A 50 -3.18 -13.31 10.15
CA GLY A 50 -3.88 -14.18 9.23
C GLY A 50 -5.31 -13.75 8.97
N ASP A 51 -5.57 -12.45 9.14
CA ASP A 51 -6.90 -11.90 8.87
C ASP A 51 -6.97 -11.41 7.43
N PRO A 52 -7.94 -11.93 6.66
CA PRO A 52 -8.13 -11.55 5.25
C PRO A 52 -8.69 -10.12 5.11
N ASN A 53 -8.90 -9.45 6.23
CA ASN A 53 -9.34 -8.06 6.24
C ASN A 53 -8.14 -7.13 6.13
N PHE A 54 -6.95 -7.69 6.21
CA PHE A 54 -5.73 -6.93 6.09
C PHE A 54 -4.88 -7.45 4.93
N LYS A 55 -5.06 -6.84 3.78
CA LYS A 55 -4.31 -7.22 2.59
C LYS A 55 -3.03 -6.42 2.51
N LEU A 56 -1.91 -7.11 2.46
CA LEU A 56 -0.62 -6.45 2.39
C LEU A 56 -0.45 -5.77 1.04
N PHE A 57 0.15 -4.59 1.05
CA PHE A 57 0.45 -3.85 -0.17
C PHE A 57 1.93 -3.51 -0.21
N ILE A 58 2.60 -3.90 -1.29
CA ILE A 58 4.03 -3.69 -1.42
C ILE A 58 4.31 -2.35 -2.06
N ILE A 59 5.19 -1.59 -1.49
CA ILE A 59 5.67 -0.39 -2.14
C ILE A 59 7.16 -0.54 -2.39
N ARG A 60 7.51 -0.95 -3.59
CA ARG A 60 8.90 -1.23 -3.92
C ARG A 60 9.55 -0.06 -4.65
N GLY A 61 10.70 0.34 -4.13
CA GLY A 61 11.46 1.42 -4.69
C GLY A 61 12.45 1.96 -3.70
N SER A 62 13.01 3.12 -3.98
CA SER A 62 13.89 3.77 -3.02
C SER A 62 13.10 4.16 -1.78
N PRO A 63 13.70 4.06 -0.57
CA PRO A 63 13.00 4.31 0.70
C PRO A 63 12.18 5.61 0.67
N GLN A 64 12.81 6.67 0.19
CA GLN A 64 12.16 7.97 0.07
C GLN A 64 10.95 7.92 -0.85
N GLN A 65 11.00 7.06 -1.86
CA GLN A 65 9.90 6.91 -2.80
C GLN A 65 8.79 6.08 -2.17
N ILE A 66 9.18 5.09 -1.40
CA ILE A 66 8.24 4.21 -0.71
C ILE A 66 7.39 5.00 0.28
N ASP A 67 8.06 5.73 1.17
CA ASP A 67 7.35 6.52 2.16
C ASP A 67 6.57 7.64 1.50
N HIS A 68 7.08 8.12 0.37
CA HIS A 68 6.38 9.12 -0.41
C HIS A 68 5.03 8.58 -0.84
N ALA A 69 5.03 7.38 -1.39
CA ALA A 69 3.79 6.72 -1.82
C ALA A 69 2.91 6.46 -0.61
N LYS A 70 3.53 6.00 0.46
CA LYS A 70 2.86 5.79 1.73
C LYS A 70 2.13 7.05 2.20
N GLN A 71 2.73 8.21 1.96
CA GLN A 71 2.13 9.48 2.34
C GLN A 71 0.80 9.68 1.61
N LEU A 72 0.84 9.60 0.28
CA LEU A 72 -0.38 9.71 -0.52
C LEU A 72 -1.44 8.70 -0.10
N ILE A 73 -1.00 7.56 0.42
CA ILE A 73 -1.92 6.55 0.92
C ILE A 73 -2.50 7.00 2.26
N GLU A 74 -1.63 7.49 3.14
CA GLU A 74 -2.05 8.05 4.42
C GLU A 74 -3.04 9.19 4.21
N GLU A 75 -2.86 9.89 3.10
CA GLU A 75 -3.79 10.93 2.67
C GLU A 75 -5.16 10.33 2.36
N LYS A 76 -5.17 9.30 1.52
CA LYS A 76 -6.42 8.66 1.11
C LYS A 76 -7.14 8.06 2.31
N ILE A 77 -6.39 7.37 3.14
CA ILE A 77 -6.95 6.62 4.25
C ILE A 77 -7.04 7.46 5.52
N GLU A 78 -6.55 8.71 5.39
CA GLU A 78 -6.46 9.69 6.49
C GLU A 78 -6.02 9.05 7.79
N GLY A 79 -4.95 8.27 7.72
CA GLY A 79 -4.40 7.60 8.87
C GLY A 79 -3.07 6.94 8.56
N PRO A 80 -2.39 6.38 9.57
CA PRO A 80 -1.07 5.79 9.39
C PRO A 80 -1.13 4.31 8.98
N LEU A 81 0.02 3.78 8.59
CA LEU A 81 0.14 2.38 8.20
C LEU A 81 1.32 1.72 8.90
N CYS A 82 1.17 0.44 9.19
CA CYS A 82 2.22 -0.33 9.85
C CYS A 82 3.09 -1.04 8.82
N PRO A 83 4.42 -0.84 8.90
CA PRO A 83 5.37 -1.49 8.01
C PRO A 83 5.51 -2.98 8.30
N VAL A 84 5.19 -3.79 7.30
CA VAL A 84 5.28 -5.23 7.41
C VAL A 84 6.20 -5.77 6.31
N GLY A 85 6.89 -6.87 6.56
CA GLY A 85 7.71 -7.44 5.52
C GLY A 85 8.40 -8.72 5.96
N GLY A 7 14.35 -2.24 1.14
CA GLY A 7 13.79 -2.84 -0.05
C GLY A 7 12.30 -2.62 -0.14
N GLU A 8 11.62 -3.47 -0.90
CA GLU A 8 10.18 -3.38 -1.07
C GLU A 8 9.48 -3.62 0.27
N MET A 9 8.87 -2.57 0.81
CA MET A 9 8.29 -2.64 2.13
C MET A 9 6.78 -2.87 2.06
N THR A 10 6.24 -3.55 3.06
CA THR A 10 4.84 -3.96 3.04
C THR A 10 4.02 -3.23 4.11
N PHE A 11 2.79 -2.90 3.78
CA PHE A 11 1.85 -2.29 4.73
C PHE A 11 0.52 -3.02 4.69
N SER A 12 -0.23 -2.94 5.78
CA SER A 12 -1.52 -3.62 5.87
C SER A 12 -2.64 -2.74 5.35
N ILE A 13 -3.18 -3.10 4.18
CA ILE A 13 -4.31 -2.38 3.60
C ILE A 13 -5.60 -3.17 3.78
N PRO A 14 -6.48 -2.68 4.66
CA PRO A 14 -7.81 -3.26 4.92
C PRO A 14 -8.59 -3.61 3.66
N THR A 15 -9.35 -4.70 3.73
CA THR A 15 -10.15 -5.17 2.60
C THR A 15 -11.45 -4.35 2.47
N HIS A 16 -11.60 -3.34 3.31
CA HIS A 16 -12.71 -2.40 3.15
C HIS A 16 -12.19 -1.07 2.62
N LYS A 17 -10.87 -0.88 2.68
CA LYS A 17 -10.24 0.31 2.10
C LYS A 17 -9.58 -0.04 0.77
N CYS A 18 -9.75 -1.29 0.36
CA CYS A 18 -9.13 -1.80 -0.86
C CYS A 18 -9.75 -1.18 -2.12
N GLY A 19 -10.71 -0.29 -1.93
CA GLY A 19 -11.31 0.38 -3.06
C GLY A 19 -10.92 1.85 -3.14
N LEU A 20 -10.78 2.49 -1.99
CA LEU A 20 -10.49 3.93 -1.96
C LEU A 20 -9.03 4.23 -2.26
N VAL A 21 -8.12 3.35 -1.84
CA VAL A 21 -6.69 3.57 -2.09
C VAL A 21 -6.23 2.78 -3.31
N ILE A 22 -6.98 1.73 -3.62
CA ILE A 22 -6.56 0.80 -4.64
C ILE A 22 -7.40 0.96 -5.90
N GLY A 23 -8.71 0.89 -5.73
CA GLY A 23 -9.62 1.01 -6.84
C GLY A 23 -10.28 -0.32 -7.16
N ARG A 24 -11.04 -0.37 -8.24
CA ARG A 24 -11.64 -1.61 -8.67
C ARG A 24 -10.66 -2.37 -9.56
N GLY A 25 -9.55 -2.76 -8.96
CA GLY A 25 -8.48 -3.40 -9.71
C GLY A 25 -7.13 -2.89 -9.27
N GLY A 26 -6.89 -1.61 -9.54
CA GLY A 26 -5.66 -0.99 -9.10
C GLY A 26 -5.39 0.29 -9.87
N GLU A 27 -6.34 1.21 -9.83
CA GLU A 27 -6.23 2.45 -10.59
C GLU A 27 -5.56 3.53 -9.73
N ASN A 28 -5.95 3.62 -8.47
CA ASN A 28 -5.45 4.67 -7.60
C ASN A 28 -3.98 4.45 -7.28
N VAL A 29 -3.61 3.19 -7.05
CA VAL A 29 -2.26 2.84 -6.63
C VAL A 29 -1.21 3.19 -7.70
N LYS A 30 -1.59 3.13 -8.96
CA LYS A 30 -0.65 3.43 -10.03
C LYS A 30 -0.50 4.93 -10.21
N ALA A 31 -1.49 5.68 -9.73
CA ALA A 31 -1.38 7.13 -9.71
C ALA A 31 -0.47 7.55 -8.57
N ILE A 32 -0.53 6.81 -7.47
CA ILE A 32 0.43 6.98 -6.40
C ILE A 32 1.83 6.78 -6.96
N ASN A 33 1.96 5.71 -7.73
CA ASN A 33 3.20 5.38 -8.43
C ASN A 33 3.71 6.54 -9.28
N GLN A 34 2.85 7.06 -10.15
CA GLN A 34 3.25 8.11 -11.08
C GLN A 34 3.67 9.37 -10.33
N GLN A 35 3.08 9.58 -9.16
CA GLN A 35 3.40 10.73 -8.33
C GLN A 35 4.73 10.54 -7.62
N THR A 36 5.09 9.29 -7.35
CA THR A 36 6.19 8.98 -6.45
C THR A 36 7.40 8.38 -7.16
N GLY A 37 7.19 7.29 -7.87
CA GLY A 37 8.28 6.55 -8.44
C GLY A 37 8.26 5.11 -7.99
N ALA A 38 7.65 4.89 -6.83
CA ALA A 38 7.59 3.55 -6.26
C ALA A 38 6.33 2.84 -6.72
N PHE A 39 6.44 1.54 -6.84
CA PHE A 39 5.33 0.71 -7.30
C PHE A 39 4.50 0.24 -6.11
N VAL A 40 3.24 0.61 -6.11
CA VAL A 40 2.32 0.22 -5.04
C VAL A 40 1.52 -1.02 -5.47
N GLU A 41 2.07 -2.18 -5.18
CA GLU A 41 1.52 -3.44 -5.67
C GLU A 41 0.74 -4.17 -4.58
N ILE A 42 -0.21 -4.99 -4.99
CA ILE A 42 -0.97 -5.80 -4.05
C ILE A 42 -0.16 -7.05 -3.70
N SER A 43 0.11 -7.23 -2.43
CA SER A 43 0.99 -8.30 -1.99
C SER A 43 0.24 -9.62 -1.86
N ARG A 44 1.00 -10.68 -1.62
CA ARG A 44 0.44 -12.01 -1.42
C ARG A 44 0.98 -12.59 -0.12
N GLN A 45 1.55 -11.73 0.72
CA GLN A 45 2.08 -12.13 2.01
C GLN A 45 0.96 -12.28 3.03
N LEU A 46 1.25 -12.93 4.14
CA LEU A 46 0.30 -13.06 5.22
C LEU A 46 0.75 -12.23 6.42
N PRO A 47 -0.14 -11.40 6.96
CA PRO A 47 0.14 -10.58 8.14
C PRO A 47 0.37 -11.46 9.37
N PRO A 48 1.07 -10.93 10.39
CA PRO A 48 1.42 -11.67 11.61
C PRO A 48 0.19 -12.17 12.38
N ASN A 49 -0.97 -11.68 12.00
CA ASN A 49 -2.23 -12.12 12.61
C ASN A 49 -2.79 -13.33 11.85
N GLY A 50 -2.33 -13.49 10.61
CA GLY A 50 -2.86 -14.53 9.74
C GLY A 50 -4.29 -14.25 9.34
N ASP A 51 -4.66 -12.97 9.38
CA ASP A 51 -6.04 -12.56 9.13
C ASP A 51 -6.20 -12.11 7.68
N PRO A 52 -7.20 -12.67 6.99
CA PRO A 52 -7.42 -12.40 5.57
C PRO A 52 -8.24 -11.13 5.29
N ASN A 53 -8.54 -10.34 6.31
CA ASN A 53 -9.24 -9.08 6.10
C ASN A 53 -8.25 -7.95 5.88
N PHE A 54 -6.98 -8.27 5.99
CA PHE A 54 -5.92 -7.30 5.74
C PHE A 54 -5.14 -7.69 4.49
N LYS A 55 -5.29 -6.89 3.44
CA LYS A 55 -4.57 -7.11 2.21
C LYS A 55 -3.23 -6.38 2.27
N LEU A 56 -2.16 -7.13 2.36
CA LEU A 56 -0.85 -6.52 2.45
C LEU A 56 -0.48 -5.88 1.11
N PHE A 57 0.15 -4.73 1.18
CA PHE A 57 0.53 -4.00 -0.01
C PHE A 57 2.04 -3.75 -0.03
N ILE A 58 2.64 -3.96 -1.20
CA ILE A 58 4.08 -3.78 -1.37
C ILE A 58 4.36 -2.46 -2.02
N ILE A 59 5.15 -1.62 -1.38
CA ILE A 59 5.64 -0.44 -2.03
C ILE A 59 7.10 -0.67 -2.38
N ARG A 60 7.38 -0.91 -3.65
CA ARG A 60 8.73 -1.26 -4.05
C ARG A 60 9.35 -0.13 -4.84
N GLY A 61 10.64 0.10 -4.60
CA GLY A 61 11.36 1.18 -5.24
C GLY A 61 12.44 1.71 -4.35
N SER A 62 12.80 2.96 -4.53
CA SER A 62 13.81 3.60 -3.69
C SER A 62 13.16 4.08 -2.40
N PRO A 63 13.90 4.07 -1.27
CA PRO A 63 13.37 4.41 0.06
C PRO A 63 12.52 5.68 0.07
N GLN A 64 13.05 6.75 -0.50
CA GLN A 64 12.38 8.05 -0.54
C GLN A 64 11.06 7.95 -1.30
N GLN A 65 11.05 7.15 -2.36
CA GLN A 65 9.87 7.00 -3.19
C GLN A 65 8.84 6.13 -2.49
N ILE A 66 9.32 5.06 -1.86
CA ILE A 66 8.46 4.15 -1.11
C ILE A 66 7.69 4.90 -0.02
N ASP A 67 8.43 5.53 0.88
CA ASP A 67 7.84 6.23 2.02
C ASP A 67 6.98 7.38 1.54
N HIS A 68 7.38 8.01 0.44
CA HIS A 68 6.63 9.10 -0.14
C HIS A 68 5.26 8.60 -0.58
N ALA A 69 5.25 7.48 -1.30
CA ALA A 69 4.00 6.86 -1.76
C ALA A 69 3.10 6.54 -0.57
N LYS A 70 3.72 6.03 0.47
CA LYS A 70 3.05 5.74 1.74
C LYS A 70 2.25 6.94 2.23
N GLN A 71 2.85 8.13 2.08
CA GLN A 71 2.23 9.36 2.53
C GLN A 71 0.96 9.68 1.73
N LEU A 72 1.04 9.57 0.40
CA LEU A 72 -0.13 9.74 -0.45
C LEU A 72 -1.20 8.71 -0.09
N ILE A 73 -0.78 7.49 0.20
CA ILE A 73 -1.71 6.44 0.61
C ILE A 73 -2.39 6.83 1.92
N GLU A 74 -1.61 7.35 2.86
CA GLU A 74 -2.14 7.80 4.14
C GLU A 74 -2.98 9.07 4.00
N GLU A 75 -2.92 9.68 2.83
CA GLU A 75 -3.80 10.80 2.52
C GLU A 75 -5.11 10.28 1.92
N LYS A 76 -5.06 9.12 1.31
CA LYS A 76 -6.25 8.47 0.78
C LYS A 76 -7.09 7.93 1.93
N ILE A 77 -6.43 7.19 2.81
CA ILE A 77 -7.11 6.59 3.95
C ILE A 77 -7.19 7.57 5.11
N GLU A 78 -6.34 8.59 5.05
CA GLU A 78 -6.24 9.60 6.11
C GLU A 78 -6.03 8.92 7.46
N GLY A 79 -4.98 8.13 7.52
CA GLY A 79 -4.65 7.38 8.71
C GLY A 79 -3.28 6.77 8.60
N PRO A 80 -2.68 6.36 9.72
CA PRO A 80 -1.32 5.81 9.73
C PRO A 80 -1.26 4.38 9.18
N LEU A 81 -0.21 4.09 8.44
CA LEU A 81 0.02 2.74 7.95
C LEU A 81 1.15 2.07 8.71
N CYS A 82 0.88 0.87 9.19
CA CYS A 82 1.87 0.10 9.93
C CYS A 82 2.61 -0.85 9.00
N PRO A 83 3.95 -0.78 8.99
CA PRO A 83 4.78 -1.67 8.18
C PRO A 83 4.69 -3.13 8.63
N VAL A 84 4.56 -4.02 7.66
CA VAL A 84 4.43 -5.45 7.92
C VAL A 84 5.57 -6.19 7.23
N GLY A 85 6.06 -7.25 7.86
CA GLY A 85 7.11 -8.05 7.28
C GLY A 85 7.09 -9.48 7.78
#